data_1NWS
#
_entry.id   1NWS
#
_cell.length_a   128.220
_cell.length_b   128.220
_cell.length_c   109.235
_cell.angle_alpha   90.00
_cell.angle_beta   90.00
_cell.angle_gamma   90.00
#
_symmetry.space_group_name_H-M   'P 43'
#
loop_
_entity.id
_entity.type
_entity.pdbx_description
1 polymer 'Chitinase-3 like protein 1'
2 branched 2-acetamido-2-deoxy-beta-D-glucopyranose-(1-4)-2-acetamido-2-deoxy-beta-D-glucopyranose
3 branched 2-acetamido-2-deoxy-beta-D-glucopyranose-(1-4)-2-acetamido-2-deoxy-alpha-D-glucopyranose
4 water water
#
_entity_poly.entity_id   1
_entity_poly.type   'polypeptide(L)'
_entity_poly.pdbx_seq_one_letter_code
;YKLVCYYTSWSQYREGDGSCFPDALDRFLCTHIIYSFANISNDHIDTWEWNDVTLYGMLNTLKNRNPNLKTLLSVGGWNF
GSQRFSKIASNTQSRRTFIKSVPPFLRTHGFDGLDLAWLYPGRRDKQHFTTLIKEMKAEFIKEAQPGKKQLLLSAALSAG
KVTIDSSYDIAKISQHLDFISIMTYDFHGAWRGTTGHHSPLFRGQEDASPDRFSNTDYAVGYMLRLGAPASKLVMGIPTF
GRSFTLASSETGVGAPISGPGIPGRFTKEAGTLAYYEICDFLRGATVHRILGQQVPYATKGNQWVGYDDQESVKSKVQYL
KDRQLAGAMVWALDLDDFQGSFCGQDLRFPLTNAIKDALAAT
;
_entity_poly.pdbx_strand_id   A,B,C,D
#
loop_
_chem_comp.id
_chem_comp.type
_chem_comp.name
_chem_comp.formula
NAG D-saccharide, beta linking 2-acetamido-2-deoxy-beta-D-glucopyranose 'C8 H15 N O6'
NDG D-saccharide, alpha linking 2-acetamido-2-deoxy-alpha-D-glucopyranose 'C8 H15 N O6'
#
# COMPACT_ATOMS: atom_id res chain seq x y z
N TYR A 1 49.69 -14.56 -12.30
CA TYR A 1 50.24 -13.41 -11.52
C TYR A 1 49.31 -12.98 -10.38
N LYS A 2 49.83 -13.11 -9.16
CA LYS A 2 49.09 -12.71 -7.96
C LYS A 2 49.08 -11.17 -7.87
N LEU A 3 47.96 -10.63 -7.40
CA LEU A 3 47.85 -9.19 -7.22
C LEU A 3 47.35 -8.99 -5.80
N VAL A 4 48.29 -9.03 -4.86
CA VAL A 4 47.99 -8.87 -3.44
C VAL A 4 47.73 -7.42 -3.03
N CYS A 5 46.51 -7.15 -2.57
CA CYS A 5 46.15 -5.81 -2.15
C CYS A 5 45.83 -5.69 -0.68
N TYR A 6 46.37 -4.65 -0.07
CA TYR A 6 46.15 -4.38 1.35
C TYR A 6 45.03 -3.39 1.60
N TYR A 7 44.26 -3.66 2.65
CA TYR A 7 43.20 -2.78 3.10
C TYR A 7 43.52 -2.51 4.56
N THR A 8 43.50 -1.24 4.94
CA THR A 8 43.81 -0.88 6.31
C THR A 8 42.50 -0.50 7.01
N SER A 9 42.21 -1.19 8.11
CA SER A 9 41.00 -0.95 8.85
C SER A 9 40.89 0.48 9.35
N TRP A 10 42.00 1.14 9.61
CA TRP A 10 41.93 2.52 10.11
C TRP A 10 41.55 3.56 9.06
N SER A 11 41.47 3.14 7.80
CA SER A 11 41.10 4.09 6.75
C SER A 11 39.62 4.43 6.83
N GLN A 12 38.88 3.72 7.68
CA GLN A 12 37.45 3.97 7.85
C GLN A 12 37.17 5.34 8.50
N TYR A 13 38.08 5.78 9.36
CA TYR A 13 37.92 7.04 10.08
C TYR A 13 38.28 8.29 9.30
N ARG A 14 38.88 8.15 8.13
CA ARG A 14 39.27 9.32 7.34
C ARG A 14 38.04 10.18 7.03
N GLU A 15 38.17 11.50 7.18
CA GLU A 15 37.07 12.43 6.91
C GLU A 15 36.45 12.30 5.52
N GLY A 16 35.20 12.75 5.40
CA GLY A 16 34.50 12.73 4.13
C GLY A 16 34.74 11.56 3.19
N ASP A 17 34.97 11.87 1.92
CA ASP A 17 35.19 10.84 0.92
C ASP A 17 36.41 10.00 1.26
N GLY A 18 37.21 10.50 2.19
CA GLY A 18 38.40 9.77 2.59
C GLY A 18 38.03 8.44 3.22
N SER A 19 36.95 8.42 4.02
CA SER A 19 36.51 7.20 4.69
C SER A 19 36.41 6.03 3.72
N CYS A 20 37.05 4.92 4.08
CA CYS A 20 37.02 3.75 3.23
C CYS A 20 36.67 2.47 3.98
N PHE A 21 35.67 1.75 3.48
CA PHE A 21 35.23 0.51 4.08
C PHE A 21 35.36 -0.63 3.06
N PRO A 22 35.58 -1.86 3.54
CA PRO A 22 35.73 -3.02 2.68
C PRO A 22 34.70 -3.16 1.57
N ASP A 23 33.47 -2.75 1.84
CA ASP A 23 32.40 -2.86 0.85
C ASP A 23 32.58 -1.91 -0.34
N ALA A 24 33.51 -0.97 -0.23
CA ALA A 24 33.78 -0.02 -1.30
C ALA A 24 34.91 -0.53 -2.21
N LEU A 25 35.38 -1.74 -1.94
CA LEU A 25 36.46 -2.36 -2.70
C LEU A 25 35.93 -3.20 -3.85
N ASP A 26 36.64 -3.17 -4.98
CA ASP A 26 36.28 -3.93 -6.17
C ASP A 26 36.64 -5.42 -6.02
N ARG A 27 35.62 -6.28 -5.95
CA ARG A 27 35.85 -7.71 -5.79
C ARG A 27 36.67 -8.37 -6.90
N PHE A 28 36.68 -7.75 -8.08
CA PHE A 28 37.41 -8.31 -9.21
C PHE A 28 38.78 -7.67 -9.46
N LEU A 29 39.09 -6.60 -8.73
CA LEU A 29 40.35 -5.87 -8.89
C LEU A 29 41.60 -6.69 -8.57
N CYS A 30 41.65 -7.30 -7.38
CA CYS A 30 42.83 -8.07 -6.96
C CYS A 30 42.55 -9.57 -6.84
N THR A 31 43.62 -10.36 -6.72
CA THR A 31 43.47 -11.80 -6.57
C THR A 31 43.47 -12.13 -5.07
N HIS A 32 44.12 -11.28 -4.29
CA HIS A 32 44.20 -11.45 -2.84
C HIS A 32 43.98 -10.09 -2.17
N ILE A 33 43.21 -10.07 -1.09
CA ILE A 33 43.01 -8.82 -0.35
C ILE A 33 43.35 -9.10 1.09
N ILE A 34 44.26 -8.32 1.65
CA ILE A 34 44.69 -8.54 3.01
C ILE A 34 44.16 -7.47 3.96
N TYR A 35 43.54 -7.91 5.04
CA TYR A 35 42.97 -7.02 6.05
C TYR A 35 44.05 -6.70 7.07
N SER A 36 44.27 -5.42 7.35
CA SER A 36 45.29 -5.00 8.32
C SER A 36 44.71 -4.07 9.38
N PHE A 37 44.96 -4.35 10.65
CA PHE A 37 45.76 -5.49 11.11
C PHE A 37 44.98 -6.17 12.23
N ALA A 38 45.35 -7.41 12.51
CA ALA A 38 44.72 -8.16 13.60
C ALA A 38 45.71 -8.05 14.76
N ASN A 39 45.22 -8.01 15.98
CA ASN A 39 46.08 -7.91 17.15
C ASN A 39 46.37 -9.27 17.80
N ILE A 40 47.10 -9.26 18.91
CA ILE A 40 47.39 -10.48 19.65
C ILE A 40 47.26 -10.19 21.14
N SER A 41 46.26 -10.80 21.78
CA SER A 41 46.01 -10.62 23.23
C SER A 41 46.00 -11.97 23.92
N ASN A 42 46.71 -12.07 25.04
CA ASN A 42 46.80 -13.32 25.79
C ASN A 42 47.32 -14.40 24.85
N ASP A 43 48.24 -14.00 23.97
CA ASP A 43 48.83 -14.92 23.02
C ASP A 43 47.79 -15.58 22.11
N HIS A 44 46.75 -14.81 21.77
CA HIS A 44 45.68 -15.30 20.90
C HIS A 44 45.45 -14.27 19.79
N ILE A 45 45.27 -14.75 18.56
CA ILE A 45 44.98 -13.86 17.44
C ILE A 45 43.64 -13.22 17.84
N ASP A 46 43.53 -11.90 17.74
CA ASP A 46 42.30 -11.21 18.16
C ASP A 46 42.00 -9.95 17.34
N THR A 47 40.76 -9.46 17.37
CA THR A 47 40.42 -8.25 16.62
C THR A 47 41.17 -7.06 17.19
N TRP A 48 41.19 -5.97 16.43
CA TRP A 48 41.88 -4.76 16.83
C TRP A 48 40.90 -3.59 16.93
N GLU A 49 40.19 -3.36 15.85
CA GLU A 49 39.21 -2.29 15.83
C GLU A 49 37.87 -2.83 16.36
N TRP A 50 37.19 -2.01 17.15
CA TRP A 50 35.92 -2.38 17.75
C TRP A 50 34.93 -3.03 16.79
N ASN A 51 34.99 -2.66 15.52
CA ASN A 51 34.08 -3.21 14.53
C ASN A 51 34.71 -4.13 13.49
N ASP A 52 35.85 -4.73 13.83
CA ASP A 52 36.52 -5.63 12.89
C ASP A 52 35.61 -6.71 12.31
N VAL A 53 34.94 -7.46 13.20
CA VAL A 53 34.06 -8.53 12.75
C VAL A 53 33.12 -8.05 11.66
N THR A 54 32.49 -6.90 11.90
CA THR A 54 31.55 -6.35 10.93
C THR A 54 32.27 -6.14 9.61
N LEU A 55 33.44 -5.51 9.68
CA LEU A 55 34.22 -5.24 8.48
C LEU A 55 34.75 -6.52 7.84
N TYR A 56 35.02 -7.53 8.67
CA TYR A 56 35.50 -8.82 8.15
C TYR A 56 34.47 -9.36 7.17
N GLY A 57 33.22 -9.44 7.62
CA GLY A 57 32.16 -9.94 6.77
C GLY A 57 31.95 -9.05 5.56
N MET A 58 32.10 -7.74 5.76
CA MET A 58 31.94 -6.81 4.68
C MET A 58 32.97 -7.13 3.59
N LEU A 59 34.19 -7.46 4.03
CA LEU A 59 35.26 -7.81 3.12
C LEU A 59 35.05 -9.18 2.49
N ASN A 60 34.73 -10.17 3.31
CA ASN A 60 34.52 -11.52 2.82
C ASN A 60 33.28 -11.73 1.93
N THR A 61 32.33 -10.80 2.00
CA THR A 61 31.14 -10.90 1.17
C THR A 61 31.56 -10.78 -0.30
N LEU A 62 32.63 -10.02 -0.54
CA LEU A 62 33.14 -9.83 -1.88
C LEU A 62 33.44 -11.17 -2.55
N LYS A 63 33.67 -12.20 -1.74
CA LYS A 63 33.97 -13.52 -2.29
C LYS A 63 32.76 -14.26 -2.85
N ASN A 64 31.55 -13.79 -2.51
CA ASN A 64 30.34 -14.44 -3.01
C ASN A 64 30.29 -14.47 -4.52
N ARG A 65 30.31 -13.29 -5.14
CA ARG A 65 30.24 -13.22 -6.58
C ARG A 65 31.57 -13.58 -7.26
N ASN A 66 32.65 -13.62 -6.47
CA ASN A 66 33.97 -13.95 -7.00
C ASN A 66 34.64 -14.99 -6.13
N PRO A 67 34.46 -16.27 -6.46
CA PRO A 67 35.03 -17.41 -5.71
C PRO A 67 36.56 -17.47 -5.71
N ASN A 68 37.18 -16.95 -6.76
CA ASN A 68 38.63 -16.97 -6.87
C ASN A 68 39.32 -15.96 -5.96
N LEU A 69 38.62 -14.89 -5.60
CA LEU A 69 39.20 -13.89 -4.72
C LEU A 69 39.62 -14.58 -3.43
N LYS A 70 40.89 -14.45 -3.08
CA LYS A 70 41.40 -15.05 -1.85
C LYS A 70 41.51 -13.92 -0.82
N THR A 71 41.34 -14.24 0.46
CA THR A 71 41.39 -13.24 1.51
C THR A 71 42.31 -13.64 2.67
N LEU A 72 43.11 -12.70 3.17
CA LEU A 72 43.98 -13.00 4.30
C LEU A 72 43.89 -11.96 5.40
N LEU A 73 44.16 -12.38 6.62
CA LEU A 73 44.14 -11.45 7.74
C LEU A 73 45.61 -11.20 8.13
N SER A 74 45.99 -9.94 8.24
CA SER A 74 47.36 -9.59 8.57
C SER A 74 47.54 -9.24 10.02
N VAL A 75 48.42 -9.95 10.70
CA VAL A 75 48.66 -9.69 12.11
C VAL A 75 50.02 -9.03 12.33
N GLY A 76 50.02 -8.00 13.16
CA GLY A 76 51.22 -7.25 13.44
C GLY A 76 50.92 -5.78 13.24
N GLY A 77 51.62 -5.15 12.30
CA GLY A 77 51.39 -3.75 12.04
C GLY A 77 52.43 -2.88 12.72
N TRP A 78 52.35 -1.59 12.45
CA TRP A 78 53.28 -0.62 13.00
C TRP A 78 53.00 -0.30 14.46
N ASN A 79 51.73 -0.12 14.79
CA ASN A 79 51.37 0.19 16.16
C ASN A 79 51.37 -1.03 17.06
N PHE A 80 51.79 -2.17 16.52
CA PHE A 80 51.80 -3.38 17.34
C PHE A 80 52.86 -3.26 18.42
N GLY A 81 54.10 -3.11 17.98
CA GLY A 81 55.21 -3.00 18.91
C GLY A 81 56.04 -4.26 18.82
N SER A 82 57.04 -4.24 17.94
CA SER A 82 57.92 -5.39 17.72
C SER A 82 58.36 -6.01 19.04
N GLN A 83 58.28 -5.22 20.11
CA GLN A 83 58.66 -5.66 21.45
C GLN A 83 57.78 -6.83 21.84
N ARG A 84 56.47 -6.62 21.75
CA ARG A 84 55.51 -7.65 22.10
C ARG A 84 55.66 -8.83 21.16
N PHE A 85 55.64 -8.55 19.86
CA PHE A 85 55.76 -9.62 18.87
C PHE A 85 56.98 -10.49 19.14
N SER A 86 58.05 -9.87 19.62
CA SER A 86 59.28 -10.60 19.93
C SER A 86 59.03 -11.60 21.05
N LYS A 87 58.51 -11.13 22.18
CA LYS A 87 58.21 -11.98 23.32
C LYS A 87 57.34 -13.16 22.92
N ILE A 88 56.21 -12.85 22.28
CA ILE A 88 55.28 -13.89 21.84
C ILE A 88 55.99 -14.96 21.03
N ALA A 89 56.77 -14.54 20.04
CA ALA A 89 57.45 -15.51 19.19
C ALA A 89 58.62 -16.18 19.89
N SER A 90 59.25 -15.46 20.79
CA SER A 90 60.39 -15.95 21.55
C SER A 90 60.00 -17.03 22.56
N ASN A 91 58.94 -16.77 23.32
CA ASN A 91 58.46 -17.70 24.33
C ASN A 91 57.81 -18.92 23.65
N THR A 92 58.23 -20.11 24.06
CA THR A 92 57.70 -21.33 23.47
C THR A 92 56.20 -21.58 23.68
N GLN A 93 55.68 -21.23 24.86
CA GLN A 93 54.26 -21.42 25.14
C GLN A 93 53.44 -20.41 24.35
N SER A 94 53.83 -19.13 24.47
CA SER A 94 53.13 -18.07 23.77
C SER A 94 53.05 -18.38 22.28
N ARG A 95 54.17 -18.79 21.69
CA ARG A 95 54.19 -19.12 20.27
C ARG A 95 53.16 -20.19 19.94
N ARG A 96 53.15 -21.26 20.74
CA ARG A 96 52.21 -22.37 20.52
C ARG A 96 50.75 -21.91 20.63
N THR A 97 50.44 -21.19 21.71
CA THR A 97 49.09 -20.69 21.95
C THR A 97 48.62 -19.90 20.73
N PHE A 98 49.40 -18.90 20.37
CA PHE A 98 49.09 -18.03 19.24
C PHE A 98 48.90 -18.86 17.95
N ILE A 99 49.85 -19.70 17.62
CA ILE A 99 49.73 -20.50 16.42
C ILE A 99 48.45 -21.33 16.41
N LYS A 100 48.15 -21.96 17.55
CA LYS A 100 46.96 -22.81 17.66
C LYS A 100 45.67 -22.01 17.57
N SER A 101 45.72 -20.74 17.93
CA SER A 101 44.54 -19.89 17.90
C SER A 101 44.21 -19.33 16.53
N VAL A 102 45.15 -19.41 15.60
CA VAL A 102 44.92 -18.84 14.27
C VAL A 102 43.92 -19.56 13.36
N PRO A 103 44.12 -20.86 13.08
CA PRO A 103 43.18 -21.57 12.21
C PRO A 103 41.70 -21.40 12.61
N PRO A 104 41.38 -21.59 13.91
CA PRO A 104 39.98 -21.43 14.34
C PRO A 104 39.47 -20.04 13.96
N PHE A 105 40.13 -19.02 14.51
CA PHE A 105 39.79 -17.63 14.26
C PHE A 105 39.59 -17.34 12.76
N LEU A 106 40.45 -17.89 11.91
CA LEU A 106 40.34 -17.65 10.47
C LEU A 106 39.10 -18.28 9.83
N ARG A 107 38.85 -19.56 10.12
CA ARG A 107 37.69 -20.26 9.58
C ARG A 107 36.44 -19.60 10.14
N THR A 108 36.52 -19.21 11.42
CA THR A 108 35.40 -18.57 12.09
C THR A 108 34.97 -17.28 11.42
N HIS A 109 35.92 -16.50 10.91
CA HIS A 109 35.56 -15.25 10.28
C HIS A 109 35.62 -15.18 8.76
N GLY A 110 35.84 -16.33 8.13
CA GLY A 110 35.84 -16.40 6.69
C GLY A 110 37.11 -16.02 5.94
N PHE A 111 38.26 -16.20 6.57
CA PHE A 111 39.54 -15.87 5.92
C PHE A 111 40.16 -17.10 5.28
N ASP A 112 40.90 -16.89 4.19
CA ASP A 112 41.57 -17.98 3.50
C ASP A 112 43.00 -18.18 4.00
N GLY A 113 43.50 -17.22 4.76
CA GLY A 113 44.86 -17.33 5.28
C GLY A 113 45.31 -16.19 6.18
N LEU A 114 46.53 -16.33 6.68
CA LEU A 114 47.14 -15.36 7.57
C LEU A 114 48.35 -14.69 6.94
N ASP A 115 48.56 -13.43 7.29
CA ASP A 115 49.70 -12.67 6.78
C ASP A 115 50.47 -12.10 7.97
N LEU A 116 51.74 -12.49 8.08
CA LEU A 116 52.58 -12.01 9.17
C LEU A 116 53.16 -10.66 8.80
N ALA A 117 52.81 -9.66 9.59
CA ALA A 117 53.28 -8.30 9.38
C ALA A 117 54.03 -7.84 10.62
N TRP A 118 55.07 -8.57 10.98
CA TRP A 118 55.90 -8.24 12.14
C TRP A 118 56.82 -7.13 11.61
N LEU A 119 56.56 -5.89 12.01
CA LEU A 119 57.36 -4.77 11.51
C LEU A 119 58.12 -4.01 12.58
N TYR A 120 59.36 -4.40 12.86
CA TYR A 120 60.00 -5.51 12.18
C TYR A 120 60.80 -6.29 13.21
N PRO A 121 61.19 -7.52 12.88
CA PRO A 121 61.98 -8.30 13.84
C PRO A 121 63.31 -7.58 14.05
N GLY A 122 64.03 -7.96 15.10
CA GLY A 122 65.32 -7.35 15.39
C GLY A 122 66.38 -8.39 15.11
N ARG A 123 67.65 -8.03 15.27
CA ARG A 123 68.74 -8.98 15.03
C ARG A 123 68.59 -10.21 15.92
N ARG A 124 68.04 -9.97 17.11
CA ARG A 124 67.82 -11.03 18.10
C ARG A 124 66.66 -11.95 17.78
N ASP A 125 65.85 -11.63 16.77
CA ASP A 125 64.69 -12.47 16.45
C ASP A 125 64.82 -13.24 15.16
N LYS A 126 65.93 -13.06 14.45
CA LYS A 126 66.12 -13.74 13.16
C LYS A 126 65.66 -15.19 13.16
N GLN A 127 66.03 -15.93 14.20
CA GLN A 127 65.65 -17.33 14.30
C GLN A 127 64.23 -17.55 14.79
N HIS A 128 63.82 -16.79 15.80
CA HIS A 128 62.47 -16.90 16.31
C HIS A 128 61.48 -16.72 15.16
N PHE A 129 61.79 -15.74 14.30
CA PHE A 129 60.95 -15.43 13.14
C PHE A 129 60.89 -16.65 12.21
N THR A 130 62.01 -17.35 12.08
CA THR A 130 62.06 -18.54 11.23
C THR A 130 61.14 -19.61 11.86
N THR A 131 61.41 -19.92 13.13
CA THR A 131 60.64 -20.91 13.86
C THR A 131 59.15 -20.62 13.71
N LEU A 132 58.74 -19.39 14.00
CA LEU A 132 57.35 -18.99 13.92
C LEU A 132 56.72 -19.37 12.58
N ILE A 133 57.30 -18.86 11.49
CA ILE A 133 56.81 -19.13 10.16
C ILE A 133 56.75 -20.64 9.89
N LYS A 134 57.80 -21.35 10.30
CA LYS A 134 57.88 -22.80 10.13
C LYS A 134 56.73 -23.55 10.84
N GLU A 135 56.58 -23.29 12.13
CA GLU A 135 55.55 -23.93 12.92
C GLU A 135 54.14 -23.52 12.52
N MET A 136 53.96 -22.25 12.14
CA MET A 136 52.66 -21.74 11.73
C MET A 136 52.17 -22.48 10.49
N LYS A 137 53.10 -22.75 9.58
CA LYS A 137 52.75 -23.47 8.36
C LYS A 137 52.39 -24.91 8.74
N ALA A 138 53.17 -25.51 9.62
CA ALA A 138 52.92 -26.87 10.08
C ALA A 138 51.47 -27.01 10.50
N GLU A 139 51.04 -26.11 11.40
CA GLU A 139 49.69 -26.06 11.92
C GLU A 139 48.68 -25.99 10.79
N PHE A 140 48.85 -25.03 9.88
CA PHE A 140 47.93 -24.87 8.75
C PHE A 140 47.76 -26.19 8.00
N ILE A 141 48.88 -26.88 7.77
CA ILE A 141 48.89 -28.15 7.07
C ILE A 141 48.10 -29.20 7.85
N LYS A 142 48.36 -29.23 9.15
CA LYS A 142 47.69 -30.16 10.05
C LYS A 142 46.19 -29.90 9.95
N GLU A 143 45.77 -28.72 10.38
CA GLU A 143 44.37 -28.31 10.36
C GLU A 143 43.62 -28.68 9.08
N ALA A 144 44.31 -28.73 7.96
CA ALA A 144 43.65 -29.05 6.70
C ALA A 144 43.88 -30.50 6.28
N GLN A 145 44.81 -31.17 6.98
CA GLN A 145 45.17 -32.57 6.69
C GLN A 145 43.95 -33.42 6.34
N PRO A 146 42.89 -33.36 7.18
CA PRO A 146 41.68 -34.15 6.89
C PRO A 146 41.13 -33.97 5.48
N GLY A 147 41.32 -32.78 4.89
CA GLY A 147 40.84 -32.55 3.53
C GLY A 147 40.28 -31.17 3.19
N LYS A 148 40.58 -30.16 3.99
CA LYS A 148 40.07 -28.81 3.72
C LYS A 148 41.01 -28.08 2.78
N LYS A 149 40.60 -26.89 2.36
CA LYS A 149 41.44 -26.06 1.50
C LYS A 149 42.44 -25.41 2.49
N GLN A 150 43.71 -25.82 2.40
CA GLN A 150 44.74 -25.33 3.31
C GLN A 150 44.85 -23.80 3.41
N LEU A 151 44.94 -23.30 4.64
CA LEU A 151 45.05 -21.87 4.87
C LEU A 151 46.36 -21.33 4.32
N LEU A 152 46.32 -20.14 3.73
CA LEU A 152 47.50 -19.49 3.16
C LEU A 152 48.32 -18.78 4.23
N LEU A 153 49.63 -18.77 4.04
CA LEU A 153 50.54 -18.10 4.96
C LEU A 153 51.49 -17.22 4.19
N SER A 154 51.44 -15.92 4.43
CA SER A 154 52.30 -14.97 3.74
C SER A 154 52.93 -14.05 4.76
N ALA A 155 53.86 -13.21 4.32
CA ALA A 155 54.53 -12.28 5.20
C ALA A 155 54.95 -11.04 4.44
N ALA A 156 54.83 -9.89 5.08
CA ALA A 156 55.22 -8.62 4.48
C ALA A 156 56.63 -8.42 5.00
N LEU A 157 57.61 -8.30 4.10
CA LEU A 157 59.00 -8.12 4.54
C LEU A 157 59.61 -6.80 4.13
N SER A 158 60.53 -6.31 4.97
CA SER A 158 61.21 -5.05 4.70
C SER A 158 62.04 -5.16 3.44
N ALA A 159 62.13 -4.07 2.68
CA ALA A 159 62.93 -4.08 1.47
C ALA A 159 64.30 -3.43 1.75
N GLY A 160 64.49 -2.98 2.99
CA GLY A 160 65.74 -2.36 3.36
C GLY A 160 66.85 -3.37 3.62
N LYS A 161 67.98 -3.20 2.95
CA LYS A 161 69.10 -4.13 3.10
C LYS A 161 69.51 -4.34 4.56
N VAL A 162 69.67 -3.27 5.32
CA VAL A 162 70.05 -3.40 6.71
C VAL A 162 69.14 -4.40 7.43
N THR A 163 67.84 -4.17 7.35
CA THR A 163 66.89 -5.04 8.02
C THR A 163 66.91 -6.46 7.48
N ILE A 164 66.94 -6.63 6.16
CA ILE A 164 66.97 -7.96 5.58
C ILE A 164 68.17 -8.74 6.13
N ASP A 165 69.32 -8.10 6.26
CA ASP A 165 70.51 -8.77 6.75
C ASP A 165 70.39 -9.17 8.21
N SER A 166 69.87 -8.27 9.04
CA SER A 166 69.75 -8.53 10.46
C SER A 166 68.57 -9.38 10.91
N SER A 167 67.41 -9.21 10.27
CA SER A 167 66.23 -9.93 10.71
C SER A 167 65.68 -11.12 9.92
N TYR A 168 66.04 -11.24 8.65
CA TYR A 168 65.50 -12.34 7.85
C TYR A 168 66.49 -13.41 7.40
N ASP A 169 66.02 -14.65 7.41
CA ASP A 169 66.79 -15.77 6.91
C ASP A 169 65.98 -16.17 5.66
N ILE A 170 65.99 -15.29 4.68
CA ILE A 170 65.26 -15.46 3.44
C ILE A 170 65.19 -16.90 2.92
N ALA A 171 66.32 -17.57 2.79
CA ALA A 171 66.36 -18.94 2.27
C ALA A 171 65.44 -19.89 3.02
N LYS A 172 65.60 -19.95 4.34
CA LYS A 172 64.83 -20.80 5.21
C LYS A 172 63.32 -20.50 5.17
N ILE A 173 62.93 -19.26 5.47
CA ILE A 173 61.51 -18.91 5.49
C ILE A 173 60.80 -18.98 4.13
N SER A 174 61.55 -18.79 3.04
CA SER A 174 60.95 -18.85 1.72
C SER A 174 60.33 -20.21 1.42
N GLN A 175 60.81 -21.23 2.12
CA GLN A 175 60.28 -22.58 1.94
C GLN A 175 58.85 -22.70 2.49
N HIS A 176 58.68 -22.26 3.73
CA HIS A 176 57.40 -22.33 4.40
C HIS A 176 56.32 -21.34 3.97
N LEU A 177 56.70 -20.13 3.56
CA LEU A 177 55.73 -19.13 3.12
C LEU A 177 55.16 -19.47 1.74
N ASP A 178 53.91 -19.12 1.49
CA ASP A 178 53.29 -19.39 0.19
C ASP A 178 53.68 -18.25 -0.72
N PHE A 179 53.89 -17.09 -0.11
CA PHE A 179 54.32 -15.93 -0.86
C PHE A 179 54.79 -14.85 0.07
N ILE A 180 55.70 -14.02 -0.42
CA ILE A 180 56.29 -12.92 0.33
C ILE A 180 56.02 -11.60 -0.35
N SER A 181 55.62 -10.60 0.42
CA SER A 181 55.38 -9.28 -0.12
C SER A 181 56.54 -8.40 0.31
N ILE A 182 57.41 -8.03 -0.63
CA ILE A 182 58.55 -7.19 -0.33
C ILE A 182 58.15 -5.72 -0.42
N MET A 183 58.17 -5.07 0.74
CA MET A 183 57.76 -3.67 0.84
C MET A 183 58.75 -2.70 0.21
N THR A 184 58.80 -2.71 -1.10
CA THR A 184 59.71 -1.87 -1.87
C THR A 184 59.30 -0.41 -2.06
N TYR A 185 59.33 0.33 -0.96
CA TYR A 185 59.00 1.76 -0.91
C TYR A 185 59.53 2.25 0.43
N ASP A 186 59.32 3.53 0.75
CA ASP A 186 59.84 4.10 2.00
C ASP A 186 61.37 4.04 2.01
N PHE A 187 61.96 4.20 0.83
CA PHE A 187 63.40 4.15 0.71
C PHE A 187 64.08 5.46 1.10
N HIS A 188 63.31 6.55 1.14
CA HIS A 188 63.90 7.85 1.46
C HIS A 188 63.15 8.59 2.58
N GLY A 189 63.70 8.53 3.80
CA GLY A 189 63.07 9.21 4.91
C GLY A 189 63.27 10.72 4.83
N ALA A 190 62.31 11.48 5.35
CA ALA A 190 62.43 12.92 5.32
C ALA A 190 63.56 13.32 6.27
N TRP A 191 64.08 12.36 7.02
CA TRP A 191 65.16 12.68 7.94
C TRP A 191 66.47 12.91 7.17
N ARG A 192 66.58 12.27 6.01
CA ARG A 192 67.78 12.41 5.20
C ARG A 192 68.05 13.85 4.81
N GLY A 193 67.11 14.74 5.14
CA GLY A 193 67.30 16.16 4.85
C GLY A 193 67.33 16.61 3.41
N THR A 194 67.02 15.73 2.48
CA THR A 194 67.02 16.10 1.06
C THR A 194 65.83 15.44 0.39
N THR A 195 65.42 15.98 -0.74
CA THR A 195 64.30 15.39 -1.44
C THR A 195 64.80 14.09 -2.05
N GLY A 196 63.91 13.14 -2.23
CA GLY A 196 64.28 11.86 -2.82
C GLY A 196 63.05 11.00 -3.01
N HIS A 197 62.95 10.32 -4.14
CA HIS A 197 61.79 9.48 -4.39
C HIS A 197 61.86 8.27 -3.44
N HIS A 198 60.75 7.97 -2.78
CA HIS A 198 60.75 6.87 -1.84
C HIS A 198 60.51 5.50 -2.46
N SER A 199 60.22 5.46 -3.75
CA SER A 199 59.98 4.17 -4.39
C SER A 199 60.50 4.15 -5.82
N PRO A 200 61.81 4.33 -5.99
CA PRO A 200 62.37 4.32 -7.34
C PRO A 200 62.53 2.89 -7.83
N LEU A 201 62.43 2.70 -9.14
CA LEU A 201 62.57 1.37 -9.73
C LEU A 201 64.04 0.98 -9.70
N PHE A 202 64.89 1.84 -10.27
CA PHE A 202 66.34 1.59 -10.28
C PHE A 202 67.04 2.69 -9.48
N ARG A 203 68.34 2.54 -9.28
CA ARG A 203 69.10 3.54 -8.53
C ARG A 203 69.13 4.89 -9.22
N GLY A 204 69.32 4.89 -10.54
CA GLY A 204 69.37 6.15 -11.27
C GLY A 204 70.73 6.79 -11.19
N GLN A 205 70.80 8.09 -11.46
CA GLN A 205 72.07 8.83 -11.43
C GLN A 205 72.90 8.39 -10.24
N GLU A 206 73.99 7.69 -10.57
CA GLU A 206 74.91 7.13 -9.59
C GLU A 206 75.52 8.24 -8.76
N ASP A 207 75.53 9.43 -9.34
CA ASP A 207 76.11 10.60 -8.69
C ASP A 207 75.31 11.14 -7.51
N ALA A 208 73.99 11.14 -7.66
CA ALA A 208 73.06 11.69 -6.67
C ALA A 208 72.25 10.74 -5.80
N SER A 209 72.70 9.50 -5.64
CA SER A 209 71.93 8.59 -4.81
C SER A 209 72.54 8.59 -3.43
N PRO A 210 71.70 8.47 -2.41
CA PRO A 210 72.32 8.48 -1.08
C PRO A 210 72.94 7.10 -0.92
N ASP A 211 72.06 6.11 -0.97
CA ASP A 211 72.39 4.71 -0.79
C ASP A 211 72.51 4.00 -2.14
N ARG A 212 73.14 2.83 -2.14
CA ARG A 212 73.25 2.03 -3.35
C ARG A 212 72.19 0.92 -3.26
N PHE A 213 71.54 0.85 -2.10
CA PHE A 213 70.53 -0.17 -1.81
C PHE A 213 69.10 0.32 -1.72
N SER A 214 68.92 1.61 -1.55
CA SER A 214 67.58 2.15 -1.37
C SER A 214 66.75 2.32 -2.63
N ASN A 215 66.42 1.22 -3.28
CA ASN A 215 65.62 1.27 -4.49
C ASN A 215 65.00 -0.10 -4.74
N THR A 216 63.90 -0.13 -5.49
CA THR A 216 63.21 -1.38 -5.76
C THR A 216 64.09 -2.47 -6.37
N ASP A 217 64.66 -2.18 -7.54
CA ASP A 217 65.50 -3.15 -8.23
C ASP A 217 66.50 -3.87 -7.35
N TYR A 218 67.25 -3.11 -6.55
CA TYR A 218 68.23 -3.74 -5.68
C TYR A 218 67.60 -4.78 -4.72
N ALA A 219 66.57 -4.36 -4.01
CA ALA A 219 65.90 -5.24 -3.05
C ALA A 219 65.41 -6.53 -3.70
N VAL A 220 64.69 -6.40 -4.80
CA VAL A 220 64.19 -7.58 -5.49
C VAL A 220 65.33 -8.55 -5.78
N GLY A 221 66.35 -8.06 -6.48
CA GLY A 221 67.49 -8.89 -6.82
C GLY A 221 68.21 -9.44 -5.61
N TYR A 222 68.39 -8.63 -4.57
CA TYR A 222 69.09 -9.10 -3.38
C TYR A 222 68.36 -10.29 -2.79
N MET A 223 67.04 -10.14 -2.68
CA MET A 223 66.23 -11.18 -2.11
C MET A 223 66.28 -12.45 -2.97
N LEU A 224 66.15 -12.28 -4.29
CA LEU A 224 66.22 -13.42 -5.19
C LEU A 224 67.51 -14.16 -4.88
N ARG A 225 68.58 -13.40 -4.78
CA ARG A 225 69.88 -13.96 -4.50
C ARG A 225 69.94 -14.70 -3.19
N LEU A 226 69.34 -14.12 -2.16
CA LEU A 226 69.37 -14.74 -0.84
C LEU A 226 68.58 -16.04 -0.75
N GLY A 227 67.96 -16.46 -1.84
CA GLY A 227 67.22 -17.70 -1.82
C GLY A 227 65.71 -17.63 -1.94
N ALA A 228 65.17 -16.44 -2.13
CA ALA A 228 63.72 -16.33 -2.26
C ALA A 228 63.36 -16.68 -3.70
N PRO A 229 62.54 -17.72 -3.88
CA PRO A 229 62.12 -18.13 -5.23
C PRO A 229 61.31 -17.02 -5.88
N ALA A 230 61.58 -16.76 -7.16
CA ALA A 230 60.86 -15.71 -7.89
C ALA A 230 59.36 -15.97 -7.89
N SER A 231 58.99 -17.24 -7.98
CA SER A 231 57.60 -17.65 -8.02
C SER A 231 56.86 -17.34 -6.72
N LYS A 232 57.61 -17.12 -5.65
CA LYS A 232 57.03 -16.82 -4.35
C LYS A 232 57.24 -15.36 -3.94
N LEU A 233 57.73 -14.54 -4.86
CA LEU A 233 58.01 -13.15 -4.53
C LEU A 233 57.08 -12.14 -5.17
N VAL A 234 56.40 -11.37 -4.34
CA VAL A 234 55.48 -10.37 -4.81
C VAL A 234 56.09 -9.01 -4.52
N MET A 235 56.19 -8.19 -5.56
CA MET A 235 56.80 -6.86 -5.45
C MET A 235 55.81 -5.75 -5.08
N GLY A 236 56.06 -5.09 -3.95
CA GLY A 236 55.17 -4.03 -3.52
C GLY A 236 55.28 -2.74 -4.30
N ILE A 237 54.12 -2.15 -4.59
CA ILE A 237 54.03 -0.88 -5.31
C ILE A 237 53.15 0.00 -4.44
N PRO A 238 53.58 1.24 -4.16
CA PRO A 238 52.78 2.11 -3.32
C PRO A 238 51.77 2.98 -4.05
N THR A 239 50.59 3.16 -3.47
CA THR A 239 49.59 4.03 -4.06
C THR A 239 49.60 5.33 -3.29
N PHE A 240 50.71 5.58 -2.58
CA PHE A 240 50.85 6.81 -1.81
C PHE A 240 52.24 7.34 -2.09
N GLY A 241 52.46 8.62 -1.79
CA GLY A 241 53.77 9.19 -2.01
C GLY A 241 54.31 9.78 -0.72
N ARG A 242 55.63 9.97 -0.64
CA ARG A 242 56.24 10.58 0.52
C ARG A 242 56.51 12.03 0.16
N SER A 243 56.13 12.94 1.05
CA SER A 243 56.31 14.36 0.78
C SER A 243 57.37 15.06 1.62
N PHE A 244 57.79 16.23 1.14
CA PHE A 244 58.79 17.04 1.83
C PHE A 244 58.46 18.52 1.68
N THR A 245 58.97 19.31 2.60
CA THR A 245 58.78 20.76 2.52
C THR A 245 60.11 21.36 2.07
N LEU A 246 60.12 21.93 0.87
CA LEU A 246 61.32 22.53 0.30
C LEU A 246 61.84 23.68 1.15
N ALA A 247 63.16 23.88 1.16
CA ALA A 247 63.76 24.95 1.93
C ALA A 247 64.37 26.08 1.06
N SER A 248 64.38 25.88 -0.26
CA SER A 248 64.93 26.87 -1.18
C SER A 248 64.17 26.86 -2.49
N SER A 249 64.73 27.51 -3.51
CA SER A 249 64.10 27.55 -4.82
C SER A 249 64.44 26.29 -5.60
N GLU A 250 65.26 25.42 -5.03
CA GLU A 250 65.64 24.18 -5.69
C GLU A 250 64.54 23.15 -5.54
N THR A 251 64.13 22.54 -6.65
CA THR A 251 63.05 21.57 -6.64
C THR A 251 63.41 20.20 -7.24
N GLY A 252 64.69 19.98 -7.52
CA GLY A 252 65.09 18.71 -8.10
C GLY A 252 65.42 17.66 -7.06
N VAL A 253 65.83 16.48 -7.53
CA VAL A 253 66.19 15.41 -6.61
C VAL A 253 67.37 15.86 -5.76
N GLY A 254 67.29 15.61 -4.45
CA GLY A 254 68.39 15.98 -3.59
C GLY A 254 68.41 17.42 -3.11
N ALA A 255 67.35 18.18 -3.41
CA ALA A 255 67.27 19.56 -2.98
C ALA A 255 67.03 19.62 -1.46
N PRO A 256 67.37 20.74 -0.83
CA PRO A 256 67.23 20.98 0.62
C PRO A 256 65.78 21.02 1.09
N ILE A 257 65.51 20.38 2.23
CA ILE A 257 64.16 20.37 2.78
C ILE A 257 64.23 20.78 4.24
N SER A 258 63.13 21.25 4.78
CA SER A 258 63.08 21.64 6.18
C SER A 258 62.34 20.58 6.99
N GLY A 259 61.83 19.55 6.31
CA GLY A 259 61.12 18.49 6.99
C GLY A 259 60.07 17.86 6.10
N PRO A 260 59.20 17.00 6.65
CA PRO A 260 58.15 16.35 5.84
C PRO A 260 57.18 17.34 5.20
N GLY A 261 56.43 16.87 4.20
CA GLY A 261 55.49 17.75 3.53
C GLY A 261 54.25 18.02 4.37
N ILE A 262 53.46 19.01 3.96
CA ILE A 262 52.24 19.37 4.67
C ILE A 262 51.28 18.19 4.59
N PRO A 263 50.61 17.87 5.71
CA PRO A 263 49.67 16.75 5.75
C PRO A 263 48.60 16.81 4.67
N GLY A 264 48.17 15.64 4.22
CA GLY A 264 47.14 15.59 3.21
C GLY A 264 45.82 15.94 3.85
N ARG A 265 44.91 16.48 3.07
CA ARG A 265 43.59 16.87 3.59
C ARG A 265 42.84 15.70 4.24
N PHE A 266 42.97 14.50 3.68
CA PHE A 266 42.29 13.32 4.22
C PHE A 266 43.12 12.32 5.02
N THR A 267 44.42 12.22 4.75
CA THR A 267 45.24 11.26 5.49
C THR A 267 45.88 11.87 6.72
N LYS A 268 45.83 13.19 6.82
CA LYS A 268 46.36 13.91 7.97
C LYS A 268 47.61 13.32 8.59
N GLU A 269 48.72 13.39 7.88
CA GLU A 269 49.98 12.88 8.38
C GLU A 269 51.16 13.42 7.56
N ALA A 270 51.95 14.30 8.18
CA ALA A 270 53.10 14.89 7.51
C ALA A 270 53.96 13.86 6.80
N GLY A 271 54.37 14.19 5.58
CA GLY A 271 55.22 13.28 4.81
C GLY A 271 54.48 12.24 4.00
N THR A 272 53.15 12.24 4.08
CA THR A 272 52.36 11.27 3.34
C THR A 272 51.22 11.93 2.58
N LEU A 273 50.90 11.37 1.41
CA LEU A 273 49.79 11.85 0.59
C LEU A 273 49.26 10.64 -0.16
N ALA A 274 47.95 10.42 -0.09
CA ALA A 274 47.37 9.31 -0.81
C ALA A 274 47.35 9.72 -2.29
N TYR A 275 47.37 8.74 -3.18
CA TYR A 275 47.36 9.07 -4.59
C TYR A 275 46.23 10.02 -4.95
N TYR A 276 45.07 9.84 -4.32
CA TYR A 276 43.96 10.71 -4.63
C TYR A 276 44.23 12.13 -4.11
N GLU A 277 44.96 12.23 -3.00
CA GLU A 277 45.30 13.55 -2.48
C GLU A 277 46.30 14.19 -3.45
N ILE A 278 47.11 13.35 -4.06
CA ILE A 278 48.13 13.81 -5.01
C ILE A 278 47.45 14.36 -6.25
N CYS A 279 46.39 13.70 -6.69
CA CYS A 279 45.67 14.16 -7.88
C CYS A 279 45.22 15.60 -7.68
N ASP A 280 44.86 15.95 -6.45
CA ASP A 280 44.46 17.33 -6.19
C ASP A 280 45.71 18.17 -6.27
N PHE A 281 46.78 17.68 -5.64
CA PHE A 281 48.06 18.38 -5.61
C PHE A 281 48.56 18.69 -7.01
N LEU A 282 48.44 17.72 -7.91
CA LEU A 282 48.91 17.89 -9.29
C LEU A 282 48.31 19.08 -10.00
N ARG A 283 47.09 19.44 -9.64
CA ARG A 283 46.43 20.58 -10.26
C ARG A 283 47.25 21.84 -9.99
N GLY A 284 47.91 22.32 -11.03
CA GLY A 284 48.72 23.52 -10.91
C GLY A 284 50.15 23.20 -10.51
N ALA A 285 50.47 21.92 -10.41
CA ALA A 285 51.81 21.49 -10.03
C ALA A 285 52.60 21.11 -11.25
N THR A 286 53.86 20.75 -11.04
CA THR A 286 54.71 20.35 -12.14
C THR A 286 55.30 18.97 -11.89
N VAL A 287 55.05 18.05 -12.83
CA VAL A 287 55.53 16.70 -12.72
C VAL A 287 56.85 16.49 -13.48
N HIS A 288 57.80 15.84 -12.82
CA HIS A 288 59.09 15.55 -13.40
C HIS A 288 59.36 14.07 -13.39
N ARG A 289 59.64 13.53 -14.56
CA ARG A 289 59.94 12.11 -14.69
C ARG A 289 61.41 11.97 -14.34
N ILE A 290 61.72 11.21 -13.28
CA ILE A 290 63.10 11.03 -12.89
C ILE A 290 63.79 9.99 -13.76
N LEU A 291 64.56 10.45 -14.74
CA LEU A 291 65.29 9.55 -15.63
C LEU A 291 66.16 8.64 -14.80
N GLY A 292 66.19 7.37 -15.14
CA GLY A 292 67.04 6.47 -14.39
C GLY A 292 66.32 5.73 -13.28
N GLN A 293 65.33 6.39 -12.68
CA GLN A 293 64.58 5.77 -11.61
C GLN A 293 63.20 5.30 -12.10
N GLN A 294 62.78 5.83 -13.25
CA GLN A 294 61.50 5.45 -13.86
C GLN A 294 60.26 5.86 -13.06
N VAL A 295 60.43 6.77 -12.11
CA VAL A 295 59.31 7.21 -11.29
C VAL A 295 59.19 8.72 -11.33
N PRO A 296 57.99 9.25 -11.07
CA PRO A 296 57.79 10.70 -11.08
C PRO A 296 57.70 11.35 -9.72
N TYR A 297 57.97 12.65 -9.70
CA TYR A 297 57.84 13.42 -8.46
C TYR A 297 57.15 14.69 -8.93
N ALA A 298 56.36 15.29 -8.04
CA ALA A 298 55.65 16.50 -8.42
C ALA A 298 56.01 17.57 -7.41
N THR A 299 56.07 18.81 -7.87
CA THR A 299 56.39 19.89 -6.96
C THR A 299 55.55 21.10 -7.31
N LYS A 300 55.16 21.83 -6.29
CA LYS A 300 54.32 23.01 -6.45
C LYS A 300 54.57 23.81 -5.18
N GLY A 301 54.94 25.06 -5.33
CA GLY A 301 55.22 25.88 -4.16
C GLY A 301 56.35 25.23 -3.39
N ASN A 302 56.23 25.22 -2.05
CA ASN A 302 57.27 24.65 -1.22
C ASN A 302 57.03 23.18 -0.85
N GLN A 303 56.25 22.50 -1.67
CA GLN A 303 55.94 21.08 -1.45
C GLN A 303 56.56 20.22 -2.55
N TRP A 304 57.02 19.04 -2.16
CA TRP A 304 57.67 18.10 -3.07
C TRP A 304 57.15 16.71 -2.70
N VAL A 305 56.68 15.95 -3.68
CA VAL A 305 56.20 14.60 -3.38
C VAL A 305 56.60 13.59 -4.43
N GLY A 306 57.22 12.50 -3.97
CA GLY A 306 57.63 11.42 -4.85
C GLY A 306 56.54 10.36 -4.76
N TYR A 307 56.06 9.88 -5.91
CA TYR A 307 55.00 8.90 -5.90
C TYR A 307 55.01 8.05 -7.16
N ASP A 308 53.99 7.23 -7.31
CA ASP A 308 53.82 6.36 -8.48
C ASP A 308 52.53 6.72 -9.21
N ASP A 309 52.52 6.52 -10.52
CA ASP A 309 51.32 6.77 -11.32
C ASP A 309 51.19 5.70 -12.40
N GLN A 310 50.13 5.78 -13.20
CA GLN A 310 49.92 4.77 -14.22
C GLN A 310 51.18 4.38 -14.96
N GLU A 311 51.89 5.38 -15.47
CA GLU A 311 53.09 5.12 -16.23
C GLU A 311 54.15 4.38 -15.42
N SER A 312 54.43 4.86 -14.22
CA SER A 312 55.46 4.20 -13.42
C SER A 312 55.08 2.79 -12.94
N VAL A 313 53.82 2.59 -12.52
CA VAL A 313 53.45 1.26 -12.08
C VAL A 313 53.53 0.30 -13.25
N LYS A 314 53.21 0.78 -14.44
CA LYS A 314 53.28 -0.04 -15.63
C LYS A 314 54.73 -0.54 -15.81
N SER A 315 55.69 0.38 -15.72
CA SER A 315 57.10 0.04 -15.83
C SER A 315 57.47 -0.96 -14.78
N LYS A 316 56.97 -0.75 -13.57
CA LYS A 316 57.29 -1.65 -12.46
C LYS A 316 56.72 -3.05 -12.68
N VAL A 317 55.54 -3.14 -13.27
CA VAL A 317 54.98 -4.44 -13.53
C VAL A 317 55.85 -5.07 -14.60
N GLN A 318 56.18 -4.28 -15.61
CA GLN A 318 57.04 -4.72 -16.71
C GLN A 318 58.28 -5.37 -16.10
N TYR A 319 58.90 -4.64 -15.19
CA TYR A 319 60.11 -5.10 -14.51
C TYR A 319 59.92 -6.44 -13.82
N LEU A 320 58.88 -6.57 -13.01
CA LEU A 320 58.65 -7.81 -12.27
C LEU A 320 58.36 -9.00 -13.18
N LYS A 321 57.60 -8.77 -14.25
CA LYS A 321 57.30 -9.85 -15.15
C LYS A 321 58.61 -10.29 -15.77
N ASP A 322 59.42 -9.32 -16.20
CA ASP A 322 60.71 -9.63 -16.80
C ASP A 322 61.59 -10.36 -15.81
N ARG A 323 61.23 -10.27 -14.52
CA ARG A 323 62.00 -10.94 -13.47
C ARG A 323 61.32 -12.25 -13.09
N GLN A 324 60.16 -12.49 -13.68
CA GLN A 324 59.40 -13.71 -13.43
C GLN A 324 59.02 -13.85 -11.96
N LEU A 325 58.39 -12.81 -11.42
CA LEU A 325 57.97 -12.80 -10.03
C LEU A 325 56.51 -13.23 -9.92
N ALA A 326 56.10 -13.61 -8.72
CA ALA A 326 54.73 -14.06 -8.48
C ALA A 326 53.68 -13.00 -8.84
N GLY A 327 54.05 -11.73 -8.72
CA GLY A 327 53.13 -10.66 -9.02
C GLY A 327 53.45 -9.38 -8.27
N ALA A 328 52.46 -8.50 -8.19
CA ALA A 328 52.63 -7.22 -7.52
C ALA A 328 51.79 -7.13 -6.24
N MET A 329 52.29 -6.37 -5.26
CA MET A 329 51.57 -6.16 -4.01
C MET A 329 51.29 -4.67 -3.97
N VAL A 330 50.09 -4.30 -3.54
CA VAL A 330 49.70 -2.91 -3.48
C VAL A 330 49.40 -2.42 -2.07
N TRP A 331 49.97 -1.27 -1.74
CA TRP A 331 49.74 -0.67 -0.43
C TRP A 331 49.40 0.80 -0.63
N ALA A 332 48.13 1.17 -0.45
CA ALA A 332 47.06 0.25 -0.08
C ALA A 332 45.81 0.65 -0.86
N LEU A 333 44.81 -0.23 -0.90
CA LEU A 333 43.60 0.06 -1.64
C LEU A 333 42.92 1.34 -1.21
N ASP A 334 43.03 1.69 0.06
CA ASP A 334 42.38 2.89 0.55
C ASP A 334 43.18 4.17 0.26
N LEU A 335 44.35 4.02 -0.37
CA LEU A 335 45.17 5.18 -0.70
C LEU A 335 45.10 5.49 -2.19
N ASP A 336 44.58 4.54 -2.95
CA ASP A 336 44.40 4.71 -4.39
C ASP A 336 43.10 5.53 -4.51
N ASP A 337 42.83 6.13 -5.66
CA ASP A 337 41.60 6.89 -5.84
C ASP A 337 40.46 5.86 -5.89
N PHE A 338 39.99 5.41 -4.72
CA PHE A 338 38.94 4.40 -4.67
C PHE A 338 37.54 4.94 -4.94
N GLN A 339 37.39 6.26 -4.88
CA GLN A 339 36.10 6.89 -5.18
C GLN A 339 36.07 7.11 -6.68
N GLY A 340 37.24 7.37 -7.26
CA GLY A 340 37.35 7.60 -8.69
C GLY A 340 36.95 9.02 -9.00
N SER A 341 36.72 9.79 -7.94
CA SER A 341 36.30 11.16 -8.06
C SER A 341 37.42 12.19 -8.11
N PHE A 342 38.55 11.89 -7.49
CA PHE A 342 39.66 12.84 -7.44
C PHE A 342 40.53 13.01 -8.68
N CYS A 343 40.90 11.89 -9.30
CA CYS A 343 41.78 11.96 -10.46
C CYS A 343 41.04 12.12 -11.77
N GLY A 344 39.74 12.42 -11.68
CA GLY A 344 38.93 12.56 -12.88
C GLY A 344 38.73 11.21 -13.53
N GLN A 345 38.19 11.21 -14.76
CA GLN A 345 37.95 9.97 -15.51
C GLN A 345 36.91 9.13 -14.79
N ASP A 346 36.57 9.52 -13.57
CA ASP A 346 35.61 8.79 -12.76
C ASP A 346 36.06 7.35 -12.55
N LEU A 347 37.17 6.98 -13.18
CA LEU A 347 37.72 5.64 -13.07
C LEU A 347 38.14 5.36 -11.63
N ARG A 348 37.75 4.20 -11.11
CA ARG A 348 38.08 3.81 -9.74
C ARG A 348 39.37 3.02 -9.68
N PHE A 349 40.10 3.17 -8.57
CA PHE A 349 41.36 2.47 -8.37
C PHE A 349 42.29 2.58 -9.59
N PRO A 350 42.54 3.81 -10.07
CA PRO A 350 43.41 4.04 -11.24
C PRO A 350 44.78 3.35 -11.18
N LEU A 351 45.49 3.49 -10.06
CA LEU A 351 46.80 2.85 -9.97
C LEU A 351 46.69 1.34 -9.95
N THR A 352 45.83 0.81 -9.09
CA THR A 352 45.66 -0.63 -8.98
C THR A 352 45.17 -1.24 -10.28
N ASN A 353 44.18 -0.61 -10.90
CA ASN A 353 43.67 -1.13 -12.16
C ASN A 353 44.79 -1.09 -13.20
N ALA A 354 45.60 -0.05 -13.15
CA ALA A 354 46.71 0.07 -14.08
C ALA A 354 47.63 -1.14 -13.91
N ILE A 355 47.92 -1.48 -12.65
CA ILE A 355 48.78 -2.61 -12.34
C ILE A 355 48.17 -3.91 -12.85
N LYS A 356 46.88 -4.07 -12.61
CA LYS A 356 46.17 -5.27 -13.03
C LYS A 356 46.21 -5.42 -14.54
N ASP A 357 46.02 -4.29 -15.25
CA ASP A 357 46.04 -4.33 -16.70
C ASP A 357 47.40 -4.76 -17.21
N ALA A 358 48.46 -4.12 -16.70
CA ALA A 358 49.82 -4.43 -17.10
C ALA A 358 50.14 -5.89 -16.90
N LEU A 359 49.66 -6.46 -15.80
CA LEU A 359 49.92 -7.88 -15.50
C LEU A 359 49.32 -8.82 -16.54
N ALA A 360 48.14 -8.48 -17.06
CA ALA A 360 47.47 -9.31 -18.05
C ALA A 360 47.99 -9.03 -19.47
N ALA A 361 48.55 -7.84 -19.67
CA ALA A 361 49.07 -7.43 -20.97
C ALA A 361 50.16 -8.35 -21.53
N THR A 362 50.43 -8.16 -22.82
CA THR A 362 51.45 -8.93 -23.55
C THR A 362 51.12 -10.42 -23.63
N TYR B 1 15.02 -9.73 -36.28
CA TYR B 1 13.69 -10.22 -35.81
C TYR B 1 13.15 -9.43 -34.62
N LYS B 2 11.99 -8.80 -34.83
CA LYS B 2 11.32 -8.03 -33.78
C LYS B 2 10.66 -8.99 -32.78
N LEU B 3 10.69 -8.63 -31.50
CA LEU B 3 10.05 -9.44 -30.48
C LEU B 3 9.16 -8.49 -29.69
N VAL B 4 7.98 -8.24 -30.22
CA VAL B 4 7.00 -7.34 -29.62
C VAL B 4 6.26 -7.96 -28.42
N CYS B 5 6.45 -7.36 -27.25
CA CYS B 5 5.82 -7.86 -26.05
C CYS B 5 4.81 -6.90 -25.44
N TYR B 6 3.67 -7.43 -25.05
CA TYR B 6 2.61 -6.63 -24.45
C TYR B 6 2.62 -6.70 -22.92
N TYR B 7 2.33 -5.56 -22.31
CA TYR B 7 2.23 -5.47 -20.87
C TYR B 7 0.85 -4.86 -20.67
N THR B 8 0.08 -5.46 -19.76
CA THR B 8 -1.26 -4.97 -19.49
C THR B 8 -1.23 -4.26 -18.13
N SER B 9 -1.64 -3.00 -18.12
CA SER B 9 -1.65 -2.22 -16.90
C SER B 9 -2.54 -2.82 -15.81
N TRP B 10 -3.57 -3.56 -16.19
CA TRP B 10 -4.45 -4.13 -15.18
C TRP B 10 -3.86 -5.34 -14.47
N SER B 11 -2.70 -5.82 -14.92
CA SER B 11 -2.08 -6.95 -14.26
C SER B 11 -1.50 -6.55 -12.89
N GLN B 12 -1.47 -5.25 -12.61
CA GLN B 12 -0.94 -4.75 -11.35
C GLN B 12 -1.81 -5.14 -10.16
N TYR B 13 -3.11 -5.26 -10.39
CA TYR B 13 -4.07 -5.61 -9.33
C TYR B 13 -4.17 -7.09 -8.97
N ARG B 14 -3.55 -7.96 -9.76
CA ARG B 14 -3.60 -9.39 -9.47
C ARG B 14 -3.06 -9.66 -8.06
N GLU B 15 -3.75 -10.52 -7.31
CA GLU B 15 -3.33 -10.88 -5.96
C GLU B 15 -1.91 -11.42 -5.84
N GLY B 16 -1.34 -11.30 -4.65
CA GLY B 16 0.00 -11.80 -4.38
C GLY B 16 1.04 -11.70 -5.48
N ASP B 17 1.76 -12.80 -5.71
CA ASP B 17 2.79 -12.82 -6.75
C ASP B 17 2.22 -12.52 -8.12
N GLY B 18 0.89 -12.59 -8.22
CA GLY B 18 0.23 -12.29 -9.47
C GLY B 18 0.46 -10.86 -9.91
N SER B 19 0.47 -9.94 -8.95
CA SER B 19 0.67 -8.52 -9.25
C SER B 19 1.92 -8.30 -10.10
N CYS B 20 1.74 -7.59 -11.22
CA CYS B 20 2.87 -7.33 -12.11
C CYS B 20 2.97 -5.86 -12.49
N PHE B 21 4.17 -5.30 -12.30
CA PHE B 21 4.42 -3.91 -12.63
C PHE B 21 5.57 -3.84 -13.65
N PRO B 22 5.58 -2.80 -14.49
CA PRO B 22 6.61 -2.60 -15.51
C PRO B 22 8.04 -2.79 -15.05
N ASP B 23 8.33 -2.43 -13.80
CA ASP B 23 9.67 -2.55 -13.26
C ASP B 23 10.11 -4.00 -13.03
N ALA B 24 9.16 -4.94 -13.12
CA ALA B 24 9.45 -6.36 -12.93
C ALA B 24 9.74 -7.03 -14.30
N LEU B 25 9.76 -6.22 -15.36
CA LEU B 25 10.01 -6.70 -16.72
C LEU B 25 11.49 -6.64 -17.08
N ASP B 26 11.93 -7.65 -17.82
CA ASP B 26 13.32 -7.74 -18.27
C ASP B 26 13.60 -6.80 -19.45
N ARG B 27 14.42 -5.78 -19.22
CA ARG B 27 14.75 -4.79 -20.25
C ARG B 27 15.41 -5.37 -21.50
N PHE B 28 16.05 -6.53 -21.36
CA PHE B 28 16.73 -7.16 -22.49
C PHE B 28 15.94 -8.28 -23.17
N LEU B 29 14.81 -8.66 -22.57
CA LEU B 29 13.97 -9.74 -23.10
C LEU B 29 13.37 -9.51 -24.49
N CYS B 30 12.71 -8.37 -24.67
CA CYS B 30 12.07 -8.04 -25.95
C CYS B 30 12.70 -6.86 -26.66
N THR B 31 12.35 -6.67 -27.93
CA THR B 31 12.89 -5.55 -28.68
C THR B 31 11.89 -4.39 -28.60
N HIS B 32 10.63 -4.72 -28.38
CA HIS B 32 9.58 -3.72 -28.27
C HIS B 32 8.67 -4.13 -27.12
N ILE B 33 8.24 -3.16 -26.30
CA ILE B 33 7.31 -3.46 -25.23
C ILE B 33 6.15 -2.50 -25.40
N ILE B 34 4.94 -3.04 -25.46
CA ILE B 34 3.75 -2.21 -25.63
C ILE B 34 2.90 -2.14 -24.38
N TYR B 35 2.59 -0.91 -23.96
CA TYR B 35 1.78 -0.66 -22.78
C TYR B 35 0.30 -0.66 -23.16
N SER B 36 -0.51 -1.45 -22.47
CA SER B 36 -1.94 -1.54 -22.77
C SER B 36 -2.79 -1.27 -21.53
N PHE B 37 -3.79 -0.38 -21.65
CA PHE B 37 -4.09 0.36 -22.87
C PHE B 37 -4.25 1.83 -22.50
N ALA B 38 -4.18 2.71 -23.49
CA ALA B 38 -4.38 4.13 -23.27
C ALA B 38 -5.82 4.39 -23.72
N ASN B 39 -6.50 5.33 -23.07
CA ASN B 39 -7.88 5.65 -23.42
C ASN B 39 -7.98 6.85 -24.34
N ILE B 40 -9.20 7.25 -24.69
CA ILE B 40 -9.45 8.42 -25.52
C ILE B 40 -10.62 9.21 -24.93
N SER B 41 -10.34 10.42 -24.45
CA SER B 41 -11.36 11.31 -23.84
C SER B 41 -11.34 12.66 -24.55
N ASN B 42 -12.53 13.13 -24.92
CA ASN B 42 -12.65 14.40 -25.62
C ASN B 42 -11.80 14.33 -26.87
N ASP B 43 -11.78 13.16 -27.50
CA ASP B 43 -11.02 12.95 -28.71
C ASP B 43 -9.52 13.23 -28.53
N HIS B 44 -9.02 12.93 -27.33
CA HIS B 44 -7.60 13.13 -27.01
C HIS B 44 -7.03 11.84 -26.42
N ILE B 45 -5.82 11.48 -26.82
CA ILE B 45 -5.18 10.29 -26.27
C ILE B 45 -5.02 10.63 -24.78
N ASP B 46 -5.41 9.72 -23.89
CA ASP B 46 -5.35 10.00 -22.45
C ASP B 46 -5.07 8.75 -21.60
N THR B 47 -4.63 8.93 -20.36
CA THR B 47 -4.35 7.79 -19.50
C THR B 47 -5.64 7.04 -19.19
N TRP B 48 -5.51 5.83 -18.66
CA TRP B 48 -6.67 4.99 -18.34
C TRP B 48 -6.66 4.67 -16.86
N GLU B 49 -5.56 4.11 -16.39
CA GLU B 49 -5.43 3.75 -14.99
C GLU B 49 -4.92 4.97 -14.22
N TRP B 50 -5.49 5.19 -13.03
CA TRP B 50 -5.12 6.32 -12.19
C TRP B 50 -3.60 6.55 -12.06
N ASN B 51 -2.83 5.47 -12.14
CA ASN B 51 -1.39 5.58 -11.98
C ASN B 51 -0.58 5.29 -13.25
N ASP B 52 -1.20 5.47 -14.41
CA ASP B 52 -0.50 5.22 -15.67
C ASP B 52 0.84 5.95 -15.77
N VAL B 53 0.83 7.26 -15.58
CA VAL B 53 2.05 8.05 -15.68
C VAL B 53 3.18 7.42 -14.89
N THR B 54 2.89 7.07 -13.64
CA THR B 54 3.91 6.45 -12.78
C THR B 54 4.43 5.18 -13.45
N LEU B 55 3.52 4.34 -13.92
CA LEU B 55 3.91 3.10 -14.57
C LEU B 55 4.61 3.37 -15.90
N TYR B 56 4.23 4.45 -16.58
CA TYR B 56 4.85 4.82 -17.85
C TYR B 56 6.36 4.96 -17.63
N GLY B 57 6.71 5.79 -16.65
CA GLY B 57 8.11 6.01 -16.33
C GLY B 57 8.79 4.74 -15.87
N MET B 58 8.05 3.93 -15.13
CA MET B 58 8.58 2.68 -14.63
C MET B 58 8.97 1.83 -15.84
N LEU B 59 8.12 1.84 -16.86
CA LEU B 59 8.38 1.07 -18.07
C LEU B 59 9.52 1.68 -18.90
N ASN B 60 9.46 2.99 -19.11
CA ASN B 60 10.47 3.67 -19.91
C ASN B 60 11.87 3.74 -19.29
N THR B 61 11.96 3.54 -17.97
CA THR B 61 13.26 3.55 -17.30
C THR B 61 14.10 2.39 -17.83
N LEU B 62 13.41 1.32 -18.21
CA LEU B 62 14.06 0.13 -18.75
C LEU B 62 14.93 0.48 -19.96
N LYS B 63 14.61 1.60 -20.61
CA LYS B 63 15.38 2.03 -21.79
C LYS B 63 16.73 2.66 -21.45
N ASN B 64 16.93 3.03 -20.18
CA ASN B 64 18.19 3.63 -19.77
C ASN B 64 19.38 2.74 -20.06
N ARG B 65 19.38 1.56 -19.46
CA ARG B 65 20.48 0.64 -19.65
C ARG B 65 20.42 -0.06 -21.01
N ASN B 66 19.28 0.01 -21.69
CA ASN B 66 19.10 -0.62 -23.00
C ASN B 66 18.48 0.37 -23.98
N PRO B 67 19.32 1.10 -24.72
CA PRO B 67 18.91 2.10 -25.70
C PRO B 67 18.11 1.53 -26.89
N ASN B 68 18.39 0.29 -27.24
CA ASN B 68 17.71 -0.36 -28.36
C ASN B 68 16.25 -0.72 -28.08
N LEU B 69 15.94 -0.97 -26.82
CA LEU B 69 14.58 -1.31 -26.44
C LEU B 69 13.65 -0.20 -26.92
N LYS B 70 12.66 -0.55 -27.72
CA LYS B 70 11.71 0.42 -28.23
C LYS B 70 10.44 0.26 -27.40
N THR B 71 9.70 1.34 -27.23
CA THR B 71 8.47 1.31 -26.42
C THR B 71 7.28 1.95 -27.12
N LEU B 72 6.12 1.32 -27.02
CA LEU B 72 4.92 1.86 -27.65
C LEU B 72 3.73 1.88 -26.70
N LEU B 73 2.82 2.81 -26.93
CA LEU B 73 1.61 2.91 -26.10
C LEU B 73 0.46 2.41 -26.97
N SER B 74 -0.31 1.46 -26.45
CA SER B 74 -1.43 0.90 -27.19
C SER B 74 -2.75 1.51 -26.79
N VAL B 75 -3.45 2.07 -27.77
CA VAL B 75 -4.75 2.68 -27.50
C VAL B 75 -5.87 1.81 -28.05
N GLY B 76 -6.91 1.65 -27.24
CA GLY B 76 -8.04 0.84 -27.62
C GLY B 76 -8.29 -0.16 -26.51
N GLY B 77 -8.20 -1.44 -26.82
CA GLY B 77 -8.43 -2.45 -25.81
C GLY B 77 -9.84 -3.01 -25.92
N TRP B 78 -10.11 -4.02 -25.10
CA TRP B 78 -11.41 -4.69 -25.10
C TRP B 78 -12.49 -3.88 -24.40
N ASN B 79 -12.14 -3.29 -23.26
CA ASN B 79 -13.10 -2.50 -22.51
C ASN B 79 -13.30 -1.11 -23.09
N PHE B 80 -12.67 -0.84 -24.22
CA PHE B 80 -12.82 0.48 -24.83
C PHE B 80 -14.24 0.64 -25.34
N GLY B 81 -14.62 -0.24 -26.25
CA GLY B 81 -15.94 -0.17 -26.84
C GLY B 81 -15.81 0.30 -28.26
N SER B 82 -15.70 -0.66 -29.18
CA SER B 82 -15.56 -0.37 -30.61
C SER B 82 -16.55 0.70 -31.07
N GLN B 83 -17.62 0.86 -30.30
CA GLN B 83 -18.65 1.85 -30.60
C GLN B 83 -18.02 3.24 -30.59
N ARG B 84 -17.34 3.56 -29.49
CA ARG B 84 -16.69 4.85 -29.35
C ARG B 84 -15.59 5.00 -30.39
N PHE B 85 -14.72 4.00 -30.46
CA PHE B 85 -13.61 4.05 -31.42
C PHE B 85 -14.12 4.32 -32.83
N SER B 86 -15.30 3.79 -33.14
CA SER B 86 -15.90 3.99 -34.46
C SER B 86 -16.21 5.47 -34.69
N LYS B 87 -16.98 6.05 -33.77
CA LYS B 87 -17.35 7.46 -33.85
C LYS B 87 -16.13 8.34 -34.02
N ILE B 88 -15.18 8.20 -33.10
CA ILE B 88 -13.94 8.97 -33.15
C ILE B 88 -13.28 8.91 -34.52
N ALA B 89 -13.10 7.70 -35.05
CA ALA B 89 -12.45 7.55 -36.35
C ALA B 89 -13.34 7.99 -37.50
N SER B 90 -14.64 7.78 -37.33
CA SER B 90 -15.62 8.13 -38.35
C SER B 90 -15.75 9.65 -38.54
N ASN B 91 -15.88 10.38 -37.41
CA ASN B 91 -15.99 11.84 -37.42
C ASN B 91 -14.68 12.49 -37.82
N THR B 92 -14.74 13.38 -38.82
CA THR B 92 -13.54 14.05 -39.32
C THR B 92 -12.80 14.93 -38.30
N GLN B 93 -13.55 15.63 -37.44
CA GLN B 93 -12.92 16.50 -36.45
C GLN B 93 -12.31 15.64 -35.36
N SER B 94 -13.10 14.72 -34.83
CA SER B 94 -12.62 13.83 -33.77
C SER B 94 -11.33 13.13 -34.20
N ARG B 95 -11.32 12.62 -35.43
CA ARG B 95 -10.14 11.93 -35.94
C ARG B 95 -8.92 12.86 -35.91
N ARG B 96 -9.10 14.09 -36.40
CA ARG B 96 -8.00 15.06 -36.43
C ARG B 96 -7.50 15.38 -35.02
N THR B 97 -8.42 15.73 -34.13
CA THR B 97 -8.08 16.07 -32.75
C THR B 97 -7.21 14.96 -32.14
N PHE B 98 -7.75 13.75 -32.16
CA PHE B 98 -7.09 12.58 -31.62
C PHE B 98 -5.69 12.39 -32.24
N ILE B 99 -5.61 12.38 -33.56
CA ILE B 99 -4.32 12.21 -34.22
C ILE B 99 -3.31 13.27 -33.78
N LYS B 100 -3.77 14.52 -33.73
CA LYS B 100 -2.90 15.64 -33.34
C LYS B 100 -2.44 15.55 -31.89
N SER B 101 -3.26 14.92 -31.05
CA SER B 101 -2.93 14.80 -29.63
C SER B 101 -1.94 13.69 -29.31
N VAL B 102 -1.72 12.78 -30.25
CA VAL B 102 -0.83 11.66 -30.00
C VAL B 102 0.67 11.97 -29.88
N PRO B 103 1.27 12.58 -30.91
CA PRO B 103 2.71 12.89 -30.83
C PRO B 103 3.12 13.61 -29.54
N PRO B 104 2.37 14.67 -29.15
CA PRO B 104 2.74 15.38 -27.92
C PRO B 104 2.77 14.41 -26.74
N PHE B 105 1.61 13.81 -26.47
CA PHE B 105 1.44 12.85 -25.39
C PHE B 105 2.56 11.80 -25.35
N LEU B 106 2.95 11.30 -26.52
CA LEU B 106 4.00 10.29 -26.58
C LEU B 106 5.39 10.80 -26.17
N ARG B 107 5.78 11.94 -26.72
CA ARG B 107 7.08 12.54 -26.41
C ARG B 107 7.06 12.94 -24.94
N THR B 108 5.91 13.44 -24.49
CA THR B 108 5.75 13.87 -23.12
C THR B 108 5.98 12.75 -22.13
N HIS B 109 5.55 11.54 -22.45
CA HIS B 109 5.72 10.44 -21.52
C HIS B 109 6.81 9.43 -21.82
N GLY B 110 7.62 9.73 -22.84
CA GLY B 110 8.74 8.85 -23.18
C GLY B 110 8.49 7.63 -24.04
N PHE B 111 7.47 7.68 -24.89
CA PHE B 111 7.17 6.56 -25.76
C PHE B 111 7.80 6.73 -27.14
N ASP B 112 8.14 5.62 -27.79
CA ASP B 112 8.73 5.66 -29.12
C ASP B 112 7.68 5.56 -30.23
N GLY B 113 6.45 5.21 -29.86
CA GLY B 113 5.39 5.09 -30.84
C GLY B 113 4.04 4.68 -30.29
N LEU B 114 3.06 4.62 -31.19
CA LEU B 114 1.69 4.26 -30.85
C LEU B 114 1.28 2.91 -31.45
N ASP B 115 0.40 2.20 -30.75
CA ASP B 115 -0.11 0.92 -31.23
C ASP B 115 -1.62 0.98 -31.21
N LEU B 116 -2.22 0.81 -32.39
CA LEU B 116 -3.68 0.83 -32.51
C LEU B 116 -4.26 -0.54 -32.16
N ALA B 117 -5.06 -0.56 -31.11
CA ALA B 117 -5.69 -1.79 -30.65
C ALA B 117 -7.19 -1.62 -30.67
N TRP B 118 -7.73 -1.31 -31.84
CA TRP B 118 -9.18 -1.14 -32.02
C TRP B 118 -9.69 -2.57 -32.11
N LEU B 119 -10.35 -3.06 -31.06
CA LEU B 119 -10.82 -4.45 -31.06
C LEU B 119 -12.33 -4.61 -30.93
N TYR B 120 -13.05 -4.68 -32.05
CA TYR B 120 -12.45 -4.60 -33.38
C TYR B 120 -13.34 -3.75 -34.27
N PRO B 121 -12.82 -3.27 -35.40
CA PRO B 121 -13.64 -2.46 -36.28
C PRO B 121 -14.79 -3.32 -36.78
N GLY B 122 -15.80 -2.68 -37.36
CA GLY B 122 -16.92 -3.43 -37.88
C GLY B 122 -16.85 -3.34 -39.39
N ARG B 123 -17.80 -3.97 -40.09
CA ARG B 123 -17.80 -3.91 -41.56
C ARG B 123 -17.93 -2.45 -42.01
N ARG B 124 -18.64 -1.66 -41.22
CA ARG B 124 -18.87 -0.25 -41.52
C ARG B 124 -17.65 0.65 -41.29
N ASP B 125 -16.59 0.11 -40.70
CA ASP B 125 -15.41 0.94 -40.41
C ASP B 125 -14.19 0.58 -41.27
N LYS B 126 -14.32 -0.42 -42.11
CA LYS B 126 -13.19 -0.84 -42.93
C LYS B 126 -12.38 0.30 -43.51
N GLN B 127 -13.06 1.32 -44.04
CA GLN B 127 -12.38 2.47 -44.63
C GLN B 127 -11.91 3.49 -43.59
N HIS B 128 -12.76 3.77 -42.60
CA HIS B 128 -12.39 4.71 -41.56
C HIS B 128 -11.07 4.25 -40.94
N PHE B 129 -10.98 2.94 -40.70
CA PHE B 129 -9.79 2.34 -40.12
C PHE B 129 -8.58 2.59 -41.03
N THR B 130 -8.81 2.54 -42.33
CA THR B 130 -7.73 2.79 -43.29
C THR B 130 -7.30 4.25 -43.15
N THR B 131 -8.28 5.14 -43.28
CA THR B 131 -8.03 6.58 -43.18
C THR B 131 -7.22 6.90 -41.93
N LEU B 132 -7.70 6.42 -40.78
CA LEU B 132 -7.05 6.64 -39.49
C LEU B 132 -5.57 6.29 -39.53
N ILE B 133 -5.28 5.05 -39.87
CA ILE B 133 -3.90 4.58 -39.94
C ILE B 133 -3.07 5.46 -40.89
N LYS B 134 -3.64 5.77 -42.05
CA LYS B 134 -3.00 6.61 -43.06
C LYS B 134 -2.63 8.01 -42.54
N GLU B 135 -3.62 8.71 -42.00
CA GLU B 135 -3.43 10.05 -41.46
C GLU B 135 -2.54 10.08 -40.22
N MET B 136 -2.67 9.07 -39.37
CA MET B 136 -1.88 8.97 -38.15
C MET B 136 -0.40 8.88 -38.50
N LYS B 137 -0.08 8.12 -39.55
CA LYS B 137 1.31 7.97 -39.98
C LYS B 137 1.79 9.32 -40.53
N ALA B 138 0.93 9.97 -41.33
CA ALA B 138 1.23 11.27 -41.90
C ALA B 138 1.75 12.20 -40.80
N GLU B 139 0.94 12.31 -39.75
CA GLU B 139 1.25 13.14 -38.60
C GLU B 139 2.61 12.79 -38.01
N PHE B 140 2.83 11.51 -37.74
CA PHE B 140 4.11 11.08 -37.16
C PHE B 140 5.27 11.56 -38.02
N ILE B 141 5.13 11.43 -39.33
CA ILE B 141 6.16 11.84 -40.28
C ILE B 141 6.37 13.35 -40.18
N LYS B 142 5.26 14.08 -40.16
CA LYS B 142 5.29 15.53 -40.05
C LYS B 142 6.08 15.90 -38.79
N GLU B 143 5.53 15.53 -37.65
CA GLU B 143 6.12 15.79 -36.33
C GLU B 143 7.62 15.53 -36.23
N ALA B 144 8.13 14.59 -37.02
CA ALA B 144 9.56 14.29 -36.98
C ALA B 144 10.31 14.90 -38.16
N GLN B 145 9.56 15.43 -39.13
CA GLN B 145 10.13 16.04 -40.34
C GLN B 145 11.36 16.88 -40.03
N PRO B 146 11.28 17.78 -39.01
CA PRO B 146 12.43 18.61 -38.65
C PRO B 146 13.72 17.81 -38.42
N GLY B 147 13.61 16.58 -37.95
CA GLY B 147 14.79 15.77 -37.73
C GLY B 147 14.83 14.86 -36.51
N LYS B 148 13.66 14.57 -35.92
CA LYS B 148 13.59 13.68 -34.75
C LYS B 148 13.51 12.23 -35.18
N LYS B 149 13.56 11.32 -34.21
CA LYS B 149 13.43 9.90 -34.48
C LYS B 149 11.93 9.70 -34.64
N GLN B 150 11.49 9.40 -35.87
CA GLN B 150 10.07 9.23 -36.16
C GLN B 150 9.35 8.23 -35.25
N LEU B 151 8.17 8.62 -34.77
CA LEU B 151 7.37 7.76 -33.90
C LEU B 151 6.89 6.54 -34.66
N LEU B 152 6.89 5.39 -33.99
CA LEU B 152 6.44 4.13 -34.59
C LEU B 152 4.92 4.00 -34.55
N LEU B 153 4.37 3.36 -35.57
CA LEU B 153 2.92 3.13 -35.64
C LEU B 153 2.66 1.66 -35.96
N SER B 154 2.01 0.96 -35.04
CA SER B 154 1.70 -0.45 -35.24
C SER B 154 0.24 -0.69 -34.93
N ALA B 155 -0.24 -1.88 -35.21
CA ALA B 155 -1.64 -2.23 -34.94
C ALA B 155 -1.76 -3.71 -34.63
N ALA B 156 -2.63 -4.01 -33.69
CA ALA B 156 -2.90 -5.39 -33.30
C ALA B 156 -4.11 -5.76 -34.12
N LEU B 157 -3.99 -6.80 -34.95
CA LEU B 157 -5.11 -7.20 -35.81
C LEU B 157 -5.65 -8.60 -35.50
N SER B 158 -6.96 -8.75 -35.72
CA SER B 158 -7.62 -10.04 -35.49
C SER B 158 -7.06 -11.09 -36.45
N ALA B 159 -6.98 -12.33 -35.99
CA ALA B 159 -6.47 -13.41 -36.83
C ALA B 159 -7.65 -14.20 -37.39
N GLY B 160 -8.86 -13.81 -37.02
CA GLY B 160 -10.04 -14.51 -37.50
C GLY B 160 -10.42 -14.09 -38.91
N LYS B 161 -10.59 -15.07 -39.79
CA LYS B 161 -10.94 -14.78 -41.17
C LYS B 161 -12.18 -13.89 -41.33
N VAL B 162 -13.24 -14.20 -40.61
CA VAL B 162 -14.44 -13.39 -40.72
C VAL B 162 -14.11 -11.92 -40.53
N THR B 163 -13.48 -11.60 -39.41
CA THR B 163 -13.14 -10.22 -39.11
C THR B 163 -12.19 -9.60 -40.13
N ILE B 164 -11.15 -10.33 -40.51
CA ILE B 164 -10.20 -9.81 -41.48
C ILE B 164 -10.92 -9.41 -42.78
N ASP B 165 -11.88 -10.22 -43.21
CA ASP B 165 -12.62 -9.92 -44.43
C ASP B 165 -13.50 -8.69 -44.29
N SER B 166 -14.20 -8.57 -43.17
CA SER B 166 -15.11 -7.46 -42.95
C SER B 166 -14.50 -6.15 -42.51
N SER B 167 -13.47 -6.21 -41.67
CA SER B 167 -12.88 -4.98 -41.14
C SER B 167 -11.54 -4.48 -41.64
N TYR B 168 -10.73 -5.33 -42.26
CA TYR B 168 -9.42 -4.88 -42.69
C TYR B 168 -9.16 -4.84 -44.19
N ASP B 169 -8.43 -3.81 -44.61
CA ASP B 169 -8.03 -3.66 -46.00
C ASP B 169 -6.52 -3.85 -45.88
N ILE B 170 -6.14 -5.06 -45.55
CA ILE B 170 -4.74 -5.44 -45.36
C ILE B 170 -3.73 -4.77 -46.29
N ALA B 171 -3.97 -4.86 -47.60
CA ALA B 171 -3.07 -4.26 -48.60
C ALA B 171 -2.77 -2.78 -48.35
N LYS B 172 -3.84 -1.99 -48.24
CA LYS B 172 -3.76 -0.56 -48.01
C LYS B 172 -3.04 -0.18 -46.70
N ILE B 173 -3.54 -0.67 -45.56
CA ILE B 173 -2.96 -0.33 -44.27
C ILE B 173 -1.53 -0.85 -44.06
N SER B 174 -1.18 -1.95 -44.74
CA SER B 174 0.16 -2.51 -44.60
C SER B 174 1.25 -1.55 -45.04
N GLN B 175 0.86 -0.60 -45.88
CA GLN B 175 1.81 0.40 -46.37
C GLN B 175 2.20 1.37 -45.26
N HIS B 176 1.18 1.92 -44.62
CA HIS B 176 1.36 2.90 -43.56
C HIS B 176 1.88 2.39 -42.20
N LEU B 177 1.52 1.17 -41.83
CA LEU B 177 1.98 0.61 -40.55
C LEU B 177 3.44 0.20 -40.63
N ASP B 178 4.16 0.31 -39.50
CA ASP B 178 5.57 -0.09 -39.49
C ASP B 178 5.60 -1.58 -39.24
N PHE B 179 4.57 -2.07 -38.56
CA PHE B 179 4.47 -3.48 -38.31
C PHE B 179 3.09 -3.82 -37.78
N ILE B 180 2.66 -5.04 -38.04
CA ILE B 180 1.35 -5.54 -37.65
C ILE B 180 1.47 -6.77 -36.75
N SER B 181 0.74 -6.77 -35.66
CA SER B 181 0.74 -7.91 -34.78
C SER B 181 -0.56 -8.68 -35.01
N ILE B 182 -0.43 -9.86 -35.61
CA ILE B 182 -1.59 -10.69 -35.89
C ILE B 182 -1.89 -11.59 -34.68
N MET B 183 -3.03 -11.30 -34.04
CA MET B 183 -3.44 -12.01 -32.84
C MET B 183 -3.87 -13.47 -33.09
N THR B 184 -2.89 -14.31 -33.42
CA THR B 184 -3.13 -15.70 -33.72
C THR B 184 -3.32 -16.63 -32.52
N TYR B 185 -4.46 -16.47 -31.87
CA TYR B 185 -4.87 -17.27 -30.71
C TYR B 185 -6.35 -16.97 -30.52
N ASP B 186 -6.98 -17.54 -29.49
CA ASP B 186 -8.42 -17.35 -29.26
C ASP B 186 -9.20 -17.94 -30.46
N PHE B 187 -8.68 -19.01 -31.02
CA PHE B 187 -9.33 -19.64 -32.17
C PHE B 187 -10.47 -20.57 -31.79
N HIS B 188 -10.40 -21.15 -30.59
CA HIS B 188 -11.42 -22.07 -30.10
C HIS B 188 -11.84 -21.63 -28.71
N GLY B 189 -13.06 -21.95 -28.32
CA GLY B 189 -13.50 -21.54 -27.00
C GLY B 189 -14.78 -22.20 -26.53
N ALA B 190 -14.95 -22.19 -25.21
CA ALA B 190 -16.09 -22.78 -24.56
C ALA B 190 -17.37 -22.87 -25.37
N TRP B 191 -17.77 -21.77 -26.01
CA TRP B 191 -19.00 -21.79 -26.78
C TRP B 191 -19.16 -22.94 -27.78
N ARG B 192 -18.06 -23.38 -28.37
CA ARG B 192 -18.14 -24.45 -29.35
C ARG B 192 -18.54 -25.81 -28.74
N GLY B 193 -18.59 -25.88 -27.42
CA GLY B 193 -19.00 -27.10 -26.73
C GLY B 193 -18.06 -28.29 -26.72
N THR B 194 -16.84 -28.11 -27.23
CA THR B 194 -15.87 -29.20 -27.25
C THR B 194 -14.49 -28.65 -26.92
N THR B 195 -13.61 -29.53 -26.48
CA THR B 195 -12.26 -29.08 -26.16
C THR B 195 -11.58 -28.76 -27.49
N GLY B 196 -10.61 -27.87 -27.45
CA GLY B 196 -9.89 -27.51 -28.65
C GLY B 196 -8.79 -26.52 -28.32
N HIS B 197 -7.61 -26.69 -28.92
CA HIS B 197 -6.53 -25.78 -28.65
C HIS B 197 -6.85 -24.44 -29.28
N HIS B 198 -6.71 -23.35 -28.51
CA HIS B 198 -7.04 -22.03 -29.04
C HIS B 198 -5.93 -21.37 -29.85
N SER B 199 -4.75 -21.99 -29.90
CA SER B 199 -3.67 -21.41 -30.68
C SER B 199 -2.82 -22.47 -31.37
N PRO B 200 -3.43 -23.26 -32.25
CA PRO B 200 -2.66 -24.30 -32.94
C PRO B 200 -1.84 -23.69 -34.08
N LEU B 201 -0.69 -24.29 -34.35
CA LEU B 201 0.17 -23.82 -35.43
C LEU B 201 -0.47 -24.16 -36.76
N PHE B 202 -0.77 -25.44 -36.96
CA PHE B 202 -1.42 -25.92 -38.19
C PHE B 202 -2.80 -26.49 -37.86
N ARG B 203 -3.58 -26.83 -38.88
CA ARG B 203 -4.91 -27.38 -38.67
C ARG B 203 -4.89 -28.74 -37.97
N GLY B 204 -3.94 -29.59 -38.34
CA GLY B 204 -3.88 -30.90 -37.72
C GLY B 204 -4.88 -31.86 -38.31
N GLN B 205 -5.17 -32.94 -37.60
CA GLN B 205 -6.12 -33.95 -38.07
C GLN B 205 -7.34 -33.29 -38.70
N GLU B 206 -7.52 -33.49 -40.00
CA GLU B 206 -8.62 -32.88 -40.74
C GLU B 206 -10.00 -33.23 -40.15
N ASP B 207 -10.12 -34.44 -39.60
CA ASP B 207 -11.34 -34.94 -38.99
C ASP B 207 -11.73 -34.25 -37.68
N ALA B 208 -10.74 -33.92 -36.86
CA ALA B 208 -10.97 -33.33 -35.54
C ALA B 208 -11.15 -31.82 -35.40
N SER B 209 -11.10 -31.05 -36.49
CA SER B 209 -11.26 -29.61 -36.35
C SER B 209 -12.54 -29.04 -36.91
N PRO B 210 -13.21 -28.20 -36.12
CA PRO B 210 -14.47 -27.59 -36.56
C PRO B 210 -14.26 -26.78 -37.82
N ASP B 211 -13.33 -25.85 -37.75
CA ASP B 211 -13.04 -24.97 -38.86
C ASP B 211 -11.87 -25.30 -39.78
N ARG B 212 -11.88 -24.65 -40.93
CA ARG B 212 -10.82 -24.82 -41.92
C ARG B 212 -9.77 -23.74 -41.64
N PHE B 213 -10.23 -22.62 -41.07
CA PHE B 213 -9.31 -21.53 -40.81
C PHE B 213 -9.02 -21.07 -39.38
N SER B 214 -9.45 -21.81 -38.38
CA SER B 214 -9.17 -21.40 -37.01
C SER B 214 -7.82 -21.93 -36.51
N ASN B 215 -6.73 -21.48 -37.13
CA ASN B 215 -5.39 -21.90 -36.75
C ASN B 215 -4.38 -20.87 -37.23
N THR B 216 -3.21 -20.83 -36.60
CA THR B 216 -2.20 -19.86 -36.95
C THR B 216 -1.81 -19.88 -38.42
N ASP B 217 -1.30 -21.02 -38.88
CA ASP B 217 -0.86 -21.15 -40.26
C ASP B 217 -1.80 -20.56 -41.29
N TYR B 218 -3.08 -20.90 -41.20
CA TYR B 218 -4.03 -20.36 -42.16
C TYR B 218 -4.07 -18.83 -42.18
N ALA B 219 -4.22 -18.23 -41.00
CA ALA B 219 -4.29 -16.78 -40.88
C ALA B 219 -3.07 -16.09 -41.48
N VAL B 220 -1.88 -16.53 -41.07
CA VAL B 220 -0.66 -15.94 -41.60
C VAL B 220 -0.72 -15.95 -43.12
N GLY B 221 -0.85 -17.15 -43.70
CA GLY B 221 -0.91 -17.30 -45.13
C GLY B 221 -2.00 -16.46 -45.77
N TYR B 222 -3.17 -16.41 -45.14
CA TYR B 222 -4.27 -15.63 -45.70
C TYR B 222 -3.90 -14.15 -45.76
N MET B 223 -3.28 -13.68 -44.69
CA MET B 223 -2.87 -12.28 -44.59
C MET B 223 -1.83 -11.90 -45.63
N LEU B 224 -0.74 -12.67 -45.68
CA LEU B 224 0.31 -12.42 -46.65
C LEU B 224 -0.34 -12.32 -48.03
N ARG B 225 -1.28 -13.23 -48.28
CA ARG B 225 -1.99 -13.29 -49.54
C ARG B 225 -2.89 -12.07 -49.74
N LEU B 226 -3.36 -11.49 -48.65
CA LEU B 226 -4.20 -10.31 -48.80
C LEU B 226 -3.35 -9.05 -48.99
N GLY B 227 -2.04 -9.23 -49.14
CA GLY B 227 -1.14 -8.11 -49.37
C GLY B 227 -0.17 -7.72 -48.26
N ALA B 228 -0.36 -8.23 -47.06
CA ALA B 228 0.51 -7.86 -45.96
C ALA B 228 1.94 -8.33 -46.18
N PRO B 229 2.90 -7.40 -46.27
CA PRO B 229 4.29 -7.76 -46.47
C PRO B 229 4.81 -8.58 -45.30
N ALA B 230 5.53 -9.66 -45.59
CA ALA B 230 6.07 -10.52 -44.54
C ALA B 230 6.98 -9.76 -43.58
N SER B 231 7.71 -8.78 -44.11
CA SER B 231 8.62 -7.96 -43.34
C SER B 231 7.90 -7.07 -42.34
N LYS B 232 6.60 -6.88 -42.55
CA LYS B 232 5.78 -6.06 -41.66
C LYS B 232 4.81 -6.89 -40.82
N LEU B 233 4.95 -8.21 -40.86
CA LEU B 233 4.02 -9.06 -40.15
C LEU B 233 4.62 -9.75 -38.93
N VAL B 234 4.04 -9.48 -37.77
CA VAL B 234 4.50 -10.08 -36.52
C VAL B 234 3.46 -11.10 -36.07
N MET B 235 3.91 -12.32 -35.82
CA MET B 235 3.01 -13.39 -35.43
C MET B 235 2.84 -13.54 -33.92
N GLY B 236 1.60 -13.38 -33.45
CA GLY B 236 1.32 -13.47 -32.03
C GLY B 236 1.38 -14.88 -31.44
N ILE B 237 1.99 -14.98 -30.28
CA ILE B 237 2.11 -16.25 -29.56
C ILE B 237 1.57 -15.96 -28.18
N PRO B 238 0.67 -16.80 -27.66
CA PRO B 238 0.10 -16.55 -26.33
C PRO B 238 0.87 -17.18 -25.15
N THR B 239 0.95 -16.45 -24.05
CA THR B 239 1.62 -16.99 -22.88
C THR B 239 0.53 -17.43 -21.91
N PHE B 240 -0.67 -17.60 -22.44
CA PHE B 240 -1.80 -18.02 -21.63
C PHE B 240 -2.52 -19.13 -22.39
N GLY B 241 -3.34 -19.91 -21.70
CA GLY B 241 -4.07 -20.97 -22.35
C GLY B 241 -5.55 -20.81 -22.11
N ARG B 242 -6.36 -21.43 -22.96
CA ARG B 242 -7.82 -21.38 -22.80
C ARG B 242 -8.21 -22.71 -22.18
N SER B 243 -9.03 -22.65 -21.12
CA SER B 243 -9.45 -23.84 -20.41
C SER B 243 -10.91 -24.24 -20.60
N PHE B 244 -11.20 -25.50 -20.29
CA PHE B 244 -12.55 -26.03 -20.40
C PHE B 244 -12.81 -26.98 -19.25
N THR B 245 -14.08 -27.18 -18.93
CA THR B 245 -14.45 -28.13 -17.90
C THR B 245 -15.04 -29.36 -18.59
N LEU B 246 -14.32 -30.48 -18.50
CA LEU B 246 -14.75 -31.72 -19.14
C LEU B 246 -16.09 -32.22 -18.61
N ALA B 247 -16.87 -32.88 -19.47
CA ALA B 247 -18.18 -33.39 -19.09
C ALA B 247 -18.24 -34.92 -19.04
N SER B 248 -17.15 -35.58 -19.43
CA SER B 248 -17.13 -37.03 -19.41
C SER B 248 -15.71 -37.50 -19.13
N SER B 249 -15.47 -38.80 -19.32
CA SER B 249 -14.14 -39.38 -19.08
C SER B 249 -13.23 -39.13 -20.29
N GLU B 250 -13.78 -38.53 -21.34
CA GLU B 250 -13.01 -38.24 -22.56
C GLU B 250 -12.17 -37.00 -22.36
N THR B 251 -10.88 -37.11 -22.66
CA THR B 251 -9.97 -36.00 -22.46
C THR B 251 -9.18 -35.59 -23.69
N GLY B 252 -9.54 -36.13 -24.85
CA GLY B 252 -8.83 -35.78 -26.07
C GLY B 252 -9.42 -34.57 -26.77
N VAL B 253 -8.83 -34.21 -27.90
CA VAL B 253 -9.33 -33.07 -28.67
C VAL B 253 -10.76 -33.32 -29.11
N GLY B 254 -11.63 -32.34 -28.91
CA GLY B 254 -13.01 -32.49 -29.33
C GLY B 254 -13.92 -33.18 -28.33
N ALA B 255 -13.42 -33.46 -27.15
CA ALA B 255 -14.22 -34.10 -26.12
C ALA B 255 -15.28 -33.13 -25.60
N PRO B 256 -16.37 -33.66 -25.02
CA PRO B 256 -17.50 -32.88 -24.47
C PRO B 256 -17.10 -32.01 -23.28
N ILE B 257 -17.62 -30.80 -23.23
CA ILE B 257 -17.33 -29.90 -22.12
C ILE B 257 -18.64 -29.34 -21.61
N SER B 258 -18.64 -28.84 -20.39
CA SER B 258 -19.84 -28.26 -19.81
C SER B 258 -19.68 -26.75 -19.75
N GLY B 259 -18.52 -26.25 -20.15
CA GLY B 259 -18.27 -24.82 -20.13
C GLY B 259 -16.81 -24.51 -19.93
N PRO B 260 -16.44 -23.24 -19.73
CA PRO B 260 -15.03 -22.86 -19.51
C PRO B 260 -14.41 -23.52 -18.30
N GLY B 261 -13.09 -23.53 -18.22
CA GLY B 261 -12.41 -24.13 -17.10
C GLY B 261 -12.50 -23.29 -15.83
N ILE B 262 -12.16 -23.89 -14.70
CA ILE B 262 -12.17 -23.21 -13.41
C ILE B 262 -11.18 -22.07 -13.44
N PRO B 263 -11.57 -20.89 -12.92
CA PRO B 263 -10.70 -19.71 -12.91
C PRO B 263 -9.35 -19.99 -12.30
N GLY B 264 -8.34 -19.29 -12.80
CA GLY B 264 -7.01 -19.45 -12.27
C GLY B 264 -6.94 -18.74 -10.93
N ARG B 265 -6.06 -19.21 -10.07
CA ARG B 265 -5.91 -18.63 -8.74
C ARG B 265 -5.58 -17.13 -8.80
N PHE B 266 -4.76 -16.72 -9.76
CA PHE B 266 -4.38 -15.31 -9.88
C PHE B 266 -5.06 -14.48 -10.96
N THR B 267 -5.50 -15.10 -12.05
CA THR B 267 -6.13 -14.33 -13.12
C THR B 267 -7.64 -14.26 -12.96
N LYS B 268 -8.18 -15.07 -12.07
CA LYS B 268 -9.61 -15.10 -11.78
C LYS B 268 -10.53 -14.83 -12.97
N GLU B 269 -10.60 -15.77 -13.90
CA GLU B 269 -11.45 -15.63 -15.07
C GLU B 269 -11.63 -16.97 -15.77
N ALA B 270 -12.84 -17.50 -15.70
CA ALA B 270 -13.15 -18.78 -16.32
C ALA B 270 -12.66 -18.87 -17.76
N GLY B 271 -12.05 -19.99 -18.11
CA GLY B 271 -11.56 -20.20 -19.47
C GLY B 271 -10.16 -19.69 -19.72
N THR B 272 -9.54 -19.10 -18.72
CA THR B 272 -8.20 -18.56 -18.88
C THR B 272 -7.26 -19.00 -17.78
N LEU B 273 -6.00 -19.19 -18.12
CA LEU B 273 -4.98 -19.56 -17.16
C LEU B 273 -3.68 -18.98 -17.69
N ALA B 274 -2.94 -18.27 -16.84
CA ALA B 274 -1.66 -17.71 -17.24
C ALA B 274 -0.67 -18.86 -17.26
N TYR B 275 0.37 -18.75 -18.06
CA TYR B 275 1.32 -19.83 -18.14
C TYR B 275 1.83 -20.23 -16.77
N TYR B 276 2.01 -19.26 -15.88
CA TYR B 276 2.50 -19.60 -14.56
C TYR B 276 1.45 -20.36 -13.78
N GLU B 277 0.18 -20.05 -14.04
CA GLU B 277 -0.89 -20.77 -13.35
C GLU B 277 -0.92 -22.20 -13.88
N ILE B 278 -0.57 -22.34 -15.16
CA ILE B 278 -0.54 -23.63 -15.81
C ILE B 278 0.55 -24.51 -15.21
N CYS B 279 1.70 -23.90 -14.92
CA CYS B 279 2.81 -24.64 -14.33
C CYS B 279 2.36 -25.31 -13.04
N ASP B 280 1.47 -24.65 -12.31
CA ASP B 280 0.96 -25.25 -11.09
C ASP B 280 0.05 -26.38 -11.51
N PHE B 281 -0.79 -26.11 -12.50
CA PHE B 281 -1.75 -27.09 -13.00
C PHE B 281 -1.06 -28.36 -13.45
N LEU B 282 0.06 -28.19 -14.17
CA LEU B 282 0.80 -29.32 -14.69
C LEU B 282 1.21 -30.33 -13.64
N ARG B 283 1.45 -29.85 -12.42
CA ARG B 283 1.84 -30.74 -11.33
C ARG B 283 0.74 -31.76 -11.09
N GLY B 284 1.01 -33.00 -11.49
CA GLY B 284 0.04 -34.07 -11.31
C GLY B 284 -0.88 -34.19 -12.50
N ALA B 285 -0.65 -33.39 -13.53
CA ALA B 285 -1.46 -33.41 -14.72
C ALA B 285 -0.79 -34.23 -15.82
N THR B 286 -1.49 -34.38 -16.95
CA THR B 286 -0.95 -35.12 -18.07
C THR B 286 -0.91 -34.26 -19.32
N VAL B 287 0.27 -34.14 -19.91
CA VAL B 287 0.42 -33.33 -21.10
C VAL B 287 0.39 -34.19 -22.35
N HIS B 288 -0.34 -33.72 -23.35
CA HIS B 288 -0.46 -34.42 -24.62
C HIS B 288 -0.05 -33.51 -25.76
N ARG B 289 0.90 -33.97 -26.55
CA ARG B 289 1.37 -33.20 -27.70
C ARG B 289 0.38 -33.48 -28.82
N ILE B 290 -0.29 -32.45 -29.31
CA ILE B 290 -1.25 -32.64 -30.39
C ILE B 290 -0.55 -32.76 -31.73
N LEU B 291 -0.35 -33.99 -32.20
CA LEU B 291 0.29 -34.21 -33.50
C LEU B 291 -0.47 -33.44 -34.55
N GLY B 292 0.24 -32.79 -35.44
CA GLY B 292 -0.46 -32.07 -36.50
C GLY B 292 -0.68 -30.61 -36.19
N GLN B 293 -0.87 -30.28 -34.92
CA GLN B 293 -1.06 -28.89 -34.55
C GLN B 293 0.21 -28.31 -33.92
N GLN B 294 1.12 -29.20 -33.49
CA GLN B 294 2.40 -28.80 -32.89
C GLN B 294 2.26 -28.09 -31.57
N VAL B 295 1.11 -28.19 -30.93
CA VAL B 295 0.91 -27.55 -29.65
C VAL B 295 0.43 -28.56 -28.59
N PRO B 296 0.67 -28.24 -27.31
CA PRO B 296 0.24 -29.16 -26.25
C PRO B 296 -1.02 -28.74 -25.50
N TYR B 297 -1.65 -29.72 -24.88
CA TYR B 297 -2.81 -29.45 -24.04
C TYR B 297 -2.57 -30.31 -22.81
N ALA B 298 -3.05 -29.86 -21.67
CA ALA B 298 -2.86 -30.62 -20.45
C ALA B 298 -4.21 -30.87 -19.84
N THR B 299 -4.36 -32.01 -19.19
CA THR B 299 -5.62 -32.33 -18.56
C THR B 299 -5.36 -33.02 -17.24
N LYS B 300 -6.21 -32.72 -16.27
CA LYS B 300 -6.10 -33.29 -14.95
C LYS B 300 -7.50 -33.18 -14.37
N GLY B 301 -8.05 -34.30 -13.90
CA GLY B 301 -9.38 -34.24 -13.34
C GLY B 301 -10.33 -33.78 -14.42
N ASN B 302 -11.29 -32.92 -14.08
CA ASN B 302 -12.27 -32.45 -15.06
C ASN B 302 -11.87 -31.13 -15.73
N GLN B 303 -10.58 -30.83 -15.74
CA GLN B 303 -10.06 -29.62 -16.36
C GLN B 303 -9.19 -29.95 -17.59
N TRP B 304 -9.31 -29.10 -18.60
CA TRP B 304 -8.60 -29.27 -19.86
C TRP B 304 -8.09 -27.88 -20.29
N VAL B 305 -6.82 -27.78 -20.63
CA VAL B 305 -6.29 -26.49 -21.05
C VAL B 305 -5.31 -26.60 -22.22
N GLY B 306 -5.57 -25.82 -23.26
CA GLY B 306 -4.69 -25.80 -24.42
C GLY B 306 -3.81 -24.59 -24.24
N TYR B 307 -2.51 -24.75 -24.42
CA TYR B 307 -1.60 -23.65 -24.24
C TYR B 307 -0.33 -23.84 -25.05
N ASP B 308 0.63 -22.94 -24.83
CA ASP B 308 1.93 -23.00 -25.48
C ASP B 308 3.02 -23.17 -24.43
N ASP B 309 4.13 -23.80 -24.81
CA ASP B 309 5.27 -23.98 -23.91
C ASP B 309 6.56 -23.85 -24.70
N GLN B 310 7.70 -23.99 -24.03
CA GLN B 310 8.98 -23.85 -24.70
C GLN B 310 9.01 -24.55 -26.05
N GLU B 311 8.69 -25.84 -26.06
CA GLU B 311 8.71 -26.62 -27.28
C GLU B 311 7.82 -26.06 -28.38
N SER B 312 6.57 -25.76 -28.05
CA SER B 312 5.68 -25.23 -29.07
C SER B 312 6.03 -23.83 -29.56
N VAL B 313 6.43 -22.92 -28.67
CA VAL B 313 6.79 -21.58 -29.14
C VAL B 313 8.02 -21.66 -30.05
N LYS B 314 8.92 -22.60 -29.75
CA LYS B 314 10.11 -22.81 -30.56
C LYS B 314 9.68 -23.16 -32.00
N SER B 315 8.76 -24.12 -32.12
CA SER B 315 8.24 -24.54 -33.42
C SER B 315 7.60 -23.37 -34.12
N LYS B 316 6.85 -22.57 -33.37
CA LYS B 316 6.18 -21.41 -33.94
C LYS B 316 7.16 -20.36 -34.44
N VAL B 317 8.27 -20.20 -33.74
CA VAL B 317 9.25 -19.22 -34.17
C VAL B 317 9.86 -19.79 -35.45
N GLN B 318 10.17 -21.08 -35.40
CA GLN B 318 10.73 -21.81 -36.54
C GLN B 318 9.85 -21.51 -37.77
N TYR B 319 8.54 -21.70 -37.58
CA TYR B 319 7.58 -21.48 -38.63
C TYR B 319 7.65 -20.07 -39.20
N LEU B 320 7.63 -19.06 -38.33
CA LEU B 320 7.64 -17.67 -38.79
C LEU B 320 8.93 -17.28 -39.50
N LYS B 321 10.06 -17.78 -39.01
CA LYS B 321 11.32 -17.48 -39.66
C LYS B 321 11.28 -18.10 -41.05
N ASP B 322 10.82 -19.35 -41.12
CA ASP B 322 10.72 -20.03 -42.41
C ASP B 322 9.75 -19.28 -43.33
N ARG B 323 8.93 -18.42 -42.75
CA ARG B 323 7.98 -17.63 -43.52
C ARG B 323 8.52 -16.24 -43.76
N GLN B 324 9.68 -15.96 -43.17
CA GLN B 324 10.34 -14.67 -43.31
C GLN B 324 9.45 -13.52 -42.83
N LEU B 325 8.99 -13.64 -41.59
CA LEU B 325 8.13 -12.63 -40.98
C LEU B 325 8.97 -11.68 -40.14
N ALA B 326 8.40 -10.52 -39.82
CA ALA B 326 9.11 -9.51 -39.02
C ALA B 326 9.53 -10.01 -37.65
N GLY B 327 8.78 -10.96 -37.11
CA GLY B 327 9.10 -11.50 -35.79
C GLY B 327 7.88 -12.04 -35.08
N ALA B 328 8.00 -12.20 -33.77
CA ALA B 328 6.92 -12.71 -32.96
C ALA B 328 6.34 -11.66 -32.01
N MET B 329 5.05 -11.76 -31.72
CA MET B 329 4.38 -10.86 -30.78
C MET B 329 3.95 -11.73 -29.62
N VAL B 330 4.10 -11.22 -28.40
CA VAL B 330 3.72 -11.98 -27.22
C VAL B 330 2.63 -11.33 -26.41
N TRP B 331 1.64 -12.12 -26.04
CA TRP B 331 0.53 -11.65 -25.23
C TRP B 331 0.30 -12.64 -24.07
N ALA B 332 0.68 -12.27 -22.85
CA ALA B 332 1.31 -10.98 -22.56
C ALA B 332 2.42 -11.22 -21.53
N LEU B 333 3.30 -10.24 -21.36
CA LEU B 333 4.40 -10.39 -20.41
C LEU B 333 3.95 -10.73 -19.00
N ASP B 334 2.79 -10.23 -18.61
CA ASP B 334 2.29 -10.50 -17.27
C ASP B 334 1.61 -11.87 -17.11
N LEU B 335 1.55 -12.63 -18.20
CA LEU B 335 0.93 -13.94 -18.15
C LEU B 335 1.99 -15.03 -18.22
N ASP B 336 3.21 -14.64 -18.58
CA ASP B 336 4.34 -15.56 -18.63
C ASP B 336 4.79 -15.65 -17.17
N ASP B 337 5.61 -16.64 -16.83
CA ASP B 337 6.10 -16.77 -15.44
C ASP B 337 7.11 -15.64 -15.25
N PHE B 338 6.63 -14.44 -14.95
CA PHE B 338 7.52 -13.29 -14.79
C PHE B 338 8.26 -13.26 -13.45
N GLN B 339 7.79 -14.06 -12.50
CA GLN B 339 8.44 -14.15 -11.21
C GLN B 339 9.54 -15.20 -11.34
N GLY B 340 9.28 -16.20 -12.17
CA GLY B 340 10.24 -17.28 -12.40
C GLY B 340 10.14 -18.29 -11.27
N SER B 341 9.17 -18.05 -10.39
CA SER B 341 8.96 -18.89 -9.22
C SER B 341 8.02 -20.07 -9.42
N PHE B 342 7.08 -19.94 -10.35
CA PHE B 342 6.11 -21.01 -10.58
C PHE B 342 6.54 -22.23 -11.38
N CYS B 343 7.23 -22.02 -12.48
CA CYS B 343 7.65 -23.12 -13.33
C CYS B 343 8.99 -23.72 -12.94
N GLY B 344 9.48 -23.35 -11.77
CA GLY B 344 10.76 -23.85 -11.31
C GLY B 344 11.88 -23.25 -12.14
N GLN B 345 13.09 -23.78 -11.99
CA GLN B 345 14.26 -23.30 -12.73
C GLN B 345 14.56 -21.85 -12.34
N ASP B 346 13.64 -21.24 -11.59
CA ASP B 346 13.80 -19.86 -11.17
C ASP B 346 13.94 -18.94 -12.37
N LEU B 347 14.00 -19.52 -13.57
CA LEU B 347 14.14 -18.76 -14.80
C LEU B 347 12.92 -17.86 -14.99
N ARG B 348 13.16 -16.60 -15.34
CA ARG B 348 12.08 -15.64 -15.54
C ARG B 348 11.65 -15.61 -17.00
N PHE B 349 10.37 -15.31 -17.22
CA PHE B 349 9.79 -15.24 -18.56
C PHE B 349 10.22 -16.42 -19.43
N PRO B 350 9.98 -17.65 -18.96
CA PRO B 350 10.34 -18.87 -19.69
C PRO B 350 9.85 -18.93 -21.14
N LEU B 351 8.59 -18.62 -21.38
CA LEU B 351 8.07 -18.67 -22.73
C LEU B 351 8.70 -17.59 -23.60
N THR B 352 8.66 -16.35 -23.11
CA THR B 352 9.19 -15.22 -23.87
C THR B 352 10.68 -15.39 -24.15
N ASN B 353 11.44 -15.81 -23.14
CA ASN B 353 12.87 -16.04 -23.34
C ASN B 353 13.08 -17.14 -24.35
N ALA B 354 12.23 -18.17 -24.30
CA ALA B 354 12.31 -19.27 -25.24
C ALA B 354 12.14 -18.71 -26.65
N ILE B 355 11.16 -17.84 -26.83
CA ILE B 355 10.89 -17.23 -28.13
C ILE B 355 12.08 -16.40 -28.59
N LYS B 356 12.63 -15.60 -27.69
CA LYS B 356 13.77 -14.75 -27.99
C LYS B 356 14.96 -15.61 -28.43
N ASP B 357 15.18 -16.71 -27.72
CA ASP B 357 16.29 -17.60 -28.04
C ASP B 357 16.14 -18.17 -29.46
N ALA B 358 14.97 -18.75 -29.73
CA ALA B 358 14.70 -19.33 -31.04
C ALA B 358 14.92 -18.32 -32.17
N LEU B 359 14.52 -17.07 -31.95
CA LEU B 359 14.69 -16.03 -32.97
C LEU B 359 16.15 -15.77 -33.31
N ALA B 360 17.02 -15.85 -32.32
CA ALA B 360 18.45 -15.61 -32.54
C ALA B 360 19.17 -16.88 -33.03
N ALA B 361 18.58 -18.03 -32.73
CA ALA B 361 19.14 -19.32 -33.14
C ALA B 361 19.36 -19.49 -34.63
N THR B 362 20.13 -20.52 -34.99
CA THR B 362 20.45 -20.85 -36.38
C THR B 362 21.26 -19.76 -37.10
N TYR C 1 -18.34 -12.54 29.05
CA TYR C 1 -19.19 -13.53 28.33
C TYR C 1 -20.31 -12.88 27.51
N LYS C 2 -20.24 -13.08 26.20
CA LYS C 2 -21.26 -12.56 25.28
C LYS C 2 -22.54 -13.40 25.40
N LEU C 3 -23.68 -12.75 25.30
CA LEU C 3 -24.95 -13.46 25.35
C LEU C 3 -25.73 -13.00 24.14
N VAL C 4 -25.46 -13.64 23.00
CA VAL C 4 -26.09 -13.30 21.73
C VAL C 4 -27.51 -13.85 21.59
N CYS C 5 -28.48 -12.95 21.48
CA CYS C 5 -29.87 -13.35 21.36
C CYS C 5 -30.49 -12.97 20.03
N TYR C 6 -31.23 -13.92 19.46
CA TYR C 6 -31.90 -13.73 18.18
C TYR C 6 -33.37 -13.35 18.33
N TYR C 7 -33.80 -12.43 17.49
CA TYR C 7 -35.19 -12.01 17.44
C TYR C 7 -35.59 -12.25 15.99
N THR C 8 -36.73 -12.92 15.80
CA THR C 8 -37.20 -13.20 14.45
C THR C 8 -38.35 -12.25 14.15
N SER C 9 -38.23 -11.52 13.05
CA SER C 9 -39.26 -10.56 12.68
C SER C 9 -40.61 -11.21 12.43
N TRP C 10 -40.62 -12.46 11.99
CA TRP C 10 -41.89 -13.12 11.71
C TRP C 10 -42.66 -13.53 12.96
N SER C 11 -42.07 -13.38 14.14
CA SER C 11 -42.76 -13.75 15.36
C SER C 11 -43.85 -12.72 15.70
N GLN C 12 -43.87 -11.62 14.95
CA GLN C 12 -44.87 -10.56 15.17
C GLN C 12 -46.28 -11.02 14.80
N TYR C 13 -46.37 -11.91 13.82
CA TYR C 13 -47.65 -12.41 13.34
C TYR C 13 -48.30 -13.52 14.17
N ARG C 14 -47.58 -14.07 15.14
CA ARG C 14 -48.13 -15.15 15.96
C ARG C 14 -49.40 -14.66 16.67
N GLU C 15 -50.43 -15.49 16.67
CA GLU C 15 -51.71 -15.17 17.31
C GLU C 15 -51.59 -14.76 18.78
N GLY C 16 -52.59 -14.02 19.26
CA GLY C 16 -52.63 -13.58 20.65
C GLY C 16 -51.32 -13.25 21.34
N ASP C 17 -51.14 -13.77 22.56
CA ASP C 17 -49.92 -13.50 23.32
C ASP C 17 -48.69 -13.97 22.58
N GLY C 18 -48.90 -14.80 21.56
CA GLY C 18 -47.79 -15.28 20.78
C GLY C 18 -47.05 -14.16 20.08
N SER C 19 -47.80 -13.18 19.57
CA SER C 19 -47.20 -12.03 18.87
C SER C 19 -46.06 -11.41 19.67
N CYS C 20 -44.92 -11.24 19.02
CA CYS C 20 -43.78 -10.66 19.69
C CYS C 20 -43.13 -9.56 18.88
N PHE C 21 -42.94 -8.41 19.51
CA PHE C 21 -42.31 -7.26 18.86
C PHE C 21 -41.06 -6.86 19.66
N PRO C 22 -40.06 -6.28 18.98
CA PRO C 22 -38.81 -5.85 19.61
C PRO C 22 -38.98 -5.08 20.91
N ASP C 23 -40.01 -4.26 21.00
CA ASP C 23 -40.26 -3.46 22.20
C ASP C 23 -40.64 -4.28 23.42
N ALA C 24 -40.93 -5.57 23.22
CA ALA C 24 -41.30 -6.47 24.31
C ALA C 24 -40.07 -7.20 24.83
N LEU C 25 -38.91 -6.85 24.29
CA LEU C 25 -37.64 -7.47 24.68
C LEU C 25 -36.95 -6.70 25.80
N ASP C 26 -36.33 -7.45 26.71
CA ASP C 26 -35.60 -6.87 27.85
C ASP C 26 -34.24 -6.31 27.41
N ARG C 27 -34.09 -4.99 27.48
CA ARG C 27 -32.85 -4.33 27.07
C ARG C 27 -31.62 -4.77 27.86
N PHE C 28 -31.82 -5.28 29.07
CA PHE C 28 -30.69 -5.70 29.90
C PHE C 28 -30.42 -7.21 29.90
N LEU C 29 -31.32 -7.98 29.27
CA LEU C 29 -31.20 -9.43 29.20
C LEU C 29 -29.97 -9.96 28.47
N CYS C 30 -29.72 -9.49 27.26
CA CYS C 30 -28.59 -9.96 26.46
C CYS C 30 -27.55 -8.89 26.21
N THR C 31 -26.38 -9.29 25.73
CA THR C 31 -25.33 -8.32 25.43
C THR C 31 -25.42 -7.95 23.95
N HIS C 32 -25.98 -8.85 23.16
CA HIS C 32 -26.14 -8.64 21.73
C HIS C 32 -27.51 -9.14 21.31
N ILE C 33 -28.21 -8.39 20.47
CA ILE C 33 -29.50 -8.85 19.98
C ILE C 33 -29.44 -8.79 18.47
N ILE C 34 -29.75 -9.91 17.83
CA ILE C 34 -29.69 -9.97 16.37
C ILE C 34 -31.08 -10.04 15.74
N TYR C 35 -31.31 -9.14 14.78
CA TYR C 35 -32.58 -9.05 14.07
C TYR C 35 -32.53 -9.98 12.86
N SER C 36 -33.53 -10.86 12.73
CA SER C 36 -33.59 -11.81 11.63
C SER C 36 -34.91 -11.74 10.86
N PHE C 37 -34.86 -11.63 9.54
CA PHE C 37 -33.62 -11.56 8.76
C PHE C 37 -33.74 -10.41 7.77
N ALA C 38 -32.61 -9.96 7.25
CA ALA C 38 -32.61 -8.90 6.25
C ALA C 38 -32.45 -9.62 4.91
N ASN C 39 -33.05 -9.09 3.86
CA ASN C 39 -32.97 -9.72 2.54
C ASN C 39 -31.89 -9.10 1.67
N ILE C 40 -31.77 -9.57 0.43
CA ILE C 40 -30.82 -9.01 -0.52
C ILE C 40 -31.50 -8.88 -1.89
N SER C 41 -31.69 -7.64 -2.36
CA SER C 41 -32.31 -7.35 -3.65
C SER C 41 -31.38 -6.48 -4.51
N ASN C 42 -31.21 -6.88 -5.76
CA ASN C 42 -30.33 -6.15 -6.67
C ASN C 42 -28.95 -6.08 -6.05
N ASP C 43 -28.57 -7.16 -5.37
CA ASP C 43 -27.28 -7.24 -4.71
C ASP C 43 -27.06 -6.13 -3.68
N HIS C 44 -28.14 -5.74 -3.01
CA HIS C 44 -28.11 -4.71 -1.97
C HIS C 44 -28.78 -5.23 -0.70
N ILE C 45 -28.18 -4.98 0.45
CA ILE C 45 -28.79 -5.38 1.71
C ILE C 45 -30.12 -4.62 1.75
N ASP C 46 -31.24 -5.29 2.04
CA ASP C 46 -32.53 -4.63 2.04
C ASP C 46 -33.53 -5.20 3.07
N THR C 47 -34.57 -4.45 3.40
CA THR C 47 -35.54 -4.96 4.37
C THR C 47 -36.26 -6.17 3.81
N TRP C 48 -36.96 -6.91 4.68
CA TRP C 48 -37.69 -8.11 4.28
C TRP C 48 -39.16 -7.95 4.58
N GLU C 49 -39.48 -7.65 5.83
CA GLU C 49 -40.85 -7.46 6.24
C GLU C 49 -41.24 -6.00 5.98
N TRP C 50 -42.46 -5.81 5.47
CA TRP C 50 -42.98 -4.48 5.16
C TRP C 50 -42.73 -3.44 6.25
N ASN C 51 -42.68 -3.86 7.50
CA ASN C 51 -42.49 -2.92 8.61
C ASN C 51 -41.13 -3.05 9.32
N ASP C 52 -40.14 -3.58 8.64
CA ASP C 52 -38.82 -3.74 9.25
C ASP C 52 -38.28 -2.45 9.87
N VAL C 53 -38.24 -1.38 9.09
CA VAL C 53 -37.72 -0.11 9.59
C VAL C 53 -38.34 0.25 10.93
N THR C 54 -39.66 0.16 11.01
CA THR C 54 -40.37 0.49 12.25
C THR C 54 -39.84 -0.39 13.37
N LEU C 55 -39.75 -1.70 13.12
CA LEU C 55 -39.27 -2.64 14.12
C LEU C 55 -37.78 -2.41 14.42
N TYR C 56 -37.03 -1.96 13.42
CA TYR C 56 -35.60 -1.68 13.61
C TYR C 56 -35.46 -0.67 14.75
N GLY C 57 -36.17 0.45 14.60
CA GLY C 57 -36.11 1.49 15.60
C GLY C 57 -36.64 1.01 16.92
N MET C 58 -37.66 0.17 16.88
CA MET C 58 -38.25 -0.37 18.09
C MET C 58 -37.16 -1.16 18.83
N LEU C 59 -36.37 -1.90 18.08
CA LEU C 59 -35.29 -2.69 18.65
C LEU C 59 -34.14 -1.82 19.14
N ASN C 60 -33.70 -0.90 18.28
CA ASN C 60 -32.58 -0.03 18.63
C ASN C 60 -32.85 1.00 19.75
N THR C 61 -34.12 1.25 20.04
CA THR C 61 -34.48 2.16 21.12
C THR C 61 -33.99 1.57 22.44
N LEU C 62 -33.97 0.25 22.50
CA LEU C 62 -33.53 -0.46 23.69
C LEU C 62 -32.12 -0.04 24.08
N LYS C 63 -31.37 0.48 23.11
CA LYS C 63 -30.00 0.92 23.38
C LYS C 63 -29.90 2.25 24.13
N ASN C 64 -31.00 3.01 24.17
CA ASN C 64 -31.00 4.30 24.84
C ASN C 64 -30.62 4.17 26.29
N ARG C 65 -31.41 3.42 27.03
CA ARG C 65 -31.15 3.24 28.45
C ARG C 65 -30.00 2.29 28.73
N ASN C 66 -29.58 1.53 27.71
CA ASN C 66 -28.48 0.58 27.87
C ASN C 66 -27.50 0.73 26.71
N PRO C 67 -26.46 1.57 26.90
CA PRO C 67 -25.43 1.84 25.89
C PRO C 67 -24.57 0.63 25.50
N ASN C 68 -24.40 -0.30 26.44
CA ASN C 68 -23.59 -1.49 26.18
C ASN C 68 -24.27 -2.52 25.28
N LEU C 69 -25.60 -2.51 25.26
CA LEU C 69 -26.33 -3.44 24.40
C LEU C 69 -25.87 -3.24 22.97
N LYS C 70 -25.38 -4.29 22.35
CA LYS C 70 -24.93 -4.21 20.96
C LYS C 70 -26.04 -4.82 20.09
N THR C 71 -26.18 -4.32 18.87
CA THR C 71 -27.23 -4.80 17.97
C THR C 71 -26.71 -5.16 16.58
N LEU C 72 -27.18 -6.28 16.05
CA LEU C 72 -26.76 -6.71 14.71
C LEU C 72 -27.93 -7.08 13.82
N LEU C 73 -27.77 -6.92 12.52
CA LEU C 73 -28.80 -7.28 11.56
C LEU C 73 -28.31 -8.56 10.86
N SER C 74 -29.16 -9.59 10.86
CA SER C 74 -28.80 -10.86 10.25
C SER C 74 -29.37 -11.01 8.85
N VAL C 75 -28.49 -11.25 7.89
CA VAL C 75 -28.93 -11.42 6.51
C VAL C 75 -28.80 -12.86 6.09
N GLY C 76 -29.83 -13.35 5.40
CA GLY C 76 -29.86 -14.74 4.95
C GLY C 76 -31.18 -15.34 5.43
N GLY C 77 -31.09 -16.38 6.25
CA GLY C 77 -32.29 -17.01 6.75
C GLY C 77 -32.62 -18.26 5.96
N TRP C 78 -33.64 -18.97 6.42
CA TRP C 78 -34.05 -20.21 5.78
C TRP C 78 -34.81 -19.97 4.48
N ASN C 79 -35.72 -19.02 4.49
CA ASN C 79 -36.52 -18.71 3.31
C ASN C 79 -35.75 -17.90 2.28
N PHE C 80 -34.47 -17.66 2.52
CA PHE C 80 -33.68 -16.90 1.59
C PHE C 80 -33.48 -17.70 0.31
N GLY C 81 -32.84 -18.85 0.46
CA GLY C 81 -32.57 -19.70 -0.68
C GLY C 81 -31.10 -19.66 -0.97
N SER C 82 -30.37 -20.60 -0.36
CA SER C 82 -28.92 -20.70 -0.52
C SER C 82 -28.50 -20.54 -1.98
N GLN C 83 -29.43 -20.80 -2.88
CA GLN C 83 -29.21 -20.68 -4.32
C GLN C 83 -28.82 -19.25 -4.65
N ARG C 84 -29.67 -18.32 -4.20
CA ARG C 84 -29.43 -16.91 -4.44
C ARG C 84 -28.15 -16.48 -3.73
N PHE C 85 -28.08 -16.77 -2.44
CA PHE C 85 -26.90 -16.39 -1.68
C PHE C 85 -25.62 -16.85 -2.35
N SER C 86 -25.67 -18.02 -2.99
CA SER C 86 -24.51 -18.57 -3.68
C SER C 86 -24.10 -17.65 -4.83
N LYS C 87 -25.04 -17.37 -5.73
CA LYS C 87 -24.78 -16.49 -6.87
C LYS C 87 -24.18 -15.17 -6.43
N ILE C 88 -24.88 -14.50 -5.51
CA ILE C 88 -24.43 -13.22 -5.00
C ILE C 88 -22.98 -13.28 -4.53
N ALA C 89 -22.64 -14.28 -3.71
CA ALA C 89 -21.29 -14.41 -3.18
C ALA C 89 -20.30 -14.88 -4.24
N SER C 90 -20.79 -15.70 -5.16
CA SER C 90 -19.97 -16.26 -6.23
C SER C 90 -19.54 -15.21 -7.25
N ASN C 91 -20.51 -14.39 -7.70
CA ASN C 91 -20.25 -13.34 -8.67
C ASN C 91 -19.45 -12.20 -8.04
N THR C 92 -18.36 -11.82 -8.69
CA THR C 92 -17.50 -10.76 -8.17
C THR C 92 -18.13 -9.36 -8.05
N GLN C 93 -18.99 -9.01 -8.99
CA GLN C 93 -19.65 -7.70 -8.94
C GLN C 93 -20.72 -7.70 -7.86
N SER C 94 -21.58 -8.73 -7.89
CA SER C 94 -22.64 -8.85 -6.89
C SER C 94 -22.06 -8.79 -5.48
N ARG C 95 -20.99 -9.55 -5.26
CA ARG C 95 -20.35 -9.58 -3.95
C ARG C 95 -19.94 -8.16 -3.52
N ARG C 96 -19.26 -7.43 -4.43
CA ARG C 96 -18.82 -6.07 -4.13
C ARG C 96 -20.00 -5.14 -3.83
N THR C 97 -21.00 -5.14 -4.70
CA THR C 97 -22.18 -4.29 -4.52
C THR C 97 -22.78 -4.50 -3.14
N PHE C 98 -23.09 -5.76 -2.84
CA PHE C 98 -23.67 -6.15 -1.56
C PHE C 98 -22.80 -5.68 -0.39
N ILE C 99 -21.52 -6.01 -0.42
CA ILE C 99 -20.63 -5.62 0.67
C ILE C 99 -20.65 -4.11 0.86
N LYS C 100 -20.55 -3.38 -0.25
CA LYS C 100 -20.54 -1.92 -0.20
C LYS C 100 -21.83 -1.32 0.32
N SER C 101 -22.94 -2.03 0.12
CA SER C 101 -24.24 -1.55 0.56
C SER C 101 -24.53 -1.76 2.04
N VAL C 102 -23.74 -2.61 2.69
CA VAL C 102 -23.99 -2.92 4.10
C VAL C 102 -23.71 -1.81 5.11
N PRO C 103 -22.48 -1.28 5.16
CA PRO C 103 -22.17 -0.20 6.13
C PRO C 103 -23.20 0.95 6.12
N PRO C 104 -23.55 1.46 4.92
CA PRO C 104 -24.52 2.56 4.87
C PRO C 104 -25.82 2.16 5.56
N PHE C 105 -26.43 1.11 5.02
CA PHE C 105 -27.68 0.58 5.53
C PHE C 105 -27.65 0.38 7.05
N LEU C 106 -26.53 -0.10 7.58
CA LEU C 106 -26.42 -0.33 9.03
C LEU C 106 -26.42 0.95 9.84
N ARG C 107 -25.58 1.91 9.46
CA ARG C 107 -25.49 3.20 10.15
C ARG C 107 -26.83 3.91 10.00
N THR C 108 -27.42 3.79 8.81
CA THR C 108 -28.70 4.41 8.53
C THR C 108 -29.82 3.95 9.47
N HIS C 109 -29.82 2.67 9.83
CA HIS C 109 -30.88 2.17 10.69
C HIS C 109 -30.53 1.90 12.15
N GLY C 110 -29.32 2.29 12.54
CA GLY C 110 -28.90 2.14 13.92
C GLY C 110 -28.36 0.81 14.37
N PHE C 111 -27.74 0.05 13.48
CA PHE C 111 -27.19 -1.25 13.83
C PHE C 111 -25.70 -1.14 14.14
N ASP C 112 -25.21 -2.02 15.02
CA ASP C 112 -23.80 -2.03 15.38
C ASP C 112 -22.99 -3.00 14.52
N GLY C 113 -23.68 -3.87 13.79
CA GLY C 113 -22.99 -4.82 12.95
C GLY C 113 -23.91 -5.72 12.15
N LEU C 114 -23.28 -6.57 11.33
CA LEU C 114 -23.97 -7.53 10.46
C LEU C 114 -23.73 -8.98 10.90
N ASP C 115 -24.73 -9.82 10.67
CA ASP C 115 -24.62 -11.24 11.00
C ASP C 115 -24.97 -12.04 9.76
N LEU C 116 -24.01 -12.83 9.28
CA LEU C 116 -24.22 -13.66 8.10
C LEU C 116 -24.93 -14.96 8.48
N ALA C 117 -26.12 -15.13 7.94
CA ALA C 117 -26.93 -16.32 8.20
C ALA C 117 -27.21 -17.02 6.89
N TRP C 118 -26.16 -17.43 6.20
CA TRP C 118 -26.28 -18.14 4.94
C TRP C 118 -26.56 -19.57 5.37
N LEU C 119 -27.79 -20.03 5.21
CA LEU C 119 -28.17 -21.37 5.65
C LEU C 119 -28.65 -22.30 4.56
N TYR C 120 -27.75 -23.06 3.94
CA TYR C 120 -26.34 -23.03 4.28
C TYR C 120 -25.54 -23.10 3.00
N PRO C 121 -24.25 -22.77 3.07
CA PRO C 121 -23.45 -22.84 1.84
C PRO C 121 -23.37 -24.29 1.40
N GLY C 122 -22.94 -24.52 0.17
CA GLY C 122 -22.82 -25.88 -0.32
C GLY C 122 -21.34 -26.20 -0.44
N ARG C 123 -21.00 -27.41 -0.86
CA ARG C 123 -19.59 -27.80 -1.01
C ARG C 123 -18.91 -26.86 -2.01
N ARG C 124 -19.69 -26.40 -2.99
CA ARG C 124 -19.21 -25.51 -4.04
C ARG C 124 -18.98 -24.07 -3.59
N ASP C 125 -19.43 -23.72 -2.39
CA ASP C 125 -19.27 -22.36 -1.90
C ASP C 125 -18.24 -22.18 -0.78
N LYS C 126 -17.64 -23.28 -0.34
CA LYS C 126 -16.68 -23.21 0.75
C LYS C 126 -15.72 -22.02 0.65
N GLN C 127 -15.20 -21.76 -0.55
CA GLN C 127 -14.27 -20.64 -0.73
C GLN C 127 -14.96 -19.29 -0.89
N HIS C 128 -16.05 -19.28 -1.65
CA HIS C 128 -16.79 -18.04 -1.84
C HIS C 128 -17.18 -17.49 -0.47
N PHE C 129 -17.61 -18.38 0.42
CA PHE C 129 -18.01 -18.02 1.77
C PHE C 129 -16.83 -17.40 2.51
N THR C 130 -15.64 -17.93 2.26
CA THR C 130 -14.43 -17.42 2.90
C THR C 130 -14.21 -16.00 2.39
N THR C 131 -14.14 -15.88 1.06
CA THR C 131 -13.92 -14.60 0.41
C THR C 131 -14.88 -13.55 0.95
N LEU C 132 -16.18 -13.88 0.94
CA LEU C 132 -17.22 -12.97 1.42
C LEU C 132 -16.92 -12.43 2.81
N ILE C 133 -16.75 -13.33 3.77
CA ILE C 133 -16.46 -12.95 5.13
C ILE C 133 -15.20 -12.07 5.20
N LYS C 134 -14.17 -12.46 4.46
CA LYS C 134 -12.91 -11.73 4.41
C LYS C 134 -13.07 -10.29 3.91
N GLU C 135 -13.70 -10.15 2.75
CA GLU C 135 -13.91 -8.84 2.15
C GLU C 135 -14.90 -7.97 2.93
N MET C 136 -15.92 -8.60 3.50
CA MET C 136 -16.93 -7.88 4.28
C MET C 136 -16.27 -7.22 5.48
N LYS C 137 -15.34 -7.93 6.11
CA LYS C 137 -14.64 -7.40 7.27
C LYS C 137 -13.76 -6.23 6.81
N ALA C 138 -13.08 -6.42 5.68
CA ALA C 138 -12.21 -5.39 5.11
C ALA C 138 -12.97 -4.07 5.04
N GLU C 139 -14.14 -4.14 4.40
CA GLU C 139 -15.02 -3.00 4.23
C GLU C 139 -15.35 -2.35 5.58
N PHE C 140 -15.81 -3.15 6.53
CA PHE C 140 -16.14 -2.62 7.85
C PHE C 140 -14.97 -1.83 8.44
N ILE C 141 -13.77 -2.38 8.29
CA ILE C 141 -12.55 -1.76 8.80
C ILE C 141 -12.34 -0.43 8.08
N LYS C 142 -12.46 -0.46 6.77
CA LYS C 142 -12.29 0.72 5.94
C LYS C 142 -13.26 1.78 6.45
N GLU C 143 -14.54 1.49 6.31
CA GLU C 143 -15.63 2.40 6.73
C GLU C 143 -15.42 3.06 8.08
N ALA C 144 -14.72 2.39 8.99
CA ALA C 144 -14.50 2.98 10.30
C ALA C 144 -13.10 3.55 10.45
N GLN C 145 -12.24 3.27 9.47
CA GLN C 145 -10.83 3.73 9.47
C GLN C 145 -10.71 5.17 9.99
N PRO C 146 -11.53 6.10 9.45
CA PRO C 146 -11.47 7.50 9.90
C PRO C 146 -11.55 7.66 11.42
N GLY C 147 -12.25 6.76 12.11
CA GLY C 147 -12.35 6.85 13.55
C GLY C 147 -13.67 6.50 14.21
N LYS C 148 -14.54 5.77 13.50
CA LYS C 148 -15.84 5.38 14.05
C LYS C 148 -15.70 4.07 14.83
N LYS C 149 -16.79 3.67 15.48
CA LYS C 149 -16.82 2.41 16.21
C LYS C 149 -17.05 1.36 15.13
N GLN C 150 -16.02 0.56 14.84
CA GLN C 150 -16.10 -0.45 13.78
C GLN C 150 -17.30 -1.39 13.88
N LEU C 151 -17.96 -1.61 12.75
CA LEU C 151 -19.13 -2.47 12.70
C LEU C 151 -18.73 -3.92 12.99
N LEU C 152 -19.60 -4.64 13.71
CA LEU C 152 -19.35 -6.03 14.06
C LEU C 152 -19.75 -6.96 12.93
N LEU C 153 -19.00 -8.05 12.79
CA LEU C 153 -19.30 -9.06 11.78
C LEU C 153 -19.32 -10.44 12.42
N SER C 154 -20.48 -11.09 12.37
CA SER C 154 -20.64 -12.42 12.95
C SER C 154 -21.30 -13.34 11.96
N ALA C 155 -21.35 -14.63 12.28
CA ALA C 155 -21.98 -15.58 11.40
C ALA C 155 -22.56 -16.73 12.18
N ALA C 156 -23.74 -17.19 11.75
CA ALA C 156 -24.42 -18.30 12.38
C ALA C 156 -23.97 -19.51 11.58
N LEU C 157 -23.32 -20.48 12.23
CA LEU C 157 -22.84 -21.66 11.52
C LEU C 157 -23.50 -22.96 11.92
N SER C 158 -23.62 -23.88 10.97
CA SER C 158 -24.22 -25.19 11.23
C SER C 158 -23.38 -25.96 12.24
N ALA C 159 -24.03 -26.76 13.08
CA ALA C 159 -23.31 -27.56 14.06
C ALA C 159 -23.19 -28.99 13.56
N GLY C 160 -23.74 -29.25 12.38
CA GLY C 160 -23.68 -30.59 11.82
C GLY C 160 -22.33 -30.86 11.17
N LYS C 161 -21.70 -31.97 11.53
CA LYS C 161 -20.40 -32.33 10.99
C LYS C 161 -20.37 -32.35 9.46
N VAL C 162 -21.36 -32.99 8.85
CA VAL C 162 -21.39 -33.07 7.39
C VAL C 162 -21.23 -31.69 6.79
N THR C 163 -22.09 -30.76 7.19
CA THR C 163 -22.04 -29.42 6.67
C THR C 163 -20.73 -28.70 6.99
N ILE C 164 -20.27 -28.80 8.23
CA ILE C 164 -19.02 -28.14 8.60
C ILE C 164 -17.88 -28.59 7.69
N ASP C 165 -17.84 -29.87 7.38
CA ASP C 165 -16.79 -30.40 6.52
C ASP C 165 -16.88 -29.89 5.08
N SER C 166 -18.10 -29.88 4.54
CA SER C 166 -18.30 -29.45 3.16
C SER C 166 -18.34 -27.96 2.91
N SER C 167 -18.95 -27.19 3.80
CA SER C 167 -19.10 -25.76 3.59
C SER C 167 -18.21 -24.76 4.33
N TYR C 168 -17.60 -25.14 5.44
CA TYR C 168 -16.79 -24.17 6.18
C TYR C 168 -15.30 -24.42 6.25
N ASP C 169 -14.54 -23.33 6.19
CA ASP C 169 -13.10 -23.39 6.34
C ASP C 169 -12.90 -22.65 7.65
N ILE C 170 -13.36 -23.29 8.72
CA ILE C 170 -13.31 -22.75 10.06
C ILE C 170 -12.06 -21.94 10.40
N ALA C 171 -10.87 -22.50 10.15
CA ALA C 171 -9.62 -21.82 10.45
C ALA C 171 -9.51 -20.42 9.82
N LYS C 172 -9.73 -20.37 8.51
CA LYS C 172 -9.66 -19.14 7.74
C LYS C 172 -10.68 -18.08 8.18
N ILE C 173 -11.97 -18.42 8.14
CA ILE C 173 -13.01 -17.47 8.51
C ILE C 173 -12.97 -17.02 9.98
N SER C 174 -12.47 -17.87 10.87
CA SER C 174 -12.40 -17.52 12.29
C SER C 174 -11.55 -16.29 12.54
N GLN C 175 -10.66 -15.99 11.59
CA GLN C 175 -9.79 -14.84 11.71
C GLN C 175 -10.59 -13.55 11.54
N HIS C 176 -11.34 -13.49 10.44
CA HIS C 176 -12.13 -12.33 10.08
C HIS C 176 -13.40 -12.06 10.90
N LEU C 177 -14.06 -13.11 11.37
CA LEU C 177 -15.29 -12.93 12.17
C LEU C 177 -14.96 -12.44 13.58
N ASP C 178 -15.86 -11.65 14.17
CA ASP C 178 -15.63 -11.17 15.53
C ASP C 178 -16.13 -12.24 16.47
N PHE C 179 -17.10 -13.00 15.99
CA PHE C 179 -17.64 -14.11 16.77
C PHE C 179 -18.51 -15.00 15.89
N ILE C 180 -18.58 -16.27 16.26
CA ILE C 180 -19.34 -17.27 15.55
C ILE C 180 -20.39 -17.90 16.44
N SER C 181 -21.60 -18.01 15.93
CA SER C 181 -22.66 -18.65 16.69
C SER C 181 -22.88 -20.05 16.12
N ILE C 182 -22.49 -21.06 16.88
CA ILE C 182 -22.64 -22.43 16.43
C ILE C 182 -24.03 -22.95 16.80
N MET C 183 -24.84 -23.20 15.78
CA MET C 183 -26.21 -23.66 15.96
C MET C 183 -26.32 -25.09 16.46
N THR C 184 -25.95 -25.28 17.71
CA THR C 184 -25.96 -26.59 18.33
C THR C 184 -27.33 -27.10 18.82
N TYR C 185 -28.18 -27.42 17.85
CA TYR C 185 -29.52 -27.95 18.08
C TYR C 185 -29.97 -28.50 16.72
N ASP C 186 -31.21 -29.01 16.65
CA ASP C 186 -31.71 -29.61 15.40
C ASP C 186 -30.85 -30.82 15.04
N PHE C 187 -30.38 -31.54 16.05
CA PHE C 187 -29.55 -32.69 15.82
C PHE C 187 -30.35 -33.95 15.48
N HIS C 188 -31.62 -33.98 15.87
CA HIS C 188 -32.46 -35.14 15.61
C HIS C 188 -33.73 -34.66 14.93
N GLY C 189 -34.18 -35.40 13.91
CA GLY C 189 -35.38 -34.99 13.22
C GLY C 189 -36.46 -36.05 13.15
N ALA C 190 -37.70 -35.64 12.89
CA ALA C 190 -38.79 -36.59 12.79
C ALA C 190 -38.53 -37.56 11.64
N TRP C 191 -37.55 -37.25 10.80
CA TRP C 191 -37.29 -38.15 9.69
C TRP C 191 -36.52 -39.40 10.13
N ARG C 192 -35.86 -39.34 11.29
CA ARG C 192 -35.12 -40.49 11.77
C ARG C 192 -36.04 -41.58 12.29
N GLY C 193 -37.33 -41.31 12.26
CA GLY C 193 -38.29 -42.32 12.69
C GLY C 193 -38.29 -42.75 14.15
N THR C 194 -37.51 -42.07 14.98
CA THR C 194 -37.46 -42.41 16.40
C THR C 194 -37.38 -41.14 17.20
N THR C 195 -37.77 -41.23 18.47
CA THR C 195 -37.70 -40.05 19.32
C THR C 195 -36.22 -39.80 19.60
N GLY C 196 -35.88 -38.54 19.86
CA GLY C 196 -34.50 -38.20 20.15
C GLY C 196 -34.41 -36.73 20.48
N HIS C 197 -33.61 -36.39 21.49
CA HIS C 197 -33.48 -35.00 21.86
C HIS C 197 -32.69 -34.27 20.76
N HIS C 198 -33.20 -33.13 20.31
CA HIS C 198 -32.53 -32.40 19.24
C HIS C 198 -31.39 -31.50 19.69
N SER C 199 -31.19 -31.37 21.00
CA SER C 199 -30.11 -30.52 21.48
C SER C 199 -29.46 -31.08 22.74
N PRO C 200 -28.89 -32.29 22.64
CA PRO C 200 -28.26 -32.88 23.82
C PRO C 200 -26.89 -32.24 24.04
N LEU C 201 -26.46 -32.18 25.28
CA LEU C 201 -25.15 -31.62 25.62
C LEU C 201 -24.07 -32.62 25.20
N PHE C 202 -24.18 -33.86 25.68
CA PHE C 202 -23.23 -34.91 25.34
C PHE C 202 -23.94 -36.03 24.58
N ARG C 203 -23.19 -36.99 24.08
CA ARG C 203 -23.78 -38.09 23.34
C ARG C 203 -24.70 -38.97 24.18
N GLY C 204 -24.29 -39.24 25.41
CA GLY C 204 -25.10 -40.07 26.27
C GLY C 204 -24.92 -41.56 25.98
N GLN C 205 -25.88 -42.38 26.42
CA GLN C 205 -25.82 -43.82 26.23
C GLN C 205 -25.35 -44.16 24.82
N GLU C 206 -24.24 -44.89 24.73
CA GLU C 206 -23.65 -45.26 23.46
C GLU C 206 -24.58 -46.01 22.51
N ASP C 207 -25.37 -46.93 23.06
CA ASP C 207 -26.35 -47.74 22.31
C ASP C 207 -27.52 -46.96 21.71
N ALA C 208 -28.02 -46.01 22.50
CA ALA C 208 -29.18 -45.22 22.11
C ALA C 208 -28.99 -44.10 21.08
N SER C 209 -27.75 -43.81 20.71
CA SER C 209 -27.53 -42.77 19.73
C SER C 209 -27.02 -43.44 18.45
N PRO C 210 -27.66 -43.12 17.31
CA PRO C 210 -27.31 -43.69 16.01
C PRO C 210 -25.88 -43.34 15.61
N ASP C 211 -25.69 -42.02 15.51
CA ASP C 211 -24.44 -41.40 15.13
C ASP C 211 -23.66 -40.94 16.37
N ARG C 212 -22.39 -40.59 16.22
CA ARG C 212 -21.59 -40.13 17.35
C ARG C 212 -21.33 -38.62 17.31
N PHE C 213 -21.85 -37.96 16.27
CA PHE C 213 -21.65 -36.52 16.04
C PHE C 213 -22.84 -35.60 16.31
N SER C 214 -24.02 -36.15 16.51
CA SER C 214 -25.20 -35.32 16.70
C SER C 214 -25.48 -34.86 18.12
N ASN C 215 -24.58 -34.04 18.66
CA ASN C 215 -24.73 -33.52 20.01
C ASN C 215 -23.87 -32.27 20.18
N THR C 216 -24.23 -31.43 21.14
CA THR C 216 -23.50 -30.18 21.36
C THR C 216 -22.00 -30.39 21.59
N ASP C 217 -21.65 -31.14 22.64
CA ASP C 217 -20.25 -31.37 22.97
C ASP C 217 -19.37 -31.70 21.78
N TYR C 218 -19.79 -32.65 20.95
CA TYR C 218 -18.99 -33.02 19.80
C TYR C 218 -18.68 -31.83 18.88
N ALA C 219 -19.74 -31.13 18.49
CA ALA C 219 -19.63 -29.99 17.60
C ALA C 219 -18.67 -28.93 18.12
N VAL C 220 -18.87 -28.51 19.37
CA VAL C 220 -18.00 -27.53 19.97
C VAL C 220 -16.54 -27.96 19.85
N GLY C 221 -16.24 -29.14 20.38
CA GLY C 221 -14.89 -29.66 20.32
C GLY C 221 -14.38 -29.80 18.89
N TYR C 222 -15.26 -30.24 18.00
CA TYR C 222 -14.87 -30.42 16.60
C TYR C 222 -14.45 -29.09 15.96
N MET C 223 -15.20 -28.04 16.27
CA MET C 223 -14.90 -26.72 15.70
C MET C 223 -13.62 -26.14 16.31
N LEU C 224 -13.34 -26.47 17.57
CA LEU C 224 -12.11 -25.99 18.18
C LEU C 224 -10.98 -26.71 17.44
N ARG C 225 -11.18 -28.01 17.21
CA ARG C 225 -10.19 -28.81 16.51
C ARG C 225 -9.86 -28.18 15.17
N LEU C 226 -10.87 -27.73 14.43
CA LEU C 226 -10.64 -27.14 13.13
C LEU C 226 -10.04 -25.72 13.19
N GLY C 227 -9.71 -25.23 14.38
CA GLY C 227 -9.09 -23.91 14.49
C GLY C 227 -9.88 -22.72 15.04
N ALA C 228 -11.19 -22.88 15.28
CA ALA C 228 -11.98 -21.77 15.80
C ALA C 228 -11.54 -21.43 17.22
N PRO C 229 -11.09 -20.19 17.45
CA PRO C 229 -10.67 -19.77 18.78
C PRO C 229 -11.84 -19.81 19.76
N ALA C 230 -11.59 -20.35 20.95
CA ALA C 230 -12.64 -20.43 21.97
C ALA C 230 -13.23 -19.06 22.32
N SER C 231 -12.36 -18.05 22.31
CA SER C 231 -12.76 -16.68 22.62
C SER C 231 -13.72 -16.11 21.58
N LYS C 232 -13.76 -16.72 20.41
CA LYS C 232 -14.63 -16.28 19.32
C LYS C 232 -15.81 -17.21 19.08
N LEU C 233 -15.98 -18.19 19.96
CA LEU C 233 -17.03 -19.17 19.77
C LEU C 233 -18.20 -19.05 20.75
N VAL C 234 -19.39 -18.83 20.20
CA VAL C 234 -20.59 -18.70 21.01
C VAL C 234 -21.44 -19.95 20.79
N MET C 235 -21.81 -20.61 21.87
CA MET C 235 -22.58 -21.84 21.80
C MET C 235 -24.09 -21.61 21.85
N GLY C 236 -24.78 -22.05 20.81
CA GLY C 236 -26.21 -21.86 20.75
C GLY C 236 -27.02 -22.80 21.63
N ILE C 237 -28.03 -22.23 22.28
CA ILE C 237 -28.93 -22.96 23.16
C ILE C 237 -30.32 -22.65 22.65
N PRO C 238 -31.17 -23.66 22.45
CA PRO C 238 -32.52 -23.41 21.95
C PRO C 238 -33.59 -23.16 23.01
N THR C 239 -34.48 -22.22 22.75
CA THR C 239 -35.57 -21.96 23.68
C THR C 239 -36.82 -22.64 23.12
N PHE C 240 -36.61 -23.59 22.21
CA PHE C 240 -37.72 -24.31 21.60
C PHE C 240 -37.36 -25.78 21.61
N GLY C 241 -38.35 -26.64 21.45
CA GLY C 241 -38.08 -28.07 21.43
C GLY C 241 -38.60 -28.70 20.16
N ARG C 242 -38.05 -29.86 19.81
CA ARG C 242 -38.52 -30.58 18.61
C ARG C 242 -39.45 -31.66 19.11
N SER C 243 -40.61 -31.76 18.47
CA SER C 243 -41.62 -32.74 18.88
C SER C 243 -41.83 -33.91 17.92
N PHE C 244 -42.43 -34.97 18.44
CA PHE C 244 -42.72 -36.17 17.65
C PHE C 244 -44.04 -36.75 18.09
N THR C 245 -44.66 -37.51 17.19
CA THR C 245 -45.89 -38.18 17.52
C THR C 245 -45.58 -39.66 17.72
N LEU C 246 -45.72 -40.13 18.95
CA LEU C 246 -45.45 -41.53 19.29
C LEU C 246 -46.34 -42.50 18.52
N ALA C 247 -45.81 -43.68 18.23
CA ALA C 247 -46.55 -44.70 17.49
C ALA C 247 -46.89 -45.92 18.34
N SER C 248 -46.41 -45.97 19.58
CA SER C 248 -46.69 -47.10 20.46
C SER C 248 -46.76 -46.62 21.89
N SER C 249 -46.74 -47.58 22.83
CA SER C 249 -46.78 -47.24 24.25
C SER C 249 -45.38 -46.90 24.77
N GLU C 250 -44.38 -47.00 23.90
CA GLU C 250 -43.01 -46.69 24.28
C GLU C 250 -42.80 -45.18 24.23
N THR C 251 -42.24 -44.64 25.31
CA THR C 251 -42.02 -43.20 25.42
C THR C 251 -40.59 -42.78 25.73
N GLY C 252 -39.66 -43.74 25.69
CA GLY C 252 -38.28 -43.41 25.98
C GLY C 252 -37.52 -42.97 24.74
N VAL C 253 -36.23 -42.67 24.92
CA VAL C 253 -35.39 -42.25 23.79
C VAL C 253 -35.33 -43.37 22.76
N GLY C 254 -35.50 -43.01 21.49
CA GLY C 254 -35.44 -44.01 20.44
C GLY C 254 -36.71 -44.78 20.17
N ALA C 255 -37.81 -44.39 20.83
CA ALA C 255 -39.09 -45.06 20.62
C ALA C 255 -39.63 -44.70 19.23
N PRO C 256 -40.52 -45.56 18.69
CA PRO C 256 -41.14 -45.40 17.37
C PRO C 256 -42.04 -44.19 17.28
N ILE C 257 -41.97 -43.48 16.16
CA ILE C 257 -42.81 -42.30 15.94
C ILE C 257 -43.48 -42.43 14.57
N SER C 258 -44.57 -41.72 14.37
CA SER C 258 -45.27 -41.75 13.10
C SER C 258 -45.00 -40.44 12.34
N GLY C 259 -44.29 -39.52 12.98
CA GLY C 259 -43.99 -38.26 12.35
C GLY C 259 -43.81 -37.15 13.37
N PRO C 260 -43.69 -35.90 12.94
CA PRO C 260 -43.52 -34.77 13.87
C PRO C 260 -44.68 -34.62 14.84
N GLY C 261 -44.45 -33.89 15.92
CA GLY C 261 -45.49 -33.68 16.90
C GLY C 261 -46.56 -32.71 16.44
N ILE C 262 -47.68 -32.68 17.15
CA ILE C 262 -48.79 -31.79 16.81
C ILE C 262 -48.32 -30.34 16.94
N PRO C 263 -48.70 -29.50 15.97
CA PRO C 263 -48.30 -28.10 16.00
C PRO C 263 -48.65 -27.41 17.29
N GLY C 264 -47.82 -26.44 17.67
CA GLY C 264 -48.07 -25.69 18.88
C GLY C 264 -49.21 -24.73 18.61
N ARG C 265 -49.92 -24.37 19.66
CA ARG C 265 -51.05 -23.45 19.53
C ARG C 265 -50.66 -22.11 18.92
N PHE C 266 -49.47 -21.60 19.27
CA PHE C 266 -49.02 -20.31 18.76
C PHE C 266 -47.97 -20.33 17.66
N THR C 267 -47.14 -21.36 17.59
CA THR C 267 -46.12 -21.39 16.56
C THR C 267 -46.58 -22.10 15.28
N LYS C 268 -47.70 -22.80 15.38
CA LYS C 268 -48.30 -23.52 14.25
C LYS C 268 -47.31 -24.14 13.27
N GLU C 269 -46.59 -25.17 13.71
CA GLU C 269 -45.62 -25.87 12.87
C GLU C 269 -45.26 -27.22 13.45
N ALA C 270 -45.68 -28.29 12.79
CA ALA C 270 -45.41 -29.64 13.24
C ALA C 270 -43.93 -29.83 13.58
N GLY C 271 -43.68 -30.52 14.70
CA GLY C 271 -42.31 -30.78 15.13
C GLY C 271 -41.66 -29.67 15.95
N THR C 272 -42.39 -28.57 16.16
CA THR C 272 -41.84 -27.46 16.92
C THR C 272 -42.77 -27.00 18.02
N LEU C 273 -42.20 -26.55 19.12
CA LEU C 273 -42.96 -26.02 20.24
C LEU C 273 -42.08 -24.99 20.93
N ALA C 274 -42.62 -23.81 21.16
CA ALA C 274 -41.86 -22.78 21.84
C ALA C 274 -41.82 -23.17 23.32
N TYR C 275 -40.80 -22.72 24.03
CA TYR C 275 -40.72 -23.08 25.43
C TYR C 275 -42.00 -22.74 26.18
N TYR C 276 -42.63 -21.63 25.82
CA TYR C 276 -43.85 -21.25 26.51
C TYR C 276 -44.97 -22.20 26.14
N GLU C 277 -44.95 -22.72 24.92
CA GLU C 277 -45.97 -23.68 24.52
C GLU C 277 -45.73 -24.97 25.30
N ILE C 278 -44.46 -25.25 25.56
CA ILE C 278 -44.06 -26.44 26.30
C ILE C 278 -44.55 -26.37 27.73
N CYS C 279 -44.48 -25.17 28.32
CA CYS C 279 -44.94 -24.98 29.69
C CYS C 279 -46.38 -25.41 29.81
N ASP C 280 -47.16 -25.18 28.76
CA ASP C 280 -48.55 -25.59 28.79
C ASP C 280 -48.57 -27.10 28.69
N PHE C 281 -47.77 -27.62 27.76
CA PHE C 281 -47.66 -29.05 27.54
C PHE C 281 -47.30 -29.79 28.82
N LEU C 282 -46.34 -29.26 29.56
CA LEU C 282 -45.89 -29.90 30.79
C LEU C 282 -47.00 -30.17 31.79
N ARG C 283 -48.03 -29.33 31.78
CA ARG C 283 -49.14 -29.52 32.70
C ARG C 283 -49.81 -30.86 32.42
N GLY C 284 -49.62 -31.80 33.33
CA GLY C 284 -50.19 -33.12 33.16
C GLY C 284 -49.27 -34.06 32.41
N ALA C 285 -48.08 -33.57 32.06
CA ALA C 285 -47.10 -34.38 31.33
C ALA C 285 -46.08 -34.95 32.28
N THR C 286 -45.17 -35.76 31.73
CA THR C 286 -44.11 -36.37 32.53
C THR C 286 -42.74 -36.02 31.96
N VAL C 287 -41.90 -35.42 32.79
CA VAL C 287 -40.57 -35.04 32.37
C VAL C 287 -39.54 -36.08 32.76
N HIS C 288 -38.65 -36.40 31.82
CA HIS C 288 -37.59 -37.37 32.04
C HIS C 288 -36.25 -36.74 31.77
N ARG C 289 -35.37 -36.81 32.75
CA ARG C 289 -34.03 -36.26 32.61
C ARG C 289 -33.22 -37.34 31.90
N ILE C 290 -32.71 -37.03 30.71
CA ILE C 290 -31.92 -38.01 29.96
C ILE C 290 -30.51 -38.08 30.50
N LEU C 291 -30.23 -39.07 31.33
CA LEU C 291 -28.89 -39.26 31.90
C LEU C 291 -27.89 -39.36 30.76
N GLY C 292 -26.76 -38.69 30.90
CA GLY C 292 -25.77 -38.80 29.84
C GLY C 292 -25.85 -37.68 28.85
N GLN C 293 -27.05 -37.18 28.60
CA GLN C 293 -27.20 -36.08 27.66
C GLN C 293 -27.43 -34.75 28.38
N GLN C 294 -27.80 -34.84 29.65
CA GLN C 294 -28.02 -33.66 30.49
C GLN C 294 -29.19 -32.80 30.07
N VAL C 295 -30.06 -33.33 29.23
CA VAL C 295 -31.22 -32.57 28.78
C VAL C 295 -32.51 -33.34 29.05
N PRO C 296 -33.63 -32.62 29.16
CA PRO C 296 -34.90 -33.29 29.43
C PRO C 296 -35.83 -33.42 28.22
N TYR C 297 -36.75 -34.37 28.31
CA TYR C 297 -37.74 -34.55 27.27
C TYR C 297 -39.02 -34.75 28.06
N ALA C 298 -40.14 -34.35 27.49
CA ALA C 298 -41.41 -34.52 28.18
C ALA C 298 -42.34 -35.29 27.27
N THR C 299 -43.19 -36.11 27.87
CA THR C 299 -44.14 -36.86 27.09
C THR C 299 -45.47 -36.91 27.80
N LYS C 300 -46.54 -36.89 27.00
CA LYS C 300 -47.89 -36.89 27.51
C LYS C 300 -48.71 -37.40 26.35
N GLY C 301 -49.51 -38.44 26.57
CA GLY C 301 -50.30 -38.98 25.50
C GLY C 301 -49.38 -39.44 24.39
N ASN C 302 -49.76 -39.18 23.14
CA ASN C 302 -48.96 -39.62 22.01
C ASN C 302 -47.98 -38.54 21.52
N GLN C 303 -47.65 -37.59 22.40
CA GLN C 303 -46.71 -36.53 22.06
C GLN C 303 -45.42 -36.66 22.85
N TRP C 304 -44.31 -36.31 22.20
CA TRP C 304 -42.97 -36.41 22.78
C TRP C 304 -42.20 -35.16 22.36
N VAL C 305 -41.59 -34.48 23.32
CA VAL C 305 -40.84 -33.29 22.96
C VAL C 305 -39.52 -33.15 23.74
N GLY C 306 -38.43 -32.99 23.00
CA GLY C 306 -37.12 -32.81 23.60
C GLY C 306 -36.85 -31.32 23.62
N TYR C 307 -36.45 -30.80 24.77
CA TYR C 307 -36.21 -29.37 24.87
C TYR C 307 -35.20 -29.05 25.96
N ASP C 308 -35.04 -27.77 26.23
CA ASP C 308 -34.13 -27.28 27.26
C ASP C 308 -34.94 -26.53 28.31
N ASP C 309 -34.45 -26.52 29.54
CA ASP C 309 -35.09 -25.80 30.65
C ASP C 309 -34.02 -25.21 31.55
N GLN C 310 -34.44 -24.48 32.59
CA GLN C 310 -33.50 -23.87 33.50
C GLN C 310 -32.32 -24.78 33.86
N GLU C 311 -32.63 -25.98 34.33
CA GLU C 311 -31.60 -26.91 34.73
C GLU C 311 -30.64 -27.25 33.60
N SER C 312 -31.17 -27.62 32.44
CA SER C 312 -30.30 -27.97 31.33
C SER C 312 -29.49 -26.81 30.77
N VAL C 313 -30.08 -25.62 30.64
CA VAL C 313 -29.31 -24.50 30.11
C VAL C 313 -28.19 -24.16 31.08
N LYS C 314 -28.46 -24.34 32.37
CA LYS C 314 -27.46 -24.06 33.40
C LYS C 314 -26.24 -24.97 33.14
N SER C 315 -26.50 -26.26 32.96
CA SER C 315 -25.44 -27.23 32.70
C SER C 315 -24.69 -26.83 31.45
N LYS C 316 -25.43 -26.43 30.42
CA LYS C 316 -24.81 -26.02 29.16
C LYS C 316 -23.92 -24.79 29.29
N VAL C 317 -24.31 -23.86 30.16
CA VAL C 317 -23.49 -22.68 30.35
C VAL C 317 -22.25 -23.16 31.09
N GLN C 318 -22.48 -24.00 32.09
CA GLN C 318 -21.41 -24.58 32.88
C GLN C 318 -20.38 -25.15 31.91
N TYR C 319 -20.86 -25.98 30.99
CA TYR C 319 -20.02 -26.61 29.99
C TYR C 319 -19.20 -25.63 29.18
N LEU C 320 -19.86 -24.60 28.64
CA LEU C 320 -19.15 -23.62 27.82
C LEU C 320 -18.11 -22.81 28.59
N LYS C 321 -18.42 -22.45 29.83
CA LYS C 321 -17.48 -21.70 30.63
C LYS C 321 -16.27 -22.59 30.85
N ASP C 322 -16.52 -23.86 31.21
CA ASP C 322 -15.45 -24.81 31.43
C ASP C 322 -14.64 -24.98 30.15
N ARG C 323 -15.21 -24.61 29.02
CA ARG C 323 -14.51 -24.72 27.74
C ARG C 323 -13.90 -23.39 27.35
N GLN C 324 -14.18 -22.37 28.17
CA GLN C 324 -13.67 -21.03 27.93
C GLN C 324 -14.11 -20.48 26.58
N LEU C 325 -15.42 -20.47 26.36
CA LEU C 325 -16.01 -19.98 25.12
C LEU C 325 -16.46 -18.53 25.29
N ALA C 326 -16.67 -17.84 24.17
CA ALA C 326 -17.08 -16.45 24.21
C ALA C 326 -18.40 -16.23 24.96
N GLY C 327 -19.27 -17.24 24.93
CA GLY C 327 -20.54 -17.12 25.60
C GLY C 327 -21.60 -18.01 24.98
N ALA C 328 -22.87 -17.70 25.26
CA ALA C 328 -23.98 -18.48 24.75
C ALA C 328 -24.81 -17.70 23.73
N MET C 329 -25.39 -18.42 22.77
CA MET C 329 -26.26 -17.81 21.77
C MET C 329 -27.63 -18.42 22.02
N VAL C 330 -28.67 -17.61 21.90
CA VAL C 330 -30.03 -18.06 22.14
C VAL C 330 -30.91 -17.92 20.95
N TRP C 331 -31.63 -18.98 20.62
CA TRP C 331 -32.58 -18.99 19.51
C TRP C 331 -33.91 -19.57 19.99
N ALA C 332 -34.92 -18.74 20.17
CA ALA C 332 -34.84 -17.30 19.94
C ALA C 332 -35.62 -16.60 21.05
N LEU C 333 -35.42 -15.29 21.20
CA LEU C 333 -36.11 -14.55 22.24
C LEU C 333 -37.60 -14.68 22.16
N ASP C 334 -38.14 -14.81 20.96
CA ASP C 334 -39.59 -14.92 20.82
C ASP C 334 -40.14 -16.32 21.09
N LEU C 335 -39.26 -17.27 21.40
CA LEU C 335 -39.69 -18.63 21.67
C LEU C 335 -39.61 -18.93 23.17
N ASP C 336 -38.92 -18.06 23.89
CA ASP C 336 -38.79 -18.18 25.35
C ASP C 336 -40.11 -17.59 25.87
N ASP C 337 -40.45 -17.85 27.13
CA ASP C 337 -41.68 -17.28 27.69
C ASP C 337 -41.43 -15.78 27.87
N PHE C 338 -41.59 -15.01 26.79
CA PHE C 338 -41.35 -13.57 26.85
C PHE C 338 -42.47 -12.79 27.53
N GLN C 339 -43.64 -13.41 27.68
CA GLN C 339 -44.75 -12.75 28.36
C GLN C 339 -44.58 -13.03 29.85
N GLY C 340 -44.01 -14.20 30.16
CA GLY C 340 -43.80 -14.58 31.54
C GLY C 340 -45.09 -15.11 32.13
N SER C 341 -46.09 -15.22 31.26
CA SER C 341 -47.41 -15.68 31.67
C SER C 341 -47.65 -17.17 31.59
N PHE C 342 -46.94 -17.86 30.69
CA PHE C 342 -47.14 -19.29 30.51
C PHE C 342 -46.50 -20.23 31.51
N CYS C 343 -45.25 -20.00 31.87
CA CYS C 343 -44.56 -20.89 32.80
C CYS C 343 -44.75 -20.51 34.26
N GLY C 344 -45.71 -19.62 34.52
CA GLY C 344 -45.95 -19.18 35.88
C GLY C 344 -44.79 -18.32 36.39
N GLN C 345 -44.78 -18.04 37.69
CA GLN C 345 -43.73 -17.23 38.30
C GLN C 345 -43.77 -15.81 37.72
N ASP C 346 -44.58 -15.63 36.68
CA ASP C 346 -44.69 -14.33 36.02
C ASP C 346 -43.33 -13.85 35.52
N LEU C 347 -42.28 -14.63 35.82
CA LEU C 347 -40.93 -14.28 35.39
C LEU C 347 -40.85 -14.29 33.86
N ARG C 348 -40.23 -13.26 33.30
CA ARG C 348 -40.08 -13.13 31.86
C ARG C 348 -38.76 -13.74 31.37
N PHE C 349 -38.78 -14.29 30.17
CA PHE C 349 -37.60 -14.91 29.57
C PHE C 349 -36.90 -15.86 30.55
N PRO C 350 -37.64 -16.83 31.10
CA PRO C 350 -37.08 -17.80 32.05
C PRO C 350 -35.82 -18.52 31.58
N LEU C 351 -35.81 -19.04 30.36
CA LEU C 351 -34.64 -19.73 29.88
C LEU C 351 -33.46 -18.79 29.67
N THR C 352 -33.71 -17.68 28.97
CA THR C 352 -32.66 -16.71 28.70
C THR C 352 -32.10 -16.11 29.98
N ASN C 353 -32.97 -15.75 30.92
CA ASN C 353 -32.51 -15.19 32.19
C ASN C 353 -31.70 -16.24 32.94
N ALA C 354 -32.12 -17.49 32.83
CA ALA C 354 -31.41 -18.58 33.48
C ALA C 354 -30.00 -18.61 32.92
N ILE C 355 -29.89 -18.51 31.59
CA ILE C 355 -28.58 -18.53 30.93
C ILE C 355 -27.72 -17.36 31.37
N LYS C 356 -28.32 -16.17 31.43
CA LYS C 356 -27.61 -14.97 31.83
C LYS C 356 -27.10 -15.11 33.26
N ASP C 357 -27.94 -15.67 34.14
CA ASP C 357 -27.54 -15.85 35.52
C ASP C 357 -26.34 -16.78 35.63
N ALA C 358 -26.44 -17.95 35.01
CA ALA C 358 -25.35 -18.93 35.02
C ALA C 358 -24.03 -18.32 34.56
N LEU C 359 -24.09 -17.49 33.52
CA LEU C 359 -22.89 -16.86 32.98
C LEU C 359 -22.19 -15.95 33.98
N ALA C 360 -22.97 -15.25 34.80
CA ALA C 360 -22.40 -14.35 35.80
C ALA C 360 -22.00 -15.10 37.07
N ALA C 361 -22.63 -16.25 37.30
CA ALA C 361 -22.36 -17.08 38.48
C ALA C 361 -20.91 -17.50 38.64
N THR C 362 -20.59 -17.98 39.85
CA THR C 362 -19.25 -18.46 40.19
C THR C 362 -18.20 -17.35 40.16
N TYR D 1 -25.97 28.21 26.98
CA TYR D 1 -25.59 29.04 25.80
C TYR D 1 -24.89 28.24 24.70
N LYS D 2 -25.53 28.17 23.54
CA LYS D 2 -24.98 27.47 22.38
C LYS D 2 -23.84 28.29 21.78
N LEU D 3 -22.80 27.62 21.32
CA LEU D 3 -21.69 28.31 20.67
C LEU D 3 -21.46 27.60 19.35
N VAL D 4 -22.26 27.99 18.36
CA VAL D 4 -22.20 27.40 17.01
C VAL D 4 -21.02 27.90 16.19
N CYS D 5 -20.14 26.98 15.83
CA CYS D 5 -18.98 27.34 15.03
C CYS D 5 -18.95 26.70 13.65
N TYR D 6 -18.63 27.51 12.65
CA TYR D 6 -18.57 27.07 11.26
C TYR D 6 -17.16 26.71 10.83
N TYR D 7 -17.07 25.63 10.07
CA TYR D 7 -15.79 25.20 9.49
C TYR D 7 -16.05 25.16 7.99
N THR D 8 -15.15 25.74 7.22
CA THR D 8 -15.32 25.75 5.79
C THR D 8 -14.34 24.77 5.17
N SER D 9 -14.87 23.81 4.41
CA SER D 9 -14.04 22.78 3.80
C SER D 9 -12.98 23.35 2.86
N TRP D 10 -13.25 24.51 2.26
CA TRP D 10 -12.28 25.08 1.34
C TRP D 10 -11.08 25.71 2.02
N SER D 11 -11.11 25.80 3.35
CA SER D 11 -9.98 26.38 4.05
C SER D 11 -8.77 25.43 4.04
N GLN D 12 -9.00 24.21 3.59
CA GLN D 12 -7.94 23.20 3.53
C GLN D 12 -6.86 23.56 2.51
N TYR D 13 -7.25 24.24 1.44
CA TYR D 13 -6.35 24.62 0.37
C TYR D 13 -5.49 25.86 0.62
N ARG D 14 -5.77 26.59 1.69
CA ARG D 14 -5.00 27.80 1.99
C ARG D 14 -3.52 27.44 2.14
N GLU D 15 -2.64 28.25 1.55
CA GLU D 15 -1.19 28.03 1.63
C GLU D 15 -0.63 27.92 3.05
N GLY D 16 0.51 27.26 3.17
CA GLY D 16 1.19 27.11 4.46
C GLY D 16 0.34 26.92 5.69
N ASP D 17 0.66 27.67 6.75
CA ASP D 17 -0.09 27.58 7.99
C ASP D 17 -1.56 27.92 7.80
N GLY D 18 -1.87 28.50 6.64
CA GLY D 18 -3.24 28.86 6.35
C GLY D 18 -4.13 27.63 6.26
N SER D 19 -3.59 26.55 5.67
CA SER D 19 -4.34 25.30 5.53
C SER D 19 -4.98 24.86 6.83
N CYS D 20 -6.28 24.60 6.80
CA CYS D 20 -6.98 24.18 7.99
C CYS D 20 -7.85 22.96 7.74
N PHE D 21 -7.67 21.95 8.60
CA PHE D 21 -8.43 20.71 8.51
C PHE D 21 -9.17 20.49 9.83
N PRO D 22 -10.33 19.81 9.77
CA PRO D 22 -11.15 19.52 10.95
C PRO D 22 -10.40 19.00 12.16
N ASP D 23 -9.35 18.21 11.93
CA ASP D 23 -8.56 17.65 13.03
C ASP D 23 -7.74 18.69 13.79
N ALA D 24 -7.66 19.92 13.25
CA ALA D 24 -6.92 20.99 13.90
C ALA D 24 -7.86 21.85 14.76
N LEU D 25 -9.12 21.43 14.85
CA LEU D 25 -10.14 22.13 15.64
C LEU D 25 -10.23 21.60 17.06
N ASP D 26 -10.45 22.51 18.01
CA ASP D 26 -10.56 22.17 19.42
C ASP D 26 -11.94 21.56 19.73
N ARG D 27 -11.95 20.28 20.10
CA ARG D 27 -13.20 19.58 20.40
C ARG D 27 -14.01 20.17 21.56
N PHE D 28 -13.34 20.90 22.44
CA PHE D 28 -14.02 21.50 23.60
C PHE D 28 -14.37 22.99 23.45
N LEU D 29 -13.88 23.59 22.36
CA LEU D 29 -14.13 25.02 22.07
C LEU D 29 -15.60 25.42 21.88
N CYS D 30 -16.30 24.73 20.99
CA CYS D 30 -17.70 25.05 20.70
C CYS D 30 -18.67 23.96 21.11
N THR D 31 -19.97 24.27 21.13
CA THR D 31 -20.97 23.29 21.50
C THR D 31 -21.49 22.62 20.23
N HIS D 32 -21.40 23.35 19.12
CA HIS D 32 -21.84 22.86 17.82
C HIS D 32 -20.82 23.25 16.76
N ILE D 33 -20.51 22.33 15.87
CA ILE D 33 -19.58 22.67 14.79
C ILE D 33 -20.29 22.33 13.48
N ILE D 34 -20.39 23.29 12.58
CA ILE D 34 -21.06 23.06 11.31
C ILE D 34 -20.10 22.98 10.14
N TYR D 35 -20.23 21.92 9.35
CA TYR D 35 -19.38 21.70 8.19
C TYR D 35 -20.01 22.36 6.98
N SER D 36 -19.23 23.20 6.28
CA SER D 36 -19.73 23.90 5.10
C SER D 36 -18.85 23.65 3.87
N PHE D 37 -19.45 23.28 2.75
CA PHE D 37 -20.89 23.09 2.61
C PHE D 37 -21.10 21.78 1.89
N ALA D 38 -22.31 21.24 2.00
CA ALA D 38 -22.68 20.02 1.31
C ALA D 38 -23.45 20.47 0.06
N ASN D 39 -23.34 19.73 -1.03
CA ASN D 39 -24.02 20.10 -2.27
C ASN D 39 -25.33 19.35 -2.45
N ILE D 40 -26.00 19.56 -3.59
CA ILE D 40 -27.23 18.84 -3.90
C ILE D 40 -27.18 18.44 -5.38
N SER D 41 -27.13 17.13 -5.64
CA SER D 41 -27.10 16.59 -7.00
C SER D 41 -28.23 15.60 -7.19
N ASN D 42 -28.96 15.74 -8.30
CA ASN D 42 -30.09 14.86 -8.59
C ASN D 42 -31.05 14.93 -7.42
N ASP D 43 -31.18 16.13 -6.86
CA ASP D 43 -32.08 16.35 -5.73
C ASP D 43 -31.76 15.47 -4.54
N HIS D 44 -30.46 15.21 -4.35
CA HIS D 44 -29.98 14.39 -3.23
C HIS D 44 -28.87 15.14 -2.49
N ILE D 45 -28.89 15.11 -1.17
CA ILE D 45 -27.82 15.75 -0.40
C ILE D 45 -26.57 14.97 -0.81
N ASP D 46 -25.48 15.67 -1.14
CA ASP D 46 -24.26 15.00 -1.60
C ASP D 46 -22.98 15.76 -1.22
N THR D 47 -21.83 15.09 -1.26
CA THR D 47 -20.57 15.75 -0.92
C THR D 47 -20.26 16.82 -1.96
N TRP D 48 -19.31 17.70 -1.62
CA TRP D 48 -18.92 18.79 -2.50
C TRP D 48 -17.44 18.68 -2.86
N GLU D 49 -16.62 18.59 -1.83
CA GLU D 49 -15.17 18.48 -2.02
C GLU D 49 -14.83 17.00 -2.17
N TRP D 50 -13.94 16.70 -3.10
CA TRP D 50 -13.50 15.33 -3.37
C TRP D 50 -13.19 14.51 -2.12
N ASN D 51 -12.72 15.16 -1.06
CA ASN D 51 -12.37 14.47 0.17
C ASN D 51 -13.28 14.74 1.37
N ASP D 52 -14.52 15.15 1.10
CA ASP D 52 -15.45 15.45 2.19
C ASP D 52 -15.57 14.32 3.20
N VAL D 53 -15.87 13.10 2.73
CA VAL D 53 -16.03 11.97 3.62
C VAL D 53 -14.87 11.86 4.60
N THR D 54 -13.65 11.95 4.08
CA THR D 54 -12.46 11.85 4.92
C THR D 54 -12.52 12.94 5.97
N LEU D 55 -12.80 14.17 5.54
CA LEU D 55 -12.88 15.29 6.48
C LEU D 55 -14.08 15.18 7.43
N TYR D 56 -15.16 14.55 6.97
CA TYR D 56 -16.34 14.33 7.81
C TYR D 56 -15.91 13.56 9.04
N GLY D 57 -15.26 12.42 8.81
CA GLY D 57 -14.79 11.59 9.91
C GLY D 57 -13.77 12.30 10.77
N MET D 58 -12.94 13.11 10.13
CA MET D 58 -11.92 13.86 10.84
C MET D 58 -12.63 14.79 11.83
N LEU D 59 -13.73 15.40 11.36
CA LEU D 59 -14.52 16.30 12.20
C LEU D 59 -15.28 15.55 13.27
N ASN D 60 -15.97 14.48 12.88
CA ASN D 60 -16.77 13.70 13.83
C ASN D 60 -15.98 12.92 14.89
N THR D 61 -14.70 12.68 14.64
CA THR D 61 -13.84 11.99 15.61
C THR D 61 -13.76 12.85 16.88
N LEU D 62 -13.82 14.16 16.70
CA LEU D 62 -13.76 15.09 17.82
C LEU D 62 -14.84 14.77 18.85
N LYS D 63 -15.90 14.10 18.42
CA LYS D 63 -16.98 13.75 19.32
C LYS D 63 -16.67 12.58 20.27
N ASN D 64 -15.62 11.83 19.95
CA ASN D 64 -15.23 10.68 20.79
C ASN D 64 -14.95 11.10 22.22
N ARG D 65 -13.98 11.97 22.39
CA ARG D 65 -13.61 12.42 23.72
C ARG D 65 -14.61 13.42 24.30
N ASN D 66 -15.46 13.99 23.44
CA ASN D 66 -16.45 14.96 23.87
C ASN D 66 -17.82 14.61 23.31
N PRO D 67 -18.61 13.84 24.08
CA PRO D 67 -19.96 13.39 23.69
C PRO D 67 -20.97 14.52 23.50
N ASN D 68 -20.79 15.61 24.24
CA ASN D 68 -21.70 16.75 24.15
C ASN D 68 -21.56 17.57 22.88
N LEU D 69 -20.38 17.53 22.26
CA LEU D 69 -20.16 18.27 21.04
C LEU D 69 -21.17 17.79 20.01
N LYS D 70 -21.95 18.71 19.48
CA LYS D 70 -22.95 18.38 18.46
C LYS D 70 -22.36 18.79 17.10
N THR D 71 -22.73 18.08 16.05
CA THR D 71 -22.20 18.35 14.72
C THR D 71 -23.28 18.44 13.66
N LEU D 72 -23.17 19.43 12.78
CA LEU D 72 -24.16 19.59 11.72
C LEU D 72 -23.52 19.77 10.35
N LEU D 73 -24.24 19.37 9.30
CA LEU D 73 -23.74 19.52 7.94
C LEU D 73 -24.55 20.66 7.32
N SER D 74 -23.86 21.64 6.75
CA SER D 74 -24.54 22.78 6.15
C SER D 74 -24.64 22.67 4.64
N VAL D 75 -25.86 22.70 4.13
CA VAL D 75 -26.07 22.59 2.69
C VAL D 75 -26.46 23.95 2.10
N GLY D 76 -25.84 24.27 0.97
CA GLY D 76 -26.12 25.52 0.31
C GLY D 76 -24.79 26.20 0.05
N GLY D 77 -24.60 27.39 0.63
CA GLY D 77 -23.34 28.09 0.41
C GLY D 77 -23.46 29.16 -0.65
N TRP D 78 -22.41 29.94 -0.81
CA TRP D 78 -22.39 31.01 -1.79
C TRP D 78 -22.25 30.52 -3.21
N ASN D 79 -21.36 29.56 -3.42
CA ASN D 79 -21.14 29.03 -4.76
C ASN D 79 -22.22 28.05 -5.18
N PHE D 80 -23.23 27.88 -4.35
CA PHE D 80 -24.29 26.95 -4.72
C PHE D 80 -25.06 27.50 -5.90
N GLY D 81 -25.67 28.66 -5.70
CA GLY D 81 -26.46 29.27 -6.75
C GLY D 81 -27.92 29.21 -6.35
N SER D 82 -28.38 30.25 -5.66
CA SER D 82 -29.76 30.34 -5.19
C SER D 82 -30.76 29.92 -6.27
N GLN D 83 -30.31 29.97 -7.52
CA GLN D 83 -31.12 29.59 -8.66
C GLN D 83 -31.50 28.12 -8.53
N ARG D 84 -30.49 27.28 -8.34
CA ARG D 84 -30.71 25.86 -8.19
C ARG D 84 -31.52 25.57 -6.93
N PHE D 85 -31.08 26.13 -5.81
CA PHE D 85 -31.77 25.92 -4.55
C PHE D 85 -33.25 26.28 -4.66
N SER D 86 -33.55 27.29 -5.46
CA SER D 86 -34.92 27.71 -5.67
C SER D 86 -35.72 26.59 -6.33
N LYS D 87 -35.23 26.13 -7.49
CA LYS D 87 -35.89 25.05 -8.23
C LYS D 87 -36.16 23.85 -7.35
N ILE D 88 -35.10 23.36 -6.71
CA ILE D 88 -35.20 22.20 -5.84
C ILE D 88 -36.31 22.38 -4.81
N ALA D 89 -36.31 23.52 -4.12
CA ALA D 89 -37.31 23.77 -3.10
C ALA D 89 -38.69 24.05 -3.67
N SER D 90 -38.70 24.67 -4.84
CA SER D 90 -39.95 25.01 -5.53
C SER D 90 -40.70 23.78 -6.06
N ASN D 91 -39.96 22.89 -6.72
CA ASN D 91 -40.53 21.67 -7.28
C ASN D 91 -40.89 20.69 -6.17
N THR D 92 -42.14 20.20 -6.20
CA THR D 92 -42.62 19.28 -5.17
C THR D 92 -41.89 17.94 -5.09
N GLN D 93 -41.50 17.37 -6.23
CA GLN D 93 -40.79 16.10 -6.24
C GLN D 93 -39.36 16.30 -5.74
N SER D 94 -38.68 17.28 -6.33
CA SER D 94 -37.30 17.59 -5.94
C SER D 94 -37.21 17.82 -4.44
N ARG D 95 -38.14 18.61 -3.90
CA ARG D 95 -38.14 18.89 -2.48
C ARG D 95 -38.23 17.59 -1.68
N ARG D 96 -39.17 16.72 -2.05
CA ARG D 96 -39.35 15.45 -1.35
C ARG D 96 -38.10 14.57 -1.41
N THR D 97 -37.57 14.40 -2.62
CA THR D 97 -36.37 13.59 -2.83
C THR D 97 -35.26 14.05 -1.90
N PHE D 98 -34.94 15.34 -2.00
CA PHE D 98 -33.89 15.95 -1.20
C PHE D 98 -34.13 15.74 0.30
N ILE D 99 -35.32 16.08 0.76
CA ILE D 99 -35.63 15.91 2.18
C ILE D 99 -35.44 14.45 2.64
N LYS D 100 -35.92 13.52 1.83
CA LYS D 100 -35.82 12.10 2.15
C LYS D 100 -34.39 11.60 2.15
N SER D 101 -33.53 12.25 1.36
CA SER D 101 -32.15 11.83 1.26
C SER D 101 -31.27 12.33 2.40
N VAL D 102 -31.75 13.30 3.17
CA VAL D 102 -30.95 13.86 4.24
C VAL D 102 -30.68 12.97 5.46
N PRO D 103 -31.74 12.48 6.13
CA PRO D 103 -31.51 11.62 7.31
C PRO D 103 -30.52 10.48 7.07
N PRO D 104 -30.68 9.73 5.97
CA PRO D 104 -29.74 8.63 5.69
C PRO D 104 -28.32 9.14 5.66
N PHE D 105 -28.07 10.04 4.72
CA PHE D 105 -26.76 10.66 4.54
C PHE D 105 -26.14 11.14 5.86
N LEU D 106 -26.95 11.74 6.72
CA LEU D 106 -26.45 12.24 7.99
C LEU D 106 -26.02 11.14 8.97
N ARG D 107 -26.88 10.13 9.14
CA ARG D 107 -26.57 9.01 10.03
C ARG D 107 -25.37 8.28 9.45
N THR D 108 -25.37 8.13 8.13
CA THR D 108 -24.29 7.45 7.44
C THR D 108 -22.92 8.08 7.69
N HIS D 109 -22.86 9.40 7.77
CA HIS D 109 -21.57 10.04 7.97
C HIS D 109 -21.29 10.58 9.36
N GLY D 110 -22.19 10.31 10.30
CA GLY D 110 -21.98 10.72 11.68
C GLY D 110 -22.35 12.13 12.07
N PHE D 111 -23.34 12.71 11.41
CA PHE D 111 -23.78 14.06 11.75
C PHE D 111 -24.97 14.04 12.69
N ASP D 112 -25.10 15.08 13.52
CA ASP D 112 -26.22 15.18 14.45
C ASP D 112 -27.37 15.99 13.87
N GLY D 113 -27.12 16.68 12.75
CA GLY D 113 -28.16 17.47 12.13
C GLY D 113 -27.75 18.19 10.86
N LEU D 114 -28.72 18.88 10.27
CA LEU D 114 -28.54 19.63 9.02
C LEU D 114 -28.68 21.12 9.25
N ASP D 115 -27.93 21.89 8.47
CA ASP D 115 -28.00 23.35 8.55
C ASP D 115 -28.30 23.89 7.15
N LEU D 116 -29.41 24.60 7.01
CA LEU D 116 -29.80 25.18 5.74
C LEU D 116 -29.08 26.50 5.52
N ALA D 117 -28.24 26.55 4.49
CA ALA D 117 -27.49 27.74 4.16
C ALA D 117 -27.85 28.18 2.76
N TRP D 118 -29.13 28.45 2.54
CA TRP D 118 -29.60 28.92 1.24
C TRP D 118 -29.28 30.42 1.25
N LEU D 119 -28.24 30.82 0.50
CA LEU D 119 -27.82 32.23 0.49
C LEU D 119 -27.92 32.90 -0.87
N TYR D 120 -29.05 33.54 -1.16
CA TYR D 120 -30.19 33.60 -0.25
C TYR D 120 -31.45 33.46 -1.05
N PRO D 121 -32.56 33.14 -0.36
CA PRO D 121 -33.82 32.99 -1.11
C PRO D 121 -34.17 34.34 -1.74
N GLY D 122 -35.11 34.33 -2.67
CA GLY D 122 -35.53 35.56 -3.32
C GLY D 122 -36.93 35.87 -2.83
N ARG D 123 -37.50 36.99 -3.27
CA ARG D 123 -38.85 37.36 -2.87
C ARG D 123 -39.82 36.25 -3.28
N ARG D 124 -39.52 35.61 -4.40
CA ARG D 124 -40.35 34.54 -4.93
C ARG D 124 -40.26 33.21 -4.18
N ASP D 125 -39.32 33.09 -3.23
CA ASP D 125 -39.16 31.84 -2.51
C ASP D 125 -39.59 31.89 -1.05
N LYS D 126 -40.02 33.06 -0.59
CA LYS D 126 -40.41 33.22 0.81
C LYS D 126 -41.21 32.05 1.36
N GLN D 127 -42.19 31.58 0.58
CA GLN D 127 -43.02 30.46 1.02
C GLN D 127 -42.37 29.11 0.82
N HIS D 128 -41.71 28.92 -0.31
CA HIS D 128 -41.03 27.66 -0.59
C HIS D 128 -40.06 27.39 0.55
N PHE D 129 -39.38 28.44 0.98
CA PHE D 129 -38.40 28.35 2.06
C PHE D 129 -39.09 27.90 3.34
N THR D 130 -40.31 28.39 3.55
CA THR D 130 -41.07 28.01 4.73
C THR D 130 -41.40 26.52 4.63
N THR D 131 -42.04 26.14 3.52
CA THR D 131 -42.42 24.75 3.27
C THR D 131 -41.24 23.82 3.51
N LEU D 132 -40.11 24.12 2.87
CA LEU D 132 -38.91 23.31 3.01
C LEU D 132 -38.55 23.06 4.48
N ILE D 133 -38.36 24.14 5.22
CA ILE D 133 -37.99 24.03 6.62
C ILE D 133 -39.02 23.19 7.38
N LYS D 134 -40.30 23.44 7.11
CA LYS D 134 -41.41 22.73 7.75
C LYS D 134 -41.39 21.22 7.49
N GLU D 135 -41.29 20.85 6.22
CA GLU D 135 -41.27 19.44 5.83
C GLU D 135 -39.99 18.73 6.24
N MET D 136 -38.87 19.44 6.19
CA MET D 136 -37.57 18.87 6.58
C MET D 136 -37.60 18.48 8.05
N LYS D 137 -38.24 19.30 8.88
CA LYS D 137 -38.32 19.02 10.30
C LYS D 137 -39.23 17.80 10.48
N ALA D 138 -40.35 17.78 9.76
CA ALA D 138 -41.30 16.68 9.83
C ALA D 138 -40.55 15.35 9.66
N GLU D 139 -39.79 15.27 8.57
CA GLU D 139 -38.97 14.11 8.24
C GLU D 139 -38.06 13.73 9.40
N PHE D 140 -37.29 14.68 9.92
CA PHE D 140 -36.38 14.43 11.03
C PHE D 140 -37.12 13.79 12.20
N ILE D 141 -38.31 14.32 12.50
CA ILE D 141 -39.14 13.82 13.59
C ILE D 141 -39.56 12.38 13.30
N LYS D 142 -40.00 12.15 12.06
CA LYS D 142 -40.43 10.84 11.63
C LYS D 142 -39.26 9.87 11.85
N GLU D 143 -38.19 10.09 11.08
CA GLU D 143 -36.99 9.26 11.14
C GLU D 143 -36.55 8.88 12.56
N ALA D 144 -36.82 9.73 13.55
CA ALA D 144 -36.42 9.42 14.92
C ALA D 144 -37.58 8.93 15.76
N GLN D 145 -38.80 9.03 15.21
CA GLN D 145 -40.02 8.60 15.90
C GLN D 145 -39.80 7.30 16.67
N PRO D 146 -39.25 6.26 16.01
CA PRO D 146 -39.01 4.98 16.69
C PRO D 146 -38.28 5.10 18.03
N GLY D 147 -37.42 6.11 18.17
CA GLY D 147 -36.69 6.32 19.42
C GLY D 147 -35.24 6.76 19.35
N LYS D 148 -34.80 7.32 18.21
CA LYS D 148 -33.42 7.79 18.06
C LYS D 148 -33.30 9.21 18.57
N LYS D 149 -32.07 9.72 18.60
CA LYS D 149 -31.82 11.09 19.02
C LYS D 149 -32.15 11.90 17.77
N GLN D 150 -33.25 12.67 17.82
CA GLN D 150 -33.71 13.45 16.67
C GLN D 150 -32.65 14.37 16.06
N LEU D 151 -32.57 14.34 14.73
CA LEU D 151 -31.61 15.16 14.02
C LEU D 151 -31.93 16.64 14.19
N LEU D 152 -30.89 17.46 14.33
CA LEU D 152 -31.07 18.90 14.49
C LEU D 152 -31.25 19.60 13.16
N LEU D 153 -32.05 20.67 13.16
CA LEU D 153 -32.28 21.45 11.95
C LEU D 153 -32.09 22.94 12.27
N SER D 154 -31.11 23.54 11.61
CA SER D 154 -30.84 24.96 11.82
C SER D 154 -30.75 25.65 10.47
N ALA D 155 -30.62 26.97 10.49
CA ALA D 155 -30.51 27.73 9.26
C ALA D 155 -29.70 29.00 9.51
N ALA D 156 -28.87 29.35 8.54
CA ALA D 156 -28.07 30.56 8.60
C ALA D 156 -28.91 31.60 7.87
N LEU D 157 -29.27 32.69 8.54
CA LEU D 157 -30.12 33.71 7.91
C LEU D 157 -29.43 35.05 7.75
N SER D 158 -29.80 35.76 6.69
CA SER D 158 -29.24 37.08 6.40
C SER D 158 -29.63 38.05 7.51
N ALA D 159 -28.75 38.99 7.83
CA ALA D 159 -29.04 39.97 8.87
C ALA D 159 -29.46 41.28 8.22
N GLY D 160 -29.48 41.31 6.89
CA GLY D 160 -29.86 42.51 6.17
C GLY D 160 -31.38 42.68 6.12
N LYS D 161 -31.86 43.84 6.56
CA LYS D 161 -33.30 44.10 6.57
C LYS D 161 -34.00 43.84 5.23
N VAL D 162 -33.41 44.32 4.14
CA VAL D 162 -34.03 44.12 2.84
C VAL D 162 -34.33 42.65 2.61
N THR D 163 -33.31 41.82 2.78
CA THR D 163 -33.47 40.38 2.58
C THR D 163 -34.48 39.76 3.56
N ILE D 164 -34.36 40.08 4.83
CA ILE D 164 -35.28 39.53 5.83
C ILE D 164 -36.73 39.83 5.43
N ASP D 165 -37.00 41.05 4.98
CA ASP D 165 -38.36 41.41 4.56
C ASP D 165 -38.85 40.64 3.33
N SER D 166 -37.99 40.50 2.33
CA SER D 166 -38.35 39.81 1.10
C SER D 166 -38.33 38.28 1.14
N SER D 167 -37.34 37.70 1.81
CA SER D 167 -37.20 36.25 1.82
C SER D 167 -37.61 35.43 3.03
N TYR D 168 -37.70 36.02 4.20
CA TYR D 168 -38.04 35.24 5.38
C TYR D 168 -39.38 35.51 6.06
N ASP D 169 -40.01 34.44 6.52
CA ASP D 169 -41.25 34.53 7.27
C ASP D 169 -40.82 34.07 8.64
N ILE D 170 -39.97 34.90 9.26
CA ILE D 170 -39.39 34.63 10.58
C ILE D 170 -40.32 33.91 11.54
N ALA D 171 -41.52 34.45 11.76
CA ALA D 171 -42.49 33.85 12.69
C ALA D 171 -42.75 32.37 12.43
N LYS D 172 -43.13 32.06 11.18
CA LYS D 172 -43.43 30.70 10.75
C LYS D 172 -42.25 29.74 10.89
N ILE D 173 -41.13 30.04 10.24
CA ILE D 173 -39.97 29.16 10.30
C ILE D 173 -39.34 29.00 11.68
N SER D 174 -39.47 30.01 12.54
CA SER D 174 -38.90 29.94 13.88
C SER D 174 -39.47 28.78 14.69
N GLN D 175 -40.65 28.32 14.30
CA GLN D 175 -41.30 27.22 15.00
C GLN D 175 -40.58 25.93 14.72
N HIS D 176 -40.37 25.65 13.44
CA HIS D 176 -39.73 24.43 12.99
C HIS D 176 -38.21 24.31 13.20
N LEU D 177 -37.48 25.42 13.16
CA LEU D 177 -36.03 25.39 13.35
C LEU D 177 -35.68 25.19 14.81
N ASP D 178 -34.58 24.51 15.08
CA ASP D 178 -34.15 24.30 16.47
C ASP D 178 -33.36 25.52 16.88
N PHE D 179 -32.75 26.17 15.91
CA PHE D 179 -32.01 27.38 16.16
C PHE D 179 -31.68 28.07 14.85
N ILE D 180 -31.54 29.39 14.93
CA ILE D 180 -31.23 30.24 13.79
C ILE D 180 -29.95 31.02 14.00
N SER D 181 -29.08 31.01 13.00
CA SER D 181 -27.85 31.77 13.11
C SER D 181 -28.01 33.01 12.25
N ILE D 182 -28.08 34.17 12.90
CA ILE D 182 -28.25 35.42 12.19
C ILE D 182 -26.88 36.00 11.81
N MET D 183 -26.61 36.01 10.51
CA MET D 183 -25.34 36.47 9.99
C MET D 183 -25.13 37.99 10.12
N THR D 184 -24.95 38.43 11.35
CA THR D 184 -24.76 39.82 11.65
C THR D 184 -23.37 40.40 11.41
N TYR D 185 -23.03 40.51 10.12
CA TYR D 185 -21.75 41.04 9.65
C TYR D 185 -21.96 41.30 8.15
N ASP D 186 -20.91 41.77 7.45
CA ASP D 186 -21.03 42.12 6.03
C ASP D 186 -22.05 43.26 5.86
N PHE D 187 -22.10 44.15 6.83
CA PHE D 187 -23.05 45.25 6.77
C PHE D 187 -22.55 46.38 5.89
N HIS D 188 -21.25 46.33 5.62
CA HIS D 188 -20.62 47.36 4.82
C HIS D 188 -19.55 46.74 3.95
N GLY D 189 -19.18 47.42 2.88
CA GLY D 189 -18.15 46.91 1.99
C GLY D 189 -17.64 47.96 1.00
N ALA D 190 -16.66 47.56 0.19
CA ALA D 190 -16.07 48.45 -0.79
C ALA D 190 -17.15 48.93 -1.76
N TRP D 191 -18.21 48.13 -1.88
CA TRP D 191 -19.34 48.42 -2.75
C TRP D 191 -20.20 49.61 -2.31
N ARG D 192 -19.63 50.46 -1.46
CA ARG D 192 -20.34 51.63 -0.94
C ARG D 192 -19.47 52.88 -1.02
N GLY D 193 -18.28 52.73 -1.57
CA GLY D 193 -17.37 53.83 -1.78
C GLY D 193 -16.76 54.55 -0.58
N THR D 194 -17.05 54.08 0.62
CA THR D 194 -16.50 54.71 1.82
C THR D 194 -16.11 53.65 2.82
N THR D 195 -15.22 53.99 3.74
CA THR D 195 -14.83 53.03 4.76
C THR D 195 -16.02 52.87 5.69
N GLY D 196 -16.12 51.70 6.32
CA GLY D 196 -17.19 51.45 7.24
C GLY D 196 -17.02 50.08 7.87
N HIS D 197 -17.29 49.96 9.15
CA HIS D 197 -17.15 48.68 9.82
C HIS D 197 -18.26 47.76 9.34
N HIS D 198 -17.91 46.54 8.98
CA HIS D 198 -18.91 45.61 8.45
C HIS D 198 -19.68 44.85 9.53
N SER D 199 -19.29 45.01 10.78
CA SER D 199 -20.00 44.31 11.84
C SER D 199 -20.11 45.13 13.11
N PRO D 200 -20.77 46.29 13.03
CA PRO D 200 -20.90 47.12 14.22
C PRO D 200 -21.99 46.57 15.13
N LEU D 201 -21.83 46.81 16.43
CA LEU D 201 -22.81 46.34 17.40
C LEU D 201 -24.05 47.24 17.31
N PHE D 202 -23.84 48.55 17.44
CA PHE D 202 -24.92 49.52 17.34
C PHE D 202 -24.68 50.43 16.14
N ARG D 203 -25.64 51.28 15.82
CA ARG D 203 -25.51 52.20 14.69
C ARG D 203 -24.39 53.22 14.87
N GLY D 204 -24.25 53.74 16.07
CA GLY D 204 -23.22 54.73 16.31
C GLY D 204 -23.62 56.10 15.83
N GLN D 205 -22.65 56.99 15.66
CA GLN D 205 -22.90 58.36 15.23
C GLN D 205 -23.94 58.42 14.15
N GLU D 206 -25.05 59.06 14.48
CA GLU D 206 -26.18 59.18 13.60
C GLU D 206 -25.80 59.81 12.26
N ASP D 207 -24.94 60.85 12.32
CA ASP D 207 -24.45 61.56 11.14
C ASP D 207 -23.78 60.66 10.09
N ALA D 208 -22.77 59.93 10.56
CA ALA D 208 -21.94 59.05 9.75
C ALA D 208 -22.54 57.82 9.10
N SER D 209 -23.84 57.61 9.18
CA SER D 209 -24.38 56.39 8.57
C SER D 209 -25.58 56.53 7.69
N PRO D 210 -25.66 55.66 6.67
CA PRO D 210 -26.77 55.65 5.72
C PRO D 210 -27.99 55.01 6.37
N ASP D 211 -27.90 53.70 6.60
CA ASP D 211 -28.96 52.90 7.20
C ASP D 211 -29.14 53.10 8.68
N ARG D 212 -30.27 52.65 9.15
CA ARG D 212 -30.58 52.68 10.57
C ARG D 212 -30.54 51.19 10.88
N PHE D 213 -30.30 50.39 9.84
CA PHE D 213 -30.30 48.95 9.98
C PHE D 213 -28.99 48.20 9.77
N SER D 214 -28.02 48.79 9.09
CA SER D 214 -26.79 48.04 8.87
C SER D 214 -25.91 47.89 10.11
N ASN D 215 -26.44 47.23 11.12
CA ASN D 215 -25.71 47.01 12.36
C ASN D 215 -26.32 45.82 13.13
N THR D 216 -25.53 45.21 13.99
CA THR D 216 -25.99 44.07 14.74
C THR D 216 -27.27 44.32 15.54
N ASP D 217 -27.21 45.28 16.46
CA ASP D 217 -28.36 45.59 17.31
C ASP D 217 -29.68 45.66 16.56
N TYR D 218 -29.72 46.41 15.47
CA TYR D 218 -30.96 46.50 14.71
C TYR D 218 -31.51 45.17 14.25
N ALA D 219 -30.65 44.38 13.60
CA ALA D 219 -31.04 43.08 13.07
C ALA D 219 -31.60 42.18 14.15
N VAL D 220 -30.87 42.03 15.26
CA VAL D 220 -31.32 41.19 16.36
C VAL D 220 -32.73 41.60 16.77
N GLY D 221 -32.88 42.86 17.17
CA GLY D 221 -34.19 43.36 17.58
C GLY D 221 -35.25 43.22 16.51
N TYR D 222 -34.94 43.58 15.26
CA TYR D 222 -35.93 43.46 14.21
C TYR D 222 -36.39 42.02 14.11
N MET D 223 -35.44 41.09 14.18
CA MET D 223 -35.75 39.67 14.07
C MET D 223 -36.53 39.15 15.27
N LEU D 224 -36.22 39.64 16.45
CA LEU D 224 -36.93 39.24 17.66
C LEU D 224 -38.38 39.68 17.57
N ARG D 225 -38.59 40.86 17.01
CA ARG D 225 -39.92 41.44 16.87
C ARG D 225 -40.74 40.75 15.76
N LEU D 226 -40.06 40.26 14.73
CA LEU D 226 -40.74 39.58 13.65
C LEU D 226 -41.28 38.22 14.13
N GLY D 227 -40.93 37.85 15.37
CA GLY D 227 -41.40 36.59 15.91
C GLY D 227 -40.36 35.52 16.22
N ALA D 228 -39.08 35.84 16.07
CA ALA D 228 -38.05 34.85 16.37
C ALA D 228 -37.80 34.80 17.87
N PRO D 229 -38.05 33.65 18.50
CA PRO D 229 -37.83 33.51 19.94
C PRO D 229 -36.36 33.72 20.30
N ALA D 230 -36.11 34.48 21.35
CA ALA D 230 -34.74 34.76 21.77
C ALA D 230 -33.97 33.48 22.07
N SER D 231 -34.68 32.51 22.62
CA SER D 231 -34.08 31.23 22.98
C SER D 231 -33.62 30.43 21.75
N LYS D 232 -34.14 30.80 20.59
CA LYS D 232 -33.78 30.12 19.35
C LYS D 232 -32.90 30.98 18.45
N LEU D 233 -32.44 32.12 18.98
CA LEU D 233 -31.65 33.02 18.16
C LEU D 233 -30.16 33.08 18.54
N VAL D 234 -29.32 32.74 17.57
CA VAL D 234 -27.87 32.75 17.77
C VAL D 234 -27.29 33.90 16.97
N MET D 235 -26.53 34.76 17.64
CA MET D 235 -25.96 35.94 17.02
C MET D 235 -24.58 35.71 16.43
N GLY D 236 -24.45 35.93 15.13
CA GLY D 236 -23.17 35.71 14.47
C GLY D 236 -22.11 36.76 14.73
N ILE D 237 -20.89 36.32 14.99
CA ILE D 237 -19.74 37.19 15.24
C ILE D 237 -18.69 36.75 14.23
N PRO D 238 -18.08 37.70 13.50
CA PRO D 238 -17.07 37.32 12.50
C PRO D 238 -15.64 37.28 13.02
N THR D 239 -14.87 36.29 12.59
CA THR D 239 -13.47 36.21 12.98
C THR D 239 -12.64 36.72 11.80
N PHE D 240 -13.29 37.47 10.92
CA PHE D 240 -12.62 38.04 9.76
C PHE D 240 -13.04 39.49 9.66
N GLY D 241 -12.27 40.29 8.93
CA GLY D 241 -12.63 41.68 8.75
C GLY D 241 -12.77 42.03 7.29
N ARG D 242 -13.48 43.12 6.98
CA ARG D 242 -13.63 43.57 5.60
C ARG D 242 -12.66 44.72 5.41
N SER D 243 -11.88 44.67 4.33
CA SER D 243 -10.88 45.68 4.08
C SER D 243 -11.18 46.65 2.92
N PHE D 244 -10.49 47.78 2.94
CA PHE D 244 -10.63 48.80 1.91
C PHE D 244 -9.30 49.42 1.59
N THR D 245 -9.18 49.96 0.39
CA THR D 245 -7.97 50.65 0.00
C THR D 245 -8.28 52.14 0.02
N LEU D 246 -7.66 52.86 0.96
CA LEU D 246 -7.86 54.29 1.12
C LEU D 246 -7.46 55.08 -0.13
N ALA D 247 -8.17 56.18 -0.38
CA ALA D 247 -7.89 57.03 -1.53
C ALA D 247 -7.28 58.39 -1.16
N SER D 248 -7.19 58.69 0.12
CA SER D 248 -6.62 59.97 0.57
C SER D 248 -5.91 59.78 1.89
N SER D 249 -5.60 60.90 2.55
CA SER D 249 -4.92 60.85 3.83
C SER D 249 -5.93 60.64 4.96
N GLU D 250 -7.21 60.60 4.61
CA GLU D 250 -8.27 60.39 5.60
C GLU D 250 -8.37 58.92 5.96
N THR D 251 -8.37 58.62 7.25
CA THR D 251 -8.41 57.23 7.70
C THR D 251 -9.54 56.91 8.68
N GLY D 252 -10.47 57.84 8.86
CA GLY D 252 -11.56 57.60 9.78
C GLY D 252 -12.76 56.94 9.11
N VAL D 253 -13.82 56.72 9.89
CA VAL D 253 -15.01 56.10 9.34
C VAL D 253 -15.60 57.00 8.25
N GLY D 254 -15.96 56.39 7.12
CA GLY D 254 -16.55 57.16 6.04
C GLY D 254 -15.56 57.83 5.11
N ALA D 255 -14.27 57.53 5.27
CA ALA D 255 -13.25 58.12 4.41
C ALA D 255 -13.35 57.51 3.01
N PRO D 256 -12.84 58.22 2.00
CA PRO D 256 -12.84 57.80 0.60
C PRO D 256 -11.98 56.57 0.34
N ILE D 257 -12.47 55.66 -0.48
CA ILE D 257 -11.72 54.45 -0.82
C ILE D 257 -11.72 54.29 -2.34
N SER D 258 -10.79 53.51 -2.84
CA SER D 258 -10.71 53.29 -4.27
C SER D 258 -11.18 51.87 -4.57
N GLY D 259 -11.48 51.12 -3.54
CA GLY D 259 -11.95 49.75 -3.73
C GLY D 259 -11.61 48.89 -2.55
N PRO D 260 -11.80 47.56 -2.65
CA PRO D 260 -11.49 46.65 -1.54
C PRO D 260 -10.01 46.67 -1.15
N GLY D 261 -9.70 46.16 0.04
CA GLY D 261 -8.33 46.13 0.51
C GLY D 261 -7.49 45.08 -0.22
N ILE D 262 -6.18 45.17 -0.05
CA ILE D 262 -5.24 44.22 -0.69
C ILE D 262 -5.49 42.84 -0.10
N PRO D 263 -5.53 41.80 -0.95
CA PRO D 263 -5.78 40.42 -0.50
C PRO D 263 -4.84 40.00 0.62
N GLY D 264 -5.37 39.15 1.50
CA GLY D 264 -4.56 38.66 2.60
C GLY D 264 -3.59 37.65 2.05
N ARG D 265 -2.47 37.49 2.71
CA ARG D 265 -1.44 36.55 2.28
C ARG D 265 -1.96 35.11 2.18
N PHE D 266 -2.85 34.71 3.08
CA PHE D 266 -3.39 33.34 3.07
C PHE D 266 -4.81 33.15 2.55
N THR D 267 -5.67 34.17 2.66
CA THR D 267 -7.03 34.02 2.19
C THR D 267 -7.22 34.47 0.74
N LYS D 268 -6.21 35.15 0.21
CA LYS D 268 -6.21 35.61 -1.17
C LYS D 268 -7.57 36.04 -1.72
N GLU D 269 -8.09 37.15 -1.22
CA GLU D 269 -9.37 37.68 -1.67
C GLU D 269 -9.56 39.13 -1.25
N ALA D 270 -9.53 40.02 -2.22
CA ALA D 270 -9.68 41.44 -1.95
C ALA D 270 -10.88 41.74 -1.03
N GLY D 271 -10.66 42.61 -0.06
CA GLY D 271 -11.71 42.99 0.86
C GLY D 271 -11.87 42.09 2.06
N THR D 272 -11.05 41.05 2.14
CA THR D 272 -11.15 40.13 3.26
C THR D 272 -9.79 39.87 3.91
N LEU D 273 -9.81 39.66 5.21
CA LEU D 273 -8.59 39.35 5.95
C LEU D 273 -9.04 38.51 7.14
N ALA D 274 -8.36 37.38 7.34
CA ALA D 274 -8.71 36.51 8.46
C ALA D 274 -8.13 37.19 9.69
N TYR D 275 -8.71 36.91 10.86
CA TYR D 275 -8.21 37.55 12.06
C TYR D 275 -6.70 37.33 12.21
N TYR D 276 -6.21 36.14 11.84
CA TYR D 276 -4.78 35.90 11.98
C TYR D 276 -4.00 36.75 10.98
N GLU D 277 -4.57 37.02 9.82
CA GLU D 277 -3.89 37.85 8.84
C GLU D 277 -3.88 39.27 9.38
N ILE D 278 -4.93 39.62 10.13
CA ILE D 278 -5.04 40.94 10.72
C ILE D 278 -3.97 41.14 11.79
N CYS D 279 -3.72 40.10 12.58
CA CYS D 279 -2.70 40.19 13.62
C CYS D 279 -1.37 40.60 13.00
N ASP D 280 -1.10 40.16 11.78
CA ASP D 280 0.13 40.53 11.13
C ASP D 280 0.00 41.99 10.75
N PHE D 281 -1.17 42.32 10.20
CA PHE D 281 -1.46 43.68 9.77
C PHE D 281 -1.28 44.67 10.91
N LEU D 282 -1.77 44.31 12.08
CA LEU D 282 -1.70 45.20 13.25
C LEU D 282 -0.28 45.65 13.58
N ARG D 283 0.69 44.81 13.28
CA ARG D 283 2.08 45.16 13.57
C ARG D 283 2.44 46.40 12.78
N GLY D 284 2.59 47.51 13.50
CA GLY D 284 2.95 48.76 12.86
C GLY D 284 1.74 49.55 12.41
N ALA D 285 0.56 49.01 12.71
CA ALA D 285 -0.68 49.67 12.33
C ALA D 285 -1.25 50.45 13.51
N THR D 286 -2.35 51.13 13.27
CA THR D 286 -3.00 51.91 14.31
C THR D 286 -4.45 51.49 14.48
N VAL D 287 -4.80 51.09 15.69
CA VAL D 287 -6.15 50.65 15.98
C VAL D 287 -6.99 51.75 16.60
N HIS D 288 -8.22 51.90 16.09
CA HIS D 288 -9.15 52.92 16.56
C HIS D 288 -10.44 52.27 17.02
N ARG D 289 -10.81 52.53 18.26
CA ARG D 289 -12.03 51.99 18.80
C ARG D 289 -13.13 52.92 18.34
N ILE D 290 -14.09 52.40 17.57
CA ILE D 290 -15.19 53.23 17.08
C ILE D 290 -16.24 53.44 18.16
N LEU D 291 -16.21 54.60 18.82
CA LEU D 291 -17.18 54.91 19.86
C LEU D 291 -18.57 54.80 19.27
N GLY D 292 -19.48 54.20 20.02
CA GLY D 292 -20.83 54.11 19.50
C GLY D 292 -21.13 52.79 18.81
N GLN D 293 -20.13 52.22 18.15
CA GLN D 293 -20.33 50.96 17.48
C GLN D 293 -19.71 49.81 18.27
N GLN D 294 -18.83 50.14 19.22
CA GLN D 294 -18.18 49.15 20.08
C GLN D 294 -17.24 48.20 19.36
N VAL D 295 -16.84 48.53 18.14
CA VAL D 295 -15.94 47.68 17.37
C VAL D 295 -14.72 48.47 16.91
N PRO D 296 -13.61 47.76 16.65
CA PRO D 296 -12.40 48.45 16.20
C PRO D 296 -12.11 48.32 14.73
N TYR D 297 -11.30 49.24 14.23
CA TYR D 297 -10.87 49.20 12.84
C TYR D 297 -9.40 49.54 12.93
N ALA D 298 -8.60 49.01 12.02
CA ALA D 298 -7.18 49.28 12.04
C ALA D 298 -6.79 49.84 10.68
N THR D 299 -5.82 50.73 10.69
CA THR D 299 -5.36 51.30 9.44
C THR D 299 -3.84 51.46 9.47
N LYS D 300 -3.24 51.25 8.31
CA LYS D 300 -1.80 51.33 8.17
C LYS D 300 -1.58 51.58 6.69
N GLY D 301 -0.86 52.64 6.36
CA GLY D 301 -0.64 52.94 4.96
C GLY D 301 -1.99 53.19 4.30
N ASN D 302 -2.17 52.69 3.08
CA ASN D 302 -3.42 52.91 2.36
C ASN D 302 -4.43 51.78 2.54
N GLN D 303 -4.30 51.04 3.64
CA GLN D 303 -5.20 49.94 3.96
C GLN D 303 -6.03 50.24 5.20
N TRP D 304 -7.29 49.80 5.17
CA TRP D 304 -8.23 50.03 6.25
C TRP D 304 -9.02 48.74 6.44
N VAL D 305 -9.13 48.26 7.67
CA VAL D 305 -9.88 47.04 7.90
C VAL D 305 -10.69 47.10 9.18
N GLY D 306 -11.98 46.80 9.05
CA GLY D 306 -12.87 46.78 10.20
C GLY D 306 -13.00 45.32 10.60
N TYR D 307 -12.86 45.04 11.89
CA TYR D 307 -12.93 43.66 12.34
C TYR D 307 -13.35 43.58 13.79
N ASP D 308 -13.27 42.38 14.35
CA ASP D 308 -13.60 42.13 15.75
C ASP D 308 -12.37 41.58 16.48
N ASP D 309 -12.28 41.85 17.77
CA ASP D 309 -11.17 41.35 18.58
C ASP D 309 -11.69 40.98 19.97
N GLN D 310 -10.81 40.47 20.82
CA GLN D 310 -11.25 40.06 22.15
C GLN D 310 -12.21 41.04 22.81
N GLU D 311 -11.81 42.31 22.85
CA GLU D 311 -12.64 43.32 23.48
C GLU D 311 -14.02 43.45 22.84
N SER D 312 -14.07 43.54 21.52
CA SER D 312 -15.35 43.70 20.88
C SER D 312 -16.25 42.47 20.96
N VAL D 313 -15.68 41.27 20.80
CA VAL D 313 -16.52 40.07 20.88
C VAL D 313 -17.09 39.95 22.30
N LYS D 314 -16.31 40.37 23.27
CA LYS D 314 -16.75 40.33 24.67
C LYS D 314 -18.00 41.21 24.81
N SER D 315 -17.93 42.43 24.30
CA SER D 315 -19.06 43.35 24.33
C SER D 315 -20.26 42.73 23.64
N LYS D 316 -20.01 42.11 22.49
CA LYS D 316 -21.08 41.49 21.72
C LYS D 316 -21.74 40.33 22.48
N VAL D 317 -20.94 39.55 23.22
CA VAL D 317 -21.51 38.45 23.98
C VAL D 317 -22.35 39.10 25.08
N GLN D 318 -21.77 40.12 25.71
CA GLN D 318 -22.44 40.87 26.76
C GLN D 318 -23.84 41.26 26.26
N TYR D 319 -23.86 41.86 25.08
CA TYR D 319 -25.08 42.31 24.44
C TYR D 319 -26.10 41.19 24.27
N LEU D 320 -25.67 40.06 23.70
CA LEU D 320 -26.59 38.95 23.46
C LEU D 320 -27.13 38.32 24.73
N LYS D 321 -26.29 38.21 25.76
CA LYS D 321 -26.75 37.65 27.03
C LYS D 321 -27.79 38.60 27.59
N ASP D 322 -27.50 39.90 27.55
CA ASP D 322 -28.44 40.90 28.03
C ASP D 322 -29.73 40.84 27.23
N ARG D 323 -29.66 40.23 26.05
CA ARG D 323 -30.84 40.09 25.20
C ARG D 323 -31.46 38.71 25.38
N GLN D 324 -30.81 37.88 26.18
CA GLN D 324 -31.29 36.53 26.45
C GLN D 324 -31.42 35.71 25.15
N LEU D 325 -30.34 35.64 24.40
CA LEU D 325 -30.32 34.90 23.16
C LEU D 325 -29.75 33.51 23.39
N ALA D 326 -29.96 32.60 22.44
CA ALA D 326 -29.48 31.24 22.55
C ALA D 326 -27.96 31.13 22.65
N GLY D 327 -27.27 32.11 22.07
CA GLY D 327 -25.82 32.11 22.12
C GLY D 327 -25.20 32.84 20.94
N ALA D 328 -23.93 32.57 20.70
CA ALA D 328 -23.21 33.21 19.61
C ALA D 328 -22.85 32.24 18.50
N MET D 329 -22.79 32.74 17.27
CA MET D 329 -22.39 31.92 16.13
C MET D 329 -21.10 32.55 15.63
N VAL D 330 -20.14 31.70 15.27
CA VAL D 330 -18.85 32.19 14.78
C VAL D 330 -18.56 31.79 13.34
N TRP D 331 -18.13 32.76 12.55
CA TRP D 331 -17.77 32.51 11.17
C TRP D 331 -16.42 33.15 10.90
N ALA D 332 -15.36 32.35 10.76
CA ALA D 332 -15.44 30.90 10.88
C ALA D 332 -14.19 30.42 11.63
N LEU D 333 -14.22 29.17 12.11
CA LEU D 333 -13.10 28.64 12.85
C LEU D 333 -11.77 28.72 12.10
N ASP D 334 -11.82 28.60 10.78
CA ASP D 334 -10.60 28.66 10.00
C ASP D 334 -10.11 30.07 9.74
N LEU D 335 -10.83 31.07 10.23
CA LEU D 335 -10.41 32.45 10.02
C LEU D 335 -9.87 33.03 11.31
N ASP D 336 -10.09 32.34 12.41
CA ASP D 336 -9.60 32.75 13.73
C ASP D 336 -8.15 32.26 13.72
N ASP D 337 -7.31 32.76 14.63
CA ASP D 337 -5.93 32.31 14.69
C ASP D 337 -5.96 30.87 15.25
N PHE D 338 -6.23 29.90 14.37
CA PHE D 338 -6.33 28.50 14.80
C PHE D 338 -4.97 27.83 15.05
N GLN D 339 -3.90 28.45 14.57
CA GLN D 339 -2.56 27.93 14.80
C GLN D 339 -2.09 28.49 16.13
N GLY D 340 -2.54 29.71 16.43
CA GLY D 340 -2.17 30.37 17.67
C GLY D 340 -0.78 30.98 17.53
N SER D 341 -0.26 30.90 16.31
CA SER D 341 1.07 31.41 16.01
C SER D 341 1.13 32.86 15.56
N PHE D 342 0.06 33.35 14.95
CA PHE D 342 0.05 34.72 14.44
C PHE D 342 -0.15 35.86 15.42
N CYS D 343 -1.11 35.71 16.32
CA CYS D 343 -1.39 36.77 17.27
C CYS D 343 -0.56 36.70 18.54
N GLY D 344 0.48 35.86 18.52
CA GLY D 344 1.32 35.70 19.69
C GLY D 344 0.56 34.99 20.80
N GLN D 345 1.13 34.98 22.00
CA GLN D 345 0.49 34.31 23.14
C GLN D 345 0.39 32.82 22.89
N ASP D 346 0.67 32.41 21.65
CA ASP D 346 0.58 31.02 21.27
C ASP D 346 -0.83 30.48 21.50
N LEU D 347 -1.69 31.32 22.08
CA LEU D 347 -3.07 30.92 22.36
C LEU D 347 -3.81 30.62 21.05
N ARG D 348 -4.53 29.50 21.02
CA ARG D 348 -5.27 29.10 19.83
C ARG D 348 -6.70 29.63 19.87
N PHE D 349 -7.26 29.91 18.70
CA PHE D 349 -8.61 30.42 18.58
C PHE D 349 -8.90 31.56 19.55
N PRO D 350 -8.06 32.61 19.55
CA PRO D 350 -8.23 33.76 20.45
C PRO D 350 -9.61 34.40 20.47
N LEU D 351 -10.18 34.66 19.30
CA LEU D 351 -11.51 35.26 19.25
C LEU D 351 -12.58 34.32 19.77
N THR D 352 -12.58 33.09 19.26
CA THR D 352 -13.57 32.12 19.65
C THR D 352 -13.48 31.80 21.13
N ASN D 353 -12.26 31.59 21.63
CA ASN D 353 -12.09 31.31 23.05
C ASN D 353 -12.57 32.50 23.87
N ALA D 354 -12.32 33.70 23.37
CA ALA D 354 -12.76 34.92 24.04
C ALA D 354 -14.29 34.87 24.16
N ILE D 355 -14.95 34.50 23.06
CA ILE D 355 -16.41 34.42 23.05
C ILE D 355 -16.90 33.37 24.04
N LYS D 356 -16.25 32.21 24.04
CA LYS D 356 -16.63 31.13 24.92
C LYS D 356 -16.48 31.56 26.38
N ASP D 357 -15.38 32.26 26.68
CA ASP D 357 -15.16 32.72 28.05
C ASP D 357 -16.26 33.67 28.49
N ALA D 358 -16.54 34.69 27.68
CA ALA D 358 -17.56 35.67 27.97
C ALA D 358 -18.90 35.01 28.24
N LEU D 359 -19.23 33.98 27.47
CA LEU D 359 -20.50 33.27 27.64
C LEU D 359 -20.64 32.59 28.99
N ALA D 360 -19.54 32.07 29.51
CA ALA D 360 -19.55 31.39 30.81
C ALA D 360 -19.42 32.38 31.97
N ALA D 361 -18.84 33.54 31.67
CA ALA D 361 -18.63 34.60 32.66
C ALA D 361 -19.90 35.08 33.37
N THR D 362 -19.70 35.80 34.48
CA THR D 362 -20.78 36.36 35.28
C THR D 362 -21.66 35.30 35.92
C1 NAG E . 46.37 -5.70 21.58
C2 NAG E . 45.58 -4.50 22.09
C3 NAG E . 46.35 -3.75 23.17
C4 NAG E . 46.78 -4.72 24.29
C5 NAG E . 47.53 -5.89 23.67
C6 NAG E . 47.93 -6.93 24.72
C7 NAG E . 44.03 -3.43 20.60
C8 NAG E . 43.65 -2.04 20.11
N2 NAG E . 45.29 -3.59 21.00
O3 NAG E . 45.55 -2.71 23.71
O4 NAG E . 47.64 -4.03 25.21
O5 NAG E . 46.73 -6.56 22.68
O6 NAG E . 46.88 -7.85 24.97
O7 NAG E . 43.20 -4.34 20.62
C1 NAG E . 47.16 -3.81 26.49
C2 NAG E . 48.34 -3.76 27.45
C3 NAG E . 47.87 -3.40 28.87
C4 NAG E . 47.03 -2.13 28.86
C5 NAG E . 45.92 -2.21 27.79
C6 NAG E . 45.17 -0.90 27.61
C7 NAG E . 50.28 -5.11 27.04
C8 NAG E . 51.31 -5.61 28.02
N2 NAG E . 49.03 -5.03 27.46
O3 NAG E . 49.00 -3.22 29.71
O4 NAG E . 46.46 -1.93 30.15
O5 NAG E . 46.48 -2.55 26.49
O6 NAG E . 45.77 -0.09 26.61
O7 NAG E . 50.62 -4.75 25.90
C1 NDG F . 40.69 4.83 17.10
C2 NDG F . 40.10 3.68 17.93
C3 NDG F . 38.63 3.42 17.55
C4 NDG F . 37.81 4.72 17.65
C5 NDG F . 38.51 5.83 16.82
C6 NDG F . 37.82 7.19 16.94
C7 NDG F . 41.52 1.92 18.76
C8 NDG F . 41.29 0.44 19.04
O5 NDG F . 39.89 6.02 17.25
O3 NDG F . 38.08 2.45 18.44
O4 NDG F . 36.46 4.50 17.14
O6 NDG F . 38.54 8.22 16.27
O7 NDG F . 42.26 2.57 19.48
N2 NDG F . 40.87 2.47 17.73
O1 NDG F . 40.72 4.48 15.76
C1 NAG F . 35.39 4.52 18.05
C2 NAG F . 34.05 4.40 17.27
C3 NAG F . 32.86 4.11 18.19
C4 NAG F . 33.18 2.93 19.10
C5 NAG F . 34.45 3.26 19.89
C6 NAG F . 34.83 2.18 20.91
C7 NAG F . 33.70 5.63 15.20
C8 NAG F . 34.21 6.87 14.48
N2 NAG F . 33.78 5.63 16.53
O3 NAG F . 31.70 3.82 17.43
O4 NAG F . 32.09 2.68 19.98
O5 NAG F . 35.57 3.42 18.98
O6 NAG F . 35.50 1.10 20.29
O7 NAG F . 33.23 4.67 14.55
C1 NAG G . -12.15 6.88 -21.25
C2 NAG G . -12.41 6.74 -19.77
C3 NAG G . -13.89 6.50 -19.56
C4 NAG G . -14.69 7.66 -20.17
C5 NAG G . -14.27 7.92 -21.63
C6 NAG G . -14.84 9.23 -22.13
C7 NAG G . -10.88 5.83 -18.16
C8 NAG G . -10.90 4.74 -17.09
N2 NAG G . -11.64 5.64 -19.24
O3 NAG G . -14.16 6.42 -18.17
O4 NAG G . -16.09 7.35 -20.12
O5 NAG G . -12.83 8.04 -21.75
O6 NAG G . -15.13 9.17 -23.52
O7 NAG G . -10.20 6.85 -18.00
C1 NAG G . -16.90 8.29 -19.52
C2 NAG G . -18.27 8.35 -20.23
C3 NAG G . -19.22 9.29 -19.48
C4 NAG G . -19.32 8.85 -18.01
C5 NAG G . -17.91 8.85 -17.41
C6 NAG G . -17.88 8.44 -15.94
C7 NAG G . -18.76 8.26 -22.60
C8 NAG G . -19.95 9.04 -23.17
N2 NAG G . -18.09 8.81 -21.60
O3 NAG G . -20.51 9.27 -20.07
O4 NAG G . -20.17 9.74 -17.30
O5 NAG G . -17.06 7.92 -18.13
O6 NAG G . -17.67 7.04 -15.79
O7 NAG G . -18.46 7.17 -23.11
C1 NAG H . -9.66 -0.66 -11.07
C2 NAG H . -9.53 0.89 -11.05
C3 NAG H . -8.43 1.32 -10.07
C4 NAG H . -8.61 0.66 -8.67
C5 NAG H . -8.76 -0.87 -8.86
C6 NAG H . -9.00 -1.64 -7.58
C7 NAG H . -10.15 1.63 -13.27
C8 NAG H . -10.04 0.88 -14.59
N2 NAG H . -9.20 1.40 -12.37
O1 NAG H . -10.73 -1.04 -11.84
O3 NAG H . -8.43 2.73 -9.95
O4 NAG H . -7.44 0.91 -7.87
O5 NAG H . -9.88 -1.14 -9.74
O6 NAG H . -8.70 -3.02 -7.76
O7 NAG H . -11.08 2.41 -13.09
C1 NAG H . -7.47 1.89 -6.89
C2 NAG H . -6.16 1.82 -6.10
C3 NAG H . -6.04 2.99 -5.11
C4 NAG H . -6.25 4.32 -5.85
C5 NAG H . -7.57 4.30 -6.62
C6 NAG H . -7.73 5.55 -7.47
C7 NAG H . -5.17 -0.36 -5.80
C8 NAG H . -5.29 -1.76 -5.20
N2 NAG H . -6.06 0.55 -5.40
O3 NAG H . -4.75 2.97 -4.52
O4 NAG H . -6.25 5.38 -4.91
O5 NAG H . -7.60 3.17 -7.54
O6 NAG H . -9.08 5.73 -7.91
O7 NAG H . -4.28 -0.12 -6.61
C1 NAG I . -35.76 -10.60 -1.41
C2 NAG I . -37.26 -10.41 -1.55
C3 NAG I . -37.80 -11.28 -2.68
C4 NAG I . -36.99 -11.07 -3.99
C5 NAG I . -35.49 -11.20 -3.71
C6 NAG I . -34.60 -10.88 -4.91
C7 NAG I . -38.60 -9.84 0.36
C8 NAG I . -39.90 -10.30 1.00
N2 NAG I . -37.91 -10.75 -0.31
O3 NAG I . -39.17 -10.95 -2.91
O4 NAG I . -37.38 -12.08 -4.95
O5 NAG I . -35.09 -10.31 -2.64
O6 NAG I . -34.71 -9.50 -5.27
O7 NAG I . -38.23 -8.67 0.49
C1 NAG I . -38.04 -11.65 -6.10
C2 NAG I . -37.72 -12.62 -7.25
C3 NAG I . -38.65 -12.44 -8.45
C4 NAG I . -40.12 -12.34 -8.02
C5 NAG I . -40.25 -11.27 -6.94
C6 NAG I . -41.67 -11.13 -6.44
C7 NAG I . -35.40 -13.28 -7.43
C8 NAG I . -34.76 -13.99 -8.62
N2 NAG I . -36.35 -12.39 -7.68
O3 NAG I . -38.51 -13.55 -9.33
O4 NAG I . -40.93 -12.00 -9.13
O5 NAG I . -39.44 -11.64 -5.80
O6 NAG I . -41.90 -11.97 -5.31
O7 NAG I . -35.04 -13.57 -6.28
C1 NAG J . -46.10 -11.62 5.90
C2 NAG J . -45.97 -10.42 4.94
C3 NAG J . -46.57 -9.13 5.52
C4 NAG J . -47.95 -9.37 6.18
C5 NAG J . -47.88 -10.57 7.13
C6 NAG J . -49.19 -10.91 7.77
C7 NAG J . -43.83 -11.10 4.05
C8 NAG J . -42.82 -11.87 4.91
N2 NAG J . -44.57 -10.18 4.65
O1 NAG J . -45.80 -12.79 5.22
O3 NAG J . -46.70 -8.18 4.48
O4 NAG J . -48.33 -8.21 6.94
O5 NAG J . -47.44 -11.74 6.39
O6 NAG J . -49.49 -12.30 7.67
O7 NAG J . -43.92 -11.34 2.85
C1 NAG J . -49.21 -7.28 6.39
C2 NAG J . -49.77 -6.41 7.53
C3 NAG J . -50.54 -5.20 7.01
C4 NAG J . -49.64 -4.42 6.04
C5 NAG J . -49.21 -5.36 4.91
C6 NAG J . -48.33 -4.65 3.89
C7 NAG J . -50.30 -7.37 9.69
C8 NAG J . -51.16 -8.30 10.51
N2 NAG J . -50.63 -7.21 8.40
O3 NAG J . -50.91 -4.36 8.10
O4 NAG J . -50.35 -3.30 5.52
O5 NAG J . -48.46 -6.47 5.45
O6 NAG J . -48.15 -5.43 2.73
O7 NAG J . -49.33 -6.79 10.20
C1 NAG K . -23.16 20.09 -7.12
C2 NAG K . -21.73 20.03 -7.63
C3 NAG K . -21.63 20.73 -8.98
C4 NAG K . -22.66 20.13 -9.95
C5 NAG K . -24.05 20.08 -9.34
C6 NAG K . -24.99 19.28 -10.23
C7 NAG K . -19.56 20.29 -6.59
C8 NAG K . -18.49 21.37 -6.67
N2 NAG K . -20.84 20.67 -6.67
O3 NAG K . -20.31 20.57 -9.50
O4 NAG K . -22.72 20.92 -11.15
O5 NAG K . -24.02 19.44 -8.05
O6 NAG K . -26.17 18.91 -9.53
O7 NAG K . -19.23 19.11 -6.45
C1 NAG K . -22.34 20.29 -12.32
C2 NAG K . -23.35 20.58 -13.42
C3 NAG K . -22.94 19.79 -14.66
C4 NAG K . -21.55 20.26 -15.10
C5 NAG K . -20.53 20.21 -13.93
C6 NAG K . -19.26 20.98 -14.26
C7 NAG K . -25.73 20.94 -13.54
C8 NAG K . -26.66 20.18 -14.47
N2 NAG K . -24.71 20.27 -13.02
O3 NAG K . -23.87 20.00 -15.70
O4 NAG K . -21.11 19.46 -16.18
O5 NAG K . -21.06 20.82 -12.72
O6 NAG K . -19.48 22.38 -14.27
O7 NAG K . -25.94 22.15 -13.31
C1 NAG L . -10.77 22.92 -5.20
C2 NAG L . -11.23 21.71 -6.00
C3 NAG L . -10.31 20.51 -5.72
C4 NAG L . -8.80 20.87 -5.81
C5 NAG L . -8.50 22.21 -5.10
C6 NAG L . -7.11 22.75 -5.35
C7 NAG L . -13.57 21.40 -6.53
C8 NAG L . -14.55 20.22 -6.54
N2 NAG L . -12.60 21.38 -5.62
O1 NAG L . -11.55 24.03 -5.52
O3 NAG L . -10.60 19.47 -6.65
O4 NAG L . -8.03 19.83 -5.16
O5 NAG L . -9.41 23.24 -5.53
O6 NAG L . -7.05 24.15 -5.12
O7 NAG L . -13.69 22.31 -7.35
C1 NAG L . -7.49 18.80 -5.94
C2 NAG L . -6.71 17.84 -5.01
C3 NAG L . -6.27 16.58 -5.75
C4 NAG L . -7.50 15.93 -6.42
C5 NAG L . -8.13 16.96 -7.35
C6 NAG L . -9.34 16.44 -8.11
C7 NAG L . -5.51 18.80 -3.16
C8 NAG L . -4.27 19.52 -2.64
N2 NAG L . -5.55 18.51 -4.45
O3 NAG L . -5.67 15.66 -4.84
O4 NAG L . -7.13 14.76 -7.15
O5 NAG L . -8.57 18.11 -6.59
O6 NAG L . -10.25 15.77 -7.25
O7 NAG L . -6.43 18.50 -2.38
#